data_5ERY
#
_entry.id   5ERY
#
_cell.length_a   99.405
_cell.length_b   137.283
_cell.length_c   164.925
_cell.angle_alpha   90.000
_cell.angle_beta   90.000
_cell.angle_gamma   90.000
#
_symmetry.space_group_name_H-M   'P 21 21 21'
#
loop_
_entity.id
_entity.type
_entity.pdbx_description
1 polymer '2-succinyl-5-enolpyruvyl-6-hydroxy-3-cyclohexene-1-carboxylate synthase'
2 water water
#
_entity_poly.entity_id   1
_entity_poly.type   'polypeptide(L)'
_entity_poly.pdbx_seq_one_letter_code
;MGSSHHHHHHSSGLVPRGSHMNPSTTQARVVVDELIRGGVRDVVLCPGSRNAPLAFALQDADRSGRIRLHVRIDERTAGY
LAIGLAIGAGAPVCVAMTSGTAVANLGPAVVEANYARVPLIVLSANRPYELLGTGANQTMEQLGYFGTQVRASISLGLAE
DAPERTSALNATWRSATCRVLAAATGARTANAGPVHFDIPLREPLVPDPEPLGAVTPPGRPAGKPWTYTPPVTFDQPLDI
DLSVDTVVISGHGAGVHPNLAALPTVAEPTAPRSGDNPLHPLALPLLRPQQVIMLGRPTLHRPVSVLLADAEVPVFALTT
GPRWPDVSGNSQATGTRAVTTGAPRPAWLDRCAAMNRHAIAAVREQLAAHPLTTGLHVAAAVSHALRPGDQLVLGASNPV
RDVALAGLDTRGIRVRSNRGVAGIDGTVSTAIGAALAYEGAHERTGSPDSPPRTIALIGDLTFVHDSSGLLIGPTEPIPR
SLTIVVSNDNGGGIFELLEQGDPRFSDVSSRIFGTPHDVDVGALCRAYHVESRQIEVDELGPTLDQPGAGMRVLEVKADR
SSLRQLHAAIKAAL
;
_entity_poly.pdbx_strand_id   A,D,C,B
#
# COMPACT_ATOMS: atom_id res chain seq x y z
N PRO A 23 18.71 6.30 -25.61
CA PRO A 23 18.70 5.18 -24.66
C PRO A 23 17.28 4.71 -24.34
N SER A 24 16.50 5.59 -23.71
CA SER A 24 15.07 5.37 -23.51
C SER A 24 14.36 5.03 -24.81
N THR A 25 14.90 5.51 -25.93
CA THR A 25 14.35 5.16 -27.24
C THR A 25 14.64 3.71 -27.59
N THR A 26 15.84 3.23 -27.24
CA THR A 26 16.16 1.81 -27.38
C THR A 26 15.26 0.96 -26.50
N GLN A 27 15.08 1.39 -25.24
CA GLN A 27 14.27 0.64 -24.30
C GLN A 27 12.83 0.53 -24.76
N ALA A 28 12.28 1.62 -25.31
CA ALA A 28 10.90 1.63 -25.75
C ALA A 28 10.69 0.81 -27.02
N ARG A 29 11.67 0.78 -27.92
CA ARG A 29 11.51 0.02 -29.16
C ARG A 29 11.66 -1.47 -28.92
N VAL A 30 12.39 -1.85 -27.87
CA VAL A 30 12.50 -3.25 -27.47
C VAL A 30 11.21 -3.73 -26.81
N VAL A 31 10.69 -2.94 -25.87
CA VAL A 31 9.45 -3.29 -25.19
C VAL A 31 8.31 -3.48 -26.19
N VAL A 32 8.21 -2.58 -27.17
CA VAL A 32 7.17 -2.69 -28.19
C VAL A 32 7.37 -3.93 -29.04
N ASP A 33 8.61 -4.20 -29.46
CA ASP A 33 8.83 -5.38 -30.30
C ASP A 33 8.51 -6.65 -29.53
N GLU A 34 8.81 -6.69 -28.24
CA GLU A 34 8.52 -7.90 -27.47
C GLU A 34 7.02 -8.05 -27.25
N LEU A 35 6.31 -6.95 -27.06
CA LEU A 35 4.86 -7.04 -26.88
C LEU A 35 4.18 -7.60 -28.13
N ILE A 36 4.72 -7.29 -29.31
CA ILE A 36 4.13 -7.76 -30.56
C ILE A 36 4.35 -9.26 -30.72
N ARG A 37 5.50 -9.76 -30.27
CA ARG A 37 5.71 -11.20 -30.29
C ARG A 37 4.79 -11.91 -29.30
N GLY A 38 4.36 -11.20 -28.26
CA GLY A 38 3.41 -11.77 -27.32
C GLY A 38 1.99 -11.82 -27.82
N GLY A 39 1.72 -11.21 -28.99
CA GLY A 39 0.38 -11.19 -29.51
C GLY A 39 -0.41 -9.96 -29.16
N VAL A 40 0.23 -8.90 -28.67
CA VAL A 40 -0.46 -7.61 -28.59
C VAL A 40 -0.69 -7.09 -30.00
N ARG A 41 -1.95 -6.94 -30.38
CA ARG A 41 -2.34 -6.42 -31.68
C ARG A 41 -2.80 -4.98 -31.62
N ASP A 42 -3.29 -4.57 -30.46
CA ASP A 42 -3.89 -3.25 -30.29
C ASP A 42 -3.27 -2.58 -29.08
N VAL A 43 -2.88 -1.32 -29.25
CA VAL A 43 -2.43 -0.47 -28.15
C VAL A 43 -3.29 0.79 -28.13
N VAL A 44 -3.72 1.18 -26.93
CA VAL A 44 -4.46 2.42 -26.72
C VAL A 44 -3.53 3.43 -26.08
N LEU A 45 -3.36 4.59 -26.72
CA LEU A 45 -2.38 5.57 -26.29
C LEU A 45 -3.10 6.82 -25.78
N CYS A 46 -2.75 7.25 -24.58
CA CYS A 46 -3.17 8.54 -24.07
C CYS A 46 -2.00 9.52 -24.14
N PRO A 47 -2.02 10.48 -25.05
CA PRO A 47 -0.87 11.37 -25.19
C PRO A 47 -0.69 12.24 -23.96
N GLY A 48 0.58 12.48 -23.64
CA GLY A 48 0.99 13.42 -22.63
C GLY A 48 2.46 13.64 -22.80
N SER A 49 2.99 14.58 -22.02
CA SER A 49 4.41 14.97 -22.05
C SER A 49 5.12 14.73 -23.38
N ALA A 52 6.53 9.31 -23.59
CA ALA A 52 7.18 10.16 -24.59
C ALA A 52 7.97 9.31 -25.64
N PRO A 53 9.12 8.70 -25.31
CA PRO A 53 9.75 7.83 -26.31
C PRO A 53 8.91 6.61 -26.66
N LEU A 54 8.22 6.03 -25.67
CA LEU A 54 7.31 4.92 -25.95
C LEU A 54 6.29 5.31 -27.00
N ALA A 55 5.82 6.57 -26.99
CA ALA A 55 4.83 7.01 -27.96
C ALA A 55 5.35 6.91 -29.39
N PHE A 56 6.62 7.24 -29.62
CA PHE A 56 7.15 7.17 -30.98
C PHE A 56 7.33 5.73 -31.45
N ALA A 57 7.79 4.85 -30.55
CA ALA A 57 7.96 3.45 -30.92
C ALA A 57 6.62 2.84 -31.36
N LEU A 58 5.55 3.12 -30.61
CA LEU A 58 4.24 2.66 -31.02
C LEU A 58 3.82 3.28 -32.36
N GLN A 59 4.17 4.54 -32.57
CA GLN A 59 3.92 5.18 -33.86
CA GLN A 59 3.93 5.20 -33.85
C GLN A 59 4.62 4.45 -34.98
N ASP A 60 5.86 4.00 -34.76
CA ASP A 60 6.58 3.21 -35.75
C ASP A 60 5.86 1.90 -36.04
N ALA A 61 5.48 1.18 -34.98
CA ALA A 61 4.86 -0.14 -35.17
C ALA A 61 3.53 -0.01 -35.89
N ASP A 62 2.71 0.97 -35.50
CA ASP A 62 1.44 1.22 -36.16
C ASP A 62 1.62 1.56 -37.63
N ARG A 63 2.59 2.43 -37.94
CA ARG A 63 2.81 2.79 -39.33
C ARG A 63 3.30 1.59 -40.14
N SER A 64 4.10 0.72 -39.48
CA SER A 64 4.57 -0.53 -40.06
C SER A 64 3.47 -1.55 -40.29
N GLY A 65 2.28 -1.35 -39.73
CA GLY A 65 1.25 -2.36 -39.73
C GLY A 65 1.46 -3.49 -38.74
N ARG A 66 2.48 -3.41 -37.89
CA ARG A 66 2.67 -4.48 -36.91
C ARG A 66 1.63 -4.41 -35.80
N ILE A 67 1.24 -3.20 -35.39
CA ILE A 67 0.12 -3.06 -34.45
C ILE A 67 -0.90 -2.07 -34.97
N ARG A 68 -1.90 -1.79 -34.13
CA ARG A 68 -2.97 -0.84 -34.40
C ARG A 68 -3.02 0.15 -33.23
N LEU A 69 -2.59 1.38 -33.48
CA LEU A 69 -2.70 2.41 -32.48
C LEU A 69 -4.14 2.93 -32.40
N HIS A 70 -4.55 3.25 -31.18
CA HIS A 70 -5.79 3.98 -30.92
C HIS A 70 -5.42 5.10 -29.97
N VAL A 71 -5.73 6.34 -30.36
CA VAL A 71 -5.42 7.48 -29.53
C VAL A 71 -6.71 8.00 -28.91
N ARG A 72 -6.69 8.24 -27.61
CA ARG A 72 -7.83 8.79 -26.90
C ARG A 72 -7.36 9.88 -25.95
N ILE A 73 -8.26 10.82 -25.69
CA ILE A 73 -7.97 11.93 -24.79
C ILE A 73 -8.14 11.50 -23.34
N ASP A 74 -9.32 10.97 -23.03
CA ASP A 74 -9.71 10.66 -21.66
C ASP A 74 -9.13 9.30 -21.28
N GLU A 75 -8.30 9.29 -20.23
CA GLU A 75 -7.62 8.07 -19.84
C GLU A 75 -8.59 7.00 -19.37
N ARG A 76 -9.71 7.41 -18.74
CA ARG A 76 -10.65 6.42 -18.22
C ARG A 76 -11.35 5.67 -19.34
N THR A 77 -11.85 6.40 -20.34
CA THR A 77 -12.54 5.72 -21.43
C THR A 77 -11.55 4.95 -22.31
N ALA A 78 -10.27 5.35 -22.28
CA ALA A 78 -9.21 4.61 -22.97
C ALA A 78 -9.00 3.23 -22.34
N GLY A 79 -9.06 3.14 -21.02
CA GLY A 79 -8.95 1.83 -20.38
C GLY A 79 -10.10 0.92 -20.76
N TYR A 80 -11.32 1.46 -20.78
CA TYR A 80 -12.48 0.68 -21.21
C TYR A 80 -12.44 0.37 -22.70
N LEU A 81 -11.84 1.24 -23.51
CA LEU A 81 -11.61 0.89 -24.91
C LEU A 81 -10.67 -0.31 -25.02
N ALA A 82 -9.64 -0.34 -24.18
CA ALA A 82 -8.74 -1.47 -24.16
C ALA A 82 -9.43 -2.75 -23.71
N ILE A 83 -10.28 -2.67 -22.68
CA ILE A 83 -11.08 -3.82 -22.28
C ILE A 83 -11.77 -4.40 -23.50
N GLY A 84 -12.48 -3.55 -24.25
CA GLY A 84 -13.22 -4.02 -25.41
C GLY A 84 -12.32 -4.64 -26.45
N LEU A 85 -11.17 -4.01 -26.72
CA LEU A 85 -10.23 -4.58 -27.66
C LEU A 85 -9.74 -5.95 -27.19
N ALA A 86 -9.70 -6.17 -25.88
CA ALA A 86 -9.21 -7.44 -25.35
C ALA A 86 -10.28 -8.52 -25.44
N ILE A 87 -11.51 -8.21 -25.02
CA ILE A 87 -12.54 -9.24 -25.01
C ILE A 87 -13.17 -9.44 -26.38
N GLY A 88 -12.92 -8.54 -27.33
CA GLY A 88 -13.45 -8.74 -28.67
C GLY A 88 -12.94 -10.02 -29.32
N ALA A 89 -11.68 -10.37 -29.06
CA ALA A 89 -11.10 -11.57 -29.65
C ALA A 89 -10.10 -12.29 -28.76
N GLY A 90 -9.91 -11.86 -27.51
CA GLY A 90 -9.15 -12.65 -26.55
C GLY A 90 -7.67 -12.38 -26.45
N ALA A 91 -7.17 -11.29 -27.03
CA ALA A 91 -5.75 -10.99 -27.01
C ALA A 91 -5.40 -10.07 -25.84
N PRO A 92 -4.13 -10.06 -25.42
CA PRO A 92 -3.69 -9.03 -24.47
C PRO A 92 -3.63 -7.66 -25.14
N VAL A 93 -4.00 -6.64 -24.38
CA VAL A 93 -4.06 -5.26 -24.88
C VAL A 93 -3.34 -4.32 -23.92
N CYS A 94 -2.61 -3.36 -24.49
CA CYS A 94 -1.92 -2.34 -23.72
C CYS A 94 -2.65 -1.00 -23.73
N VAL A 95 -2.57 -0.30 -22.59
CA VAL A 95 -2.88 1.13 -22.51
C VAL A 95 -1.61 1.84 -22.06
N ALA A 96 -1.10 2.73 -22.90
CA ALA A 96 0.13 3.46 -22.60
C ALA A 96 -0.23 4.81 -21.98
N MET A 97 0.22 5.04 -20.76
CA MET A 97 0.09 6.33 -20.07
C MET A 97 1.37 7.12 -20.19
N THR A 98 1.23 8.44 -20.28
CA THR A 98 2.35 9.35 -20.12
C THR A 98 1.91 10.58 -19.31
N SER A 99 1.48 10.41 -18.05
CA SER A 99 0.90 11.55 -17.34
C SER A 99 0.66 11.24 -15.86
N GLY A 100 0.23 12.28 -15.14
CA GLY A 100 0.23 12.24 -13.69
C GLY A 100 -1.10 11.83 -13.06
N THR A 101 -2.21 12.30 -13.64
CA THR A 101 -3.53 11.75 -13.34
C THR A 101 -3.74 10.47 -14.09
N ALA A 102 -2.67 9.90 -14.65
CA ALA A 102 -2.81 8.83 -15.62
C ALA A 102 -3.28 7.53 -14.95
N VAL A 103 -2.48 7.00 -14.02
CA VAL A 103 -2.86 5.74 -13.39
C VAL A 103 -4.19 5.90 -12.66
N ALA A 104 -4.40 7.04 -12.02
CA ALA A 104 -5.63 7.22 -11.24
C ALA A 104 -6.88 7.13 -12.13
N ASN A 105 -6.81 7.63 -13.36
CA ASN A 105 -7.97 7.57 -14.24
C ASN A 105 -8.22 6.16 -14.77
N LEU A 106 -7.19 5.32 -14.80
CA LEU A 106 -7.39 3.95 -15.23
C LEU A 106 -7.87 3.02 -14.13
N GLY A 107 -8.05 3.55 -12.92
CA GLY A 107 -8.59 2.80 -11.81
C GLY A 107 -9.80 1.96 -12.16
N PRO A 108 -10.90 2.60 -12.58
CA PRO A 108 -12.12 1.83 -12.84
C PRO A 108 -11.93 0.68 -13.82
N ALA A 109 -11.20 0.91 -14.91
CA ALA A 109 -10.94 -0.15 -15.87
C ALA A 109 -10.08 -1.25 -15.26
N VAL A 110 -9.13 -0.90 -14.39
CA VAL A 110 -8.28 -1.92 -13.79
C VAL A 110 -9.09 -2.81 -12.86
N VAL A 111 -10.04 -2.22 -12.12
CA VAL A 111 -10.92 -3.02 -11.28
C VAL A 111 -11.79 -3.95 -12.13
N GLU A 112 -12.37 -3.41 -13.20
CA GLU A 112 -13.16 -4.25 -14.10
C GLU A 112 -12.31 -5.39 -14.65
N ALA A 113 -11.10 -5.07 -15.14
CA ALA A 113 -10.22 -6.08 -15.71
C ALA A 113 -9.82 -7.13 -14.67
N ASN A 114 -9.74 -6.73 -13.41
CA ASN A 114 -9.41 -7.67 -12.35
C ASN A 114 -10.52 -8.70 -12.16
N TYR A 115 -11.75 -8.23 -11.97
CA TYR A 115 -12.83 -9.14 -11.64
C TYR A 115 -13.34 -9.91 -12.85
N ALA A 116 -13.16 -9.37 -14.06
CA ALA A 116 -13.56 -10.07 -15.28
C ALA A 116 -12.42 -10.84 -15.93
N ARG A 117 -11.19 -10.73 -15.39
CA ARG A 117 -10.03 -11.52 -15.83
C ARG A 117 -9.67 -11.19 -17.29
N VAL A 118 -9.35 -9.92 -17.51
CA VAL A 118 -9.09 -9.37 -18.83
C VAL A 118 -7.60 -9.03 -18.91
N PRO A 119 -6.87 -9.51 -19.93
CA PRO A 119 -5.43 -9.21 -20.00
C PRO A 119 -5.13 -7.78 -20.44
N LEU A 120 -5.14 -6.86 -19.47
CA LEU A 120 -4.94 -5.44 -19.71
C LEU A 120 -3.56 -5.04 -19.18
N ILE A 121 -2.70 -4.54 -20.07
CA ILE A 121 -1.35 -4.14 -19.70
C ILE A 121 -1.30 -2.63 -19.64
N VAL A 122 -1.12 -2.09 -18.43
CA VAL A 122 -1.09 -0.65 -18.18
C VAL A 122 0.37 -0.21 -18.21
N LEU A 123 0.76 0.44 -19.30
CA LEU A 123 2.12 0.92 -19.48
C LEU A 123 2.24 2.35 -18.98
N SER A 124 2.97 2.55 -17.89
CA SER A 124 3.14 3.88 -17.32
C SER A 124 4.54 4.42 -17.57
N ALA A 125 4.66 5.73 -17.35
CA ALA A 125 5.90 6.48 -17.55
C ALA A 125 6.11 7.34 -16.30
N ASN A 126 6.73 6.75 -15.28
CA ASN A 126 6.98 7.42 -14.01
C ASN A 126 8.22 8.29 -14.10
N ARG A 127 8.14 9.50 -13.53
CA ARG A 127 9.31 10.39 -13.44
C ARG A 127 9.68 10.54 -11.97
N PRO A 128 10.60 9.73 -11.47
CA PRO A 128 10.78 9.69 -10.01
C PRO A 128 11.33 10.97 -9.41
N TYR A 129 12.28 11.64 -10.06
CA TYR A 129 12.91 12.80 -9.44
C TYR A 129 11.94 13.96 -9.33
N GLU A 130 10.92 14.01 -10.20
CA GLU A 130 10.00 15.15 -10.21
C GLU A 130 8.95 15.06 -9.11
N LEU A 131 8.48 13.86 -8.79
CA LEU A 131 7.55 13.70 -7.69
C LEU A 131 8.22 14.02 -6.36
N LEU A 132 9.52 13.76 -6.25
CA LEU A 132 10.25 14.14 -5.06
C LEU A 132 10.29 15.66 -4.94
N GLY A 133 10.45 16.34 -6.07
CA GLY A 133 10.52 17.79 -6.11
C GLY A 133 9.25 18.58 -5.79
N THR A 134 8.08 17.95 -5.68
CA THR A 134 6.89 18.71 -5.26
C THR A 134 6.91 18.96 -3.76
N GLY A 135 7.37 17.99 -2.99
CA GLY A 135 7.29 18.05 -1.55
C GLY A 135 6.11 17.28 -0.97
N GLY A 144 2.85 0.94 -7.59
CA GLY A 144 1.68 0.12 -7.37
C GLY A 144 0.56 0.79 -6.59
N TYR A 145 -0.05 1.81 -7.21
CA TYR A 145 -1.23 2.45 -6.62
C TYR A 145 -2.45 1.53 -6.67
N PHE A 146 -2.55 0.72 -7.73
CA PHE A 146 -3.68 -0.17 -7.89
C PHE A 146 -3.71 -1.25 -6.81
N GLY A 147 -2.52 -1.69 -6.38
CA GLY A 147 -2.40 -2.54 -5.21
C GLY A 147 -2.84 -3.97 -5.40
N THR A 148 -3.98 -4.31 -4.81
CA THR A 148 -4.47 -5.67 -4.87
C THR A 148 -5.11 -5.99 -6.23
N GLN A 149 -5.48 -4.98 -7.01
CA GLN A 149 -6.25 -5.23 -8.22
C GLN A 149 -5.43 -5.90 -9.32
N VAL A 150 -4.10 -5.70 -9.35
CA VAL A 150 -3.30 -6.17 -10.48
C VAL A 150 -2.61 -7.49 -10.16
N ARG A 151 -2.44 -8.30 -11.22
CA ARG A 151 -1.69 -9.54 -11.15
C ARG A 151 -0.22 -9.33 -10.85
N ALA A 152 0.34 -8.21 -11.30
CA ALA A 152 1.75 -7.95 -11.11
C ALA A 152 1.96 -6.45 -11.29
N SER A 153 3.02 -5.93 -10.67
CA SER A 153 3.40 -4.53 -10.83
C SER A 153 4.92 -4.49 -10.92
N ILE A 154 5.40 -4.36 -12.14
CA ILE A 154 6.79 -4.61 -12.49
C ILE A 154 7.37 -3.31 -13.03
N SER A 155 8.41 -2.81 -12.36
CA SER A 155 9.14 -1.67 -12.87
C SER A 155 10.27 -2.15 -13.78
N LEU A 156 10.38 -1.52 -14.93
CA LEU A 156 11.49 -1.75 -15.83
C LEU A 156 12.67 -0.88 -15.38
N GLY A 157 13.86 -1.26 -15.84
CA GLY A 157 15.05 -0.54 -15.44
C GLY A 157 15.14 0.80 -16.17
N LEU A 158 15.46 1.85 -15.41
CA LEU A 158 15.68 3.16 -16.01
C LEU A 158 16.74 3.04 -17.11
N ALA A 159 16.41 3.54 -18.29
CA ALA A 159 17.31 3.42 -19.43
C ALA A 159 18.68 4.02 -19.13
N THR A 166 25.43 -3.68 -23.77
CA THR A 166 24.14 -3.42 -24.41
C THR A 166 23.27 -4.68 -24.54
N SER A 167 23.89 -5.83 -24.80
CA SER A 167 23.09 -7.04 -24.99
C SER A 167 22.49 -7.53 -23.68
N ALA A 168 23.11 -7.19 -22.55
CA ALA A 168 22.57 -7.61 -21.27
C ALA A 168 21.28 -6.88 -20.94
N LEU A 169 21.19 -5.60 -21.29
CA LEU A 169 19.97 -4.86 -21.01
C LEU A 169 18.84 -5.25 -21.95
N ASN A 170 19.18 -5.74 -23.15
CA ASN A 170 18.15 -6.25 -24.05
C ASN A 170 17.42 -7.43 -23.41
N ALA A 171 18.17 -8.35 -22.81
CA ALA A 171 17.57 -9.54 -22.21
C ALA A 171 16.77 -9.18 -20.98
N THR A 172 17.32 -8.30 -20.13
CA THR A 172 16.59 -7.84 -18.96
C THR A 172 15.26 -7.19 -19.34
N TRP A 173 15.24 -6.44 -20.44
CA TRP A 173 14.03 -5.72 -20.85
C TRP A 173 12.99 -6.66 -21.44
N ARG A 174 13.42 -7.57 -22.32
CA ARG A 174 12.46 -8.49 -22.96
C ARG A 174 11.99 -9.58 -22.02
N SER A 175 12.84 -9.97 -21.06
CA SER A 175 12.42 -10.92 -20.04
C SER A 175 11.34 -10.32 -19.14
N ALA A 176 11.56 -9.08 -18.69
CA ALA A 176 10.54 -8.39 -17.91
C ALA A 176 9.22 -8.30 -18.66
N THR A 177 9.29 -8.11 -19.98
CA THR A 177 8.09 -7.92 -20.79
C THR A 177 7.34 -9.24 -21.01
N CYS A 178 8.07 -10.33 -21.28
CA CYS A 178 7.42 -11.63 -21.38
C CYS A 178 6.78 -12.04 -20.07
N ARG A 179 7.32 -11.54 -18.96
CA ARG A 179 6.80 -11.78 -17.62
C ARG A 179 5.59 -10.90 -17.35
N VAL A 180 5.57 -9.68 -17.89
CA VAL A 180 4.36 -8.88 -17.91
C VAL A 180 3.25 -9.59 -18.70
N LEU A 181 3.61 -10.10 -19.88
CA LEU A 181 2.62 -10.71 -20.76
C LEU A 181 2.02 -11.97 -20.14
N ALA A 182 2.87 -12.81 -19.54
CA ALA A 182 2.37 -14.06 -18.97
C ALA A 182 1.47 -13.79 -17.77
N ALA A 183 1.81 -12.80 -16.95
CA ALA A 183 0.96 -12.43 -15.83
C ALA A 183 -0.40 -11.92 -16.31
N ALA A 184 -0.40 -11.17 -17.41
CA ALA A 184 -1.63 -10.56 -17.89
C ALA A 184 -2.56 -11.59 -18.49
N THR A 185 -2.02 -12.51 -19.31
CA THR A 185 -2.82 -13.53 -19.96
C THR A 185 -3.04 -14.76 -19.10
N GLY A 186 -2.36 -14.86 -17.96
CA GLY A 186 -2.47 -16.07 -17.15
C GLY A 186 -1.81 -17.28 -17.78
N ALA A 187 -0.68 -17.06 -18.48
CA ALA A 187 -0.02 -18.16 -19.18
C ALA A 187 0.36 -19.29 -18.23
N ARG A 188 0.75 -18.96 -16.99
CA ARG A 188 1.12 -19.97 -16.02
C ARG A 188 0.13 -20.10 -14.87
N THR A 189 -0.70 -19.08 -14.64
CA THR A 189 -1.61 -19.04 -13.50
C THR A 189 -3.05 -19.39 -13.86
N ALA A 190 -3.39 -19.34 -15.14
CA ALA A 190 -4.77 -19.47 -15.61
C ALA A 190 -5.68 -18.42 -14.98
N ASN A 191 -5.11 -17.31 -14.54
CA ASN A 191 -5.84 -16.22 -13.88
C ASN A 191 -5.44 -14.91 -14.56
N ALA A 192 -6.00 -14.67 -15.75
CA ALA A 192 -5.66 -13.45 -16.48
C ALA A 192 -6.18 -12.22 -15.75
N GLY A 193 -5.59 -11.07 -16.08
CA GLY A 193 -5.95 -9.83 -15.46
C GLY A 193 -5.00 -8.70 -15.75
N PRO A 194 -5.19 -7.58 -15.06
CA PRO A 194 -4.41 -6.37 -15.37
C PRO A 194 -3.01 -6.39 -14.75
N VAL A 195 -2.07 -5.80 -15.47
CA VAL A 195 -0.67 -5.71 -15.05
C VAL A 195 -0.20 -4.26 -15.16
N HIS A 196 0.42 -3.76 -14.10
CA HIS A 196 1.11 -2.47 -14.10
C HIS A 196 2.54 -2.68 -14.59
N PHE A 197 2.91 -1.99 -15.67
CA PHE A 197 4.24 -2.07 -16.26
C PHE A 197 4.77 -0.65 -16.34
N ASP A 198 5.73 -0.33 -15.48
CA ASP A 198 6.22 1.04 -15.32
C ASP A 198 7.61 1.16 -15.93
N ILE A 199 7.75 2.10 -16.85
CA ILE A 199 9.01 2.48 -17.47
C ILE A 199 9.32 3.92 -17.02
N PRO A 200 10.30 4.13 -16.15
CA PRO A 200 10.62 5.51 -15.75
C PRO A 200 11.58 6.18 -16.72
N LEU A 201 11.55 7.51 -16.74
CA LEU A 201 12.26 8.30 -17.73
C LEU A 201 12.98 9.48 -17.10
N ARG A 202 14.15 9.80 -17.66
CA ARG A 202 15.01 10.86 -17.13
C ARG A 202 15.00 12.13 -17.97
N THR A 216 17.96 -1.03 -33.01
CA THR A 216 17.10 -1.79 -32.09
C THR A 216 17.66 -3.19 -31.85
N PRO A 217 18.18 -3.42 -30.65
CA PRO A 217 18.70 -4.76 -30.29
C PRO A 217 17.65 -5.83 -30.48
N PRO A 218 17.96 -6.89 -31.24
CA PRO A 218 16.93 -7.85 -31.62
C PRO A 218 16.49 -8.75 -30.46
N GLY A 219 15.34 -9.37 -30.67
CA GLY A 219 14.89 -10.51 -29.92
C GLY A 219 15.20 -11.82 -30.63
N ARG A 220 14.52 -12.88 -30.20
CA ARG A 220 14.85 -14.23 -30.65
C ARG A 220 14.58 -14.40 -32.15
N PRO A 221 15.19 -15.41 -32.77
CA PRO A 221 14.90 -15.73 -34.17
C PRO A 221 13.45 -16.15 -34.40
N ALA A 222 13.00 -15.96 -35.65
CA ALA A 222 11.70 -16.40 -36.15
C ALA A 222 10.54 -15.72 -35.44
N GLY A 223 10.77 -14.52 -34.93
CA GLY A 223 9.70 -13.79 -34.26
C GLY A 223 9.29 -14.40 -32.94
N LYS A 224 10.17 -15.18 -32.31
CA LYS A 224 9.81 -15.93 -31.11
C LYS A 224 9.78 -15.03 -29.88
N PRO A 225 8.86 -15.29 -28.95
CA PRO A 225 8.93 -14.61 -27.66
C PRO A 225 10.21 -15.00 -26.94
N TRP A 226 10.81 -14.02 -26.24
CA TRP A 226 12.09 -14.23 -25.56
C TRP A 226 12.03 -15.44 -24.63
N THR A 227 11.08 -15.44 -23.69
CA THR A 227 10.83 -16.60 -22.82
C THR A 227 9.51 -17.24 -23.25
N TYR A 228 9.59 -18.41 -23.89
CA TYR A 228 8.39 -19.10 -24.39
C TYR A 228 7.69 -19.84 -23.25
N THR A 229 6.39 -19.61 -23.09
CA THR A 229 5.61 -20.24 -22.03
C THR A 229 4.46 -21.04 -22.65
N PRO A 230 4.60 -22.36 -22.74
CA PRO A 230 3.65 -23.21 -23.49
C PRO A 230 2.27 -23.26 -22.84
N PRO A 231 1.30 -23.97 -23.43
CA PRO A 231 -0.06 -23.94 -22.86
C PRO A 231 -0.09 -24.63 -21.51
N VAL A 232 -0.64 -23.95 -20.54
CA VAL A 232 -0.84 -24.55 -19.23
C VAL A 232 -2.27 -25.05 -19.13
N THR A 233 -2.38 -26.27 -18.62
CA THR A 233 -3.66 -26.86 -18.25
C THR A 233 -3.66 -27.00 -16.72
N PHE A 234 -4.69 -26.48 -16.12
CA PHE A 234 -4.95 -26.60 -14.68
CA PHE A 234 -4.91 -26.59 -14.69
C PHE A 234 -6.11 -27.55 -14.52
N ASP A 235 -5.94 -28.56 -13.67
CA ASP A 235 -6.88 -29.69 -13.63
C ASP A 235 -7.27 -30.06 -12.22
N GLN A 236 -8.58 -30.14 -11.98
CA GLN A 236 -9.15 -30.37 -10.66
C GLN A 236 -10.53 -31.03 -10.76
N PRO A 237 -10.57 -32.32 -11.11
CA PRO A 237 -11.87 -33.00 -11.23
C PRO A 237 -12.56 -33.24 -9.89
N LEU A 238 -13.90 -33.10 -9.92
CA LEU A 238 -14.79 -33.42 -8.82
C LEU A 238 -15.77 -34.49 -9.30
N ASP A 239 -16.07 -35.46 -8.42
CA ASP A 239 -17.02 -36.52 -8.73
C ASP A 239 -18.44 -36.05 -8.42
N ILE A 240 -19.30 -36.03 -9.44
CA ILE A 240 -20.68 -35.58 -9.31
C ILE A 240 -21.61 -36.66 -9.84
N ASP A 241 -22.64 -36.99 -9.05
CA ASP A 241 -23.67 -37.95 -9.44
C ASP A 241 -24.83 -37.20 -10.07
N LEU A 242 -25.07 -37.45 -11.36
CA LEU A 242 -26.08 -36.72 -12.10
C LEU A 242 -27.49 -37.29 -11.91
N SER A 243 -27.63 -38.43 -11.21
CA SER A 243 -28.96 -38.96 -10.98
C SER A 243 -29.70 -38.18 -9.89
N VAL A 244 -28.96 -37.58 -8.96
CA VAL A 244 -29.54 -36.54 -8.10
C VAL A 244 -30.03 -35.39 -8.96
N ASP A 245 -31.21 -34.85 -8.64
CA ASP A 245 -31.84 -33.82 -9.47
C ASP A 245 -30.97 -32.56 -9.51
N THR A 246 -30.39 -32.27 -10.67
CA THR A 246 -29.35 -31.25 -10.80
C THR A 246 -29.76 -30.13 -11.75
N VAL A 247 -29.46 -28.89 -11.36
CA VAL A 247 -29.45 -27.74 -12.28
C VAL A 247 -28.06 -27.15 -12.33
N VAL A 248 -27.69 -26.65 -13.50
CA VAL A 248 -26.43 -25.94 -13.72
C VAL A 248 -26.73 -24.45 -13.72
N ILE A 249 -26.06 -23.68 -12.86
CA ILE A 249 -26.05 -22.22 -12.94
C ILE A 249 -24.73 -21.78 -13.57
N SER A 250 -24.82 -21.02 -14.66
CA SER A 250 -23.65 -20.66 -15.45
C SER A 250 -23.47 -19.14 -15.47
N GLY A 251 -22.34 -18.68 -14.93
CA GLY A 251 -22.04 -17.28 -14.84
C GLY A 251 -20.92 -16.84 -15.77
N HIS A 252 -20.51 -15.58 -15.59
CA HIS A 252 -19.40 -15.00 -16.33
C HIS A 252 -18.12 -15.82 -16.10
N GLY A 253 -17.40 -16.11 -17.20
CA GLY A 253 -16.17 -16.85 -17.12
C GLY A 253 -16.34 -18.36 -17.16
N ALA A 254 -17.58 -18.84 -17.24
CA ALA A 254 -17.83 -20.28 -17.28
C ALA A 254 -17.11 -20.93 -18.45
N GLY A 255 -16.57 -22.12 -18.19
CA GLY A 255 -16.07 -22.98 -19.24
C GLY A 255 -17.17 -23.79 -19.88
N VAL A 256 -16.78 -24.55 -20.89
CA VAL A 256 -17.67 -25.45 -21.62
C VAL A 256 -17.49 -26.86 -21.08
N HIS A 257 -18.59 -27.56 -20.85
CA HIS A 257 -18.55 -28.90 -20.27
C HIS A 257 -19.46 -29.83 -21.05
N PRO A 258 -18.92 -30.58 -22.03
CA PRO A 258 -19.78 -31.45 -22.83
C PRO A 258 -20.48 -32.53 -22.02
N ASN A 259 -19.91 -32.94 -20.89
CA ASN A 259 -20.56 -33.95 -20.05
C ASN A 259 -21.66 -33.37 -19.17
N LEU A 260 -21.93 -32.07 -19.24
CA LEU A 260 -23.09 -31.47 -18.60
C LEU A 260 -24.08 -30.91 -19.61
N ALA A 261 -23.84 -31.14 -20.90
CA ALA A 261 -24.66 -30.56 -21.97
C ALA A 261 -26.14 -30.88 -21.80
N ALA A 262 -26.47 -32.03 -21.23
CA ALA A 262 -27.87 -32.44 -21.14
C ALA A 262 -28.61 -31.80 -19.97
N LEU A 263 -27.89 -31.25 -18.99
CA LEU A 263 -28.57 -30.79 -17.79
C LEU A 263 -29.33 -29.48 -18.03
N PRO A 264 -30.40 -29.24 -17.27
CA PRO A 264 -31.07 -27.93 -17.34
C PRO A 264 -30.14 -26.85 -16.81
N THR A 265 -29.98 -25.79 -17.59
CA THR A 265 -28.90 -24.84 -17.41
C THR A 265 -29.48 -23.43 -17.38
N VAL A 266 -29.30 -22.74 -16.26
CA VAL A 266 -29.65 -21.31 -16.14
C VAL A 266 -28.38 -20.55 -16.50
N ALA A 267 -28.28 -20.12 -17.75
CA ALA A 267 -27.06 -19.51 -18.27
C ALA A 267 -27.20 -17.99 -18.40
N GLU A 268 -26.31 -17.27 -17.72
CA GLU A 268 -26.19 -15.84 -17.92
C GLU A 268 -25.85 -15.55 -19.37
N PRO A 269 -26.24 -14.38 -19.89
CA PRO A 269 -26.03 -14.11 -21.32
C PRO A 269 -24.58 -14.20 -21.77
N THR A 270 -23.60 -13.90 -20.91
CA THR A 270 -22.21 -14.00 -21.33
C THR A 270 -21.59 -15.37 -21.11
N ALA A 271 -22.34 -16.32 -20.55
CA ALA A 271 -21.79 -17.67 -20.38
C ALA A 271 -21.87 -18.42 -21.69
N PRO A 272 -20.82 -19.12 -22.10
CA PRO A 272 -20.93 -19.98 -23.28
C PRO A 272 -21.72 -21.24 -22.91
N ARG A 273 -22.65 -21.62 -23.76
CA ARG A 273 -23.50 -22.76 -23.45
C ARG A 273 -22.83 -24.05 -23.89
N SER A 274 -23.00 -25.08 -23.05
CA SER A 274 -22.54 -26.42 -23.35
C SER A 274 -23.59 -27.29 -24.04
N GLY A 275 -24.86 -26.88 -24.03
CA GLY A 275 -25.91 -27.72 -24.56
C GLY A 275 -27.10 -26.91 -25.06
N ASP A 276 -28.25 -27.58 -25.23
CA ASP A 276 -29.48 -26.88 -25.59
C ASP A 276 -30.63 -27.37 -24.74
N ASN A 277 -30.45 -27.28 -23.43
CA ASN A 277 -31.54 -27.51 -22.47
C ASN A 277 -31.61 -26.32 -21.53
N PRO A 278 -31.95 -25.13 -22.06
CA PRO A 278 -31.99 -23.93 -21.21
C PRO A 278 -33.10 -23.97 -20.17
N LEU A 279 -32.84 -23.31 -19.05
CA LEU A 279 -33.82 -23.16 -17.97
C LEU A 279 -33.90 -21.68 -17.58
N HIS A 280 -35.05 -21.07 -17.82
CA HIS A 280 -35.25 -19.65 -17.56
C HIS A 280 -35.00 -19.35 -16.08
N PRO A 281 -34.38 -18.21 -15.75
CA PRO A 281 -34.10 -17.92 -14.34
C PRO A 281 -35.34 -17.80 -13.47
N LEU A 282 -36.46 -17.31 -14.00
CA LEU A 282 -37.69 -17.24 -13.21
C LEU A 282 -38.34 -18.60 -13.02
N ALA A 283 -37.88 -19.63 -13.74
CA ALA A 283 -38.39 -20.97 -13.53
C ALA A 283 -37.78 -21.62 -12.29
N LEU A 284 -36.54 -21.26 -11.96
CA LEU A 284 -35.83 -21.83 -10.82
C LEU A 284 -36.64 -21.86 -9.52
N PRO A 285 -37.28 -20.78 -9.07
CA PRO A 285 -38.02 -20.85 -7.80
C PRO A 285 -39.22 -21.78 -7.83
N LEU A 286 -39.59 -22.28 -9.00
CA LEU A 286 -40.70 -23.20 -9.18
C LEU A 286 -40.25 -24.64 -9.20
N LEU A 287 -38.98 -24.89 -8.94
CA LEU A 287 -38.41 -26.21 -9.03
C LEU A 287 -37.66 -26.54 -7.76
N ARG A 288 -37.43 -27.84 -7.58
CA ARG A 288 -36.85 -28.43 -6.37
C ARG A 288 -35.58 -29.17 -6.72
N PRO A 289 -34.51 -28.48 -7.13
CA PRO A 289 -33.26 -29.20 -7.40
C PRO A 289 -32.65 -29.73 -6.12
N GLN A 290 -32.08 -30.93 -6.23
CA GLN A 290 -31.43 -31.54 -5.08
C GLN A 290 -29.95 -31.18 -5.01
N GLN A 291 -29.34 -30.77 -6.13
CA GLN A 291 -27.99 -30.24 -6.10
C GLN A 291 -27.80 -29.31 -7.30
N VAL A 292 -26.80 -28.43 -7.19
CA VAL A 292 -26.51 -27.39 -8.17
C VAL A 292 -25.05 -27.51 -8.60
N ILE A 293 -24.80 -27.39 -9.91
CA ILE A 293 -23.46 -27.25 -10.45
C ILE A 293 -23.27 -25.80 -10.89
N MET A 294 -22.33 -25.11 -10.26
CA MET A 294 -22.06 -23.70 -10.53
C MET A 294 -20.86 -23.59 -11.46
N LEU A 295 -21.08 -22.99 -12.63
CA LEU A 295 -20.00 -22.72 -13.58
C LEU A 295 -19.65 -21.24 -13.54
N GLY A 296 -18.36 -20.93 -13.45
CA GLY A 296 -17.94 -19.55 -13.51
C GLY A 296 -18.39 -18.76 -12.29
N ARG A 297 -18.68 -17.48 -12.52
CA ARG A 297 -18.97 -16.53 -11.45
C ARG A 297 -20.33 -15.89 -11.71
N PRO A 298 -21.42 -16.53 -11.27
CA PRO A 298 -22.75 -15.96 -11.50
C PRO A 298 -23.10 -14.87 -10.50
N THR A 299 -23.62 -13.75 -11.02
CA THR A 299 -24.07 -12.63 -10.21
C THR A 299 -25.48 -12.14 -10.52
N LEU A 300 -26.10 -12.57 -11.62
CA LEU A 300 -27.19 -11.78 -12.21
C LEU A 300 -28.47 -11.83 -11.35
N HIS A 301 -29.02 -13.00 -11.08
CA HIS A 301 -30.41 -13.06 -10.66
C HIS A 301 -30.59 -13.34 -9.17
N ARG A 302 -31.70 -12.81 -8.63
CA ARG A 302 -32.13 -13.00 -7.25
C ARG A 302 -32.58 -14.43 -7.00
N PRO A 303 -33.35 -15.07 -7.90
CA PRO A 303 -33.61 -16.51 -7.70
C PRO A 303 -32.35 -17.34 -7.69
N VAL A 304 -31.30 -16.90 -8.38
CA VAL A 304 -30.03 -17.61 -8.35
C VAL A 304 -29.35 -17.40 -7.00
N SER A 305 -29.26 -16.15 -6.56
CA SER A 305 -28.61 -15.87 -5.28
C SER A 305 -29.37 -16.48 -4.11
N VAL A 306 -30.70 -16.50 -4.18
CA VAL A 306 -31.47 -17.08 -3.09
C VAL A 306 -31.29 -18.60 -3.06
N LEU A 307 -31.19 -19.22 -4.24
CA LEU A 307 -30.94 -20.66 -4.32
C LEU A 307 -29.52 -20.99 -3.89
N LEU A 308 -28.54 -20.18 -4.30
CA LEU A 308 -27.16 -20.48 -3.94
C LEU A 308 -26.90 -20.23 -2.46
N ALA A 309 -27.79 -19.51 -1.79
CA ALA A 309 -27.74 -19.36 -0.34
C ALA A 309 -28.58 -20.41 0.39
N ASP A 310 -29.18 -21.34 -0.35
CA ASP A 310 -30.02 -22.40 0.24
C ASP A 310 -29.10 -23.38 0.95
N ALA A 311 -28.90 -23.15 2.24
CA ALA A 311 -28.08 -23.98 3.12
C ALA A 311 -28.29 -25.48 2.88
N GLU A 312 -29.51 -25.88 2.58
CA GLU A 312 -29.83 -27.30 2.47
C GLU A 312 -29.66 -27.87 1.05
N VAL A 313 -29.05 -27.15 0.10
CA VAL A 313 -28.82 -27.68 -1.24
C VAL A 313 -27.33 -27.69 -1.58
N PRO A 314 -26.72 -28.87 -1.79
CA PRO A 314 -25.29 -28.90 -2.12
C PRO A 314 -24.96 -28.24 -3.46
N VAL A 315 -23.87 -27.47 -3.47
CA VAL A 315 -23.38 -26.74 -4.63
C VAL A 315 -22.00 -27.26 -4.99
N PHE A 316 -21.77 -27.56 -6.27
CA PHE A 316 -20.46 -27.91 -6.78
C PHE A 316 -19.99 -26.80 -7.71
N ALA A 317 -18.88 -26.16 -7.38
CA ALA A 317 -18.37 -25.01 -8.10
C ALA A 317 -17.25 -25.44 -9.04
N LEU A 318 -17.47 -25.25 -10.35
CA LEU A 318 -16.48 -25.53 -11.39
C LEU A 318 -16.11 -24.22 -12.09
N THR A 319 -14.80 -24.00 -12.25
CA THR A 319 -14.23 -22.78 -12.83
C THR A 319 -13.10 -23.15 -13.79
N THR A 320 -12.73 -22.19 -14.66
CA THR A 320 -11.58 -22.41 -15.52
C THR A 320 -10.26 -21.97 -14.91
N GLY A 321 -10.28 -21.11 -13.89
CA GLY A 321 -9.07 -20.69 -13.22
C GLY A 321 -9.10 -20.97 -11.72
N PRO A 322 -8.17 -20.38 -10.97
CA PRO A 322 -8.00 -20.79 -9.56
C PRO A 322 -8.99 -20.16 -8.57
N ARG A 323 -9.50 -18.96 -8.88
CA ARG A 323 -10.52 -18.35 -8.05
C ARG A 323 -11.79 -19.19 -8.02
N TRP A 324 -12.48 -19.19 -6.87
CA TRP A 324 -13.84 -19.73 -6.90
C TRP A 324 -14.81 -18.79 -6.17
N PRO A 325 -16.00 -18.60 -6.73
CA PRO A 325 -16.90 -17.56 -6.22
C PRO A 325 -17.39 -17.81 -4.82
N ASP A 326 -17.71 -16.71 -4.13
CA ASP A 326 -18.16 -16.74 -2.74
C ASP A 326 -19.64 -17.09 -2.60
N VAL A 327 -20.43 -16.96 -3.67
CA VAL A 327 -21.88 -16.77 -3.57
C VAL A 327 -22.57 -17.84 -2.73
N SER A 328 -22.00 -19.03 -2.65
CA SER A 328 -22.55 -20.05 -1.77
C SER A 328 -21.63 -20.24 -0.58
N GLY A 329 -22.20 -20.19 0.61
CA GLY A 329 -21.53 -20.71 1.78
C GLY A 329 -21.68 -22.19 1.98
N ASN A 330 -22.53 -22.86 1.18
CA ASN A 330 -22.64 -24.30 1.22
C ASN A 330 -22.03 -24.94 -0.02
N SER A 331 -21.04 -24.29 -0.62
CA SER A 331 -20.26 -24.96 -1.65
C SER A 331 -19.64 -26.21 -1.03
N GLN A 332 -19.88 -27.35 -1.66
CA GLN A 332 -19.35 -28.60 -1.15
C GLN A 332 -17.99 -28.95 -1.71
N ALA A 333 -17.69 -28.47 -2.92
CA ALA A 333 -16.47 -28.85 -3.59
C ALA A 333 -16.24 -27.89 -4.74
N THR A 334 -14.99 -27.47 -4.91
CA THR A 334 -14.57 -26.64 -6.03
C THR A 334 -13.61 -27.43 -6.91
N GLY A 335 -13.72 -27.21 -8.21
CA GLY A 335 -12.86 -27.90 -9.16
C GLY A 335 -12.94 -27.23 -10.52
N THR A 336 -12.42 -27.93 -11.53
CA THR A 336 -12.41 -27.40 -12.89
C THR A 336 -13.23 -28.21 -13.89
N ARG A 337 -13.50 -29.48 -13.62
CA ARG A 337 -14.35 -30.26 -14.48
C ARG A 337 -15.00 -31.35 -13.64
N ALA A 338 -16.11 -31.86 -14.13
CA ALA A 338 -16.86 -32.89 -13.43
C ALA A 338 -16.50 -34.26 -13.98
N VAL A 339 -16.34 -35.23 -13.09
CA VAL A 339 -16.35 -36.63 -13.44
C VAL A 339 -17.70 -37.18 -12.99
N THR A 340 -18.52 -37.59 -13.96
CA THR A 340 -19.96 -37.75 -13.76
C THR A 340 -20.34 -39.21 -13.70
N THR A 341 -20.84 -39.63 -12.54
CA THR A 341 -21.58 -40.87 -12.40
C THR A 341 -23.03 -40.65 -12.83
N GLY A 342 -23.57 -41.58 -13.64
CA GLY A 342 -25.00 -41.66 -13.83
C GLY A 342 -25.58 -40.67 -14.83
N ALA A 343 -26.87 -40.41 -14.66
CA ALA A 343 -27.63 -39.63 -15.63
C ALA A 343 -28.85 -39.04 -14.95
N PRO A 344 -29.36 -37.90 -15.44
CA PRO A 344 -30.58 -37.33 -14.85
C PRO A 344 -31.80 -38.14 -15.26
N ARG A 345 -32.75 -38.23 -14.34
CA ARG A 345 -33.98 -38.95 -14.62
C ARG A 345 -34.74 -38.22 -15.72
N PRO A 346 -35.35 -38.97 -16.65
CA PRO A 346 -36.16 -38.32 -17.70
C PRO A 346 -37.27 -37.46 -17.14
N ALA A 347 -37.89 -37.85 -16.02
CA ALA A 347 -38.96 -37.04 -15.44
C ALA A 347 -38.44 -35.71 -14.91
N TRP A 348 -37.19 -35.68 -14.43
CA TRP A 348 -36.60 -34.41 -14.03
C TRP A 348 -36.37 -33.49 -15.22
N LEU A 349 -35.86 -34.05 -16.33
CA LEU A 349 -35.66 -33.23 -17.53
C LEU A 349 -36.98 -32.65 -18.03
N ASP A 350 -38.01 -33.50 -18.13
CA ASP A 350 -39.30 -33.04 -18.66
C ASP A 350 -39.91 -31.94 -17.78
N ARG A 351 -39.77 -32.07 -16.46
CA ARG A 351 -40.30 -31.06 -15.56
C ARG A 351 -39.57 -29.73 -15.73
N CYS A 352 -38.24 -29.79 -15.88
CA CYS A 352 -37.48 -28.56 -16.06
C CYS A 352 -37.73 -27.95 -17.44
N ALA A 353 -37.80 -28.79 -18.47
CA ALA A 353 -38.13 -28.29 -19.81
C ALA A 353 -39.52 -27.66 -19.83
N ALA A 354 -40.47 -28.28 -19.13
CA ALA A 354 -41.83 -27.73 -19.11
C ALA A 354 -41.87 -26.39 -18.41
N MET A 355 -41.18 -26.27 -17.27
CA MET A 355 -41.23 -25.00 -16.54
C MET A 355 -40.43 -23.91 -17.22
N ASN A 356 -39.42 -24.28 -18.01
CA ASN A 356 -38.74 -23.29 -18.84
C ASN A 356 -39.70 -22.68 -19.85
N ARG A 357 -40.43 -23.54 -20.58
CA ARG A 357 -41.39 -23.07 -21.57
C ARG A 357 -42.44 -22.18 -20.92
N HIS A 358 -42.81 -22.49 -19.68
CA HIS A 358 -43.86 -21.78 -18.98
C HIS A 358 -43.42 -20.37 -18.57
N ALA A 359 -42.17 -20.24 -18.14
CA ALA A 359 -41.67 -18.93 -17.74
C ALA A 359 -41.44 -18.03 -18.95
N ILE A 360 -40.93 -18.61 -20.03
CA ILE A 360 -40.77 -17.86 -21.28
C ILE A 360 -42.11 -17.32 -21.75
N ALA A 361 -43.13 -18.17 -21.73
CA ALA A 361 -44.43 -17.77 -22.25
C ALA A 361 -45.06 -16.68 -21.40
N ALA A 362 -44.87 -16.76 -20.08
CA ALA A 362 -45.41 -15.74 -19.20
C ALA A 362 -44.75 -14.39 -19.45
N VAL A 363 -43.45 -14.40 -19.70
CA VAL A 363 -42.75 -13.15 -20.03
C VAL A 363 -43.29 -12.56 -21.31
N ARG A 364 -43.32 -13.36 -22.39
CA ARG A 364 -43.78 -12.83 -23.67
C ARG A 364 -45.25 -12.39 -23.60
N GLU A 365 -46.08 -13.12 -22.87
CA GLU A 365 -47.48 -12.75 -22.77
C GLU A 365 -47.67 -11.43 -22.06
N GLN A 366 -46.93 -11.20 -20.96
CA GLN A 366 -47.10 -9.95 -20.23
C GLN A 366 -46.48 -8.78 -20.97
N LEU A 367 -45.43 -9.02 -21.76
CA LEU A 367 -44.92 -7.97 -22.63
C LEU A 367 -45.98 -7.51 -23.61
N ALA A 368 -46.71 -8.44 -24.21
CA ALA A 368 -47.66 -8.08 -25.24
C ALA A 368 -48.91 -7.43 -24.65
N ALA A 369 -49.22 -7.75 -23.39
CA ALA A 369 -50.40 -7.20 -22.73
C ALA A 369 -50.11 -5.87 -22.04
N HIS A 370 -48.85 -5.44 -22.01
CA HIS A 370 -48.43 -4.23 -21.31
C HIS A 370 -48.43 -3.08 -22.30
N PRO A 371 -49.12 -1.97 -22.03
CA PRO A 371 -49.44 -1.02 -23.11
C PRO A 371 -48.25 -0.22 -23.61
N LEU A 372 -47.22 0.02 -22.79
CA LEU A 372 -46.15 0.94 -23.14
C LEU A 372 -44.84 0.21 -23.35
N THR A 373 -44.00 0.77 -24.22
CA THR A 373 -42.67 0.22 -24.43
C THR A 373 -41.82 0.43 -23.18
N THR A 374 -41.23 -0.65 -22.69
CA THR A 374 -40.24 -0.59 -21.63
C THR A 374 -38.89 -1.08 -22.16
N GLY A 375 -37.86 -0.96 -21.32
CA GLY A 375 -36.57 -1.52 -21.68
C GLY A 375 -36.62 -3.02 -21.90
N LEU A 376 -37.57 -3.71 -21.24
CA LEU A 376 -37.70 -5.14 -21.46
C LEU A 376 -38.21 -5.43 -22.87
N HIS A 377 -39.11 -4.58 -23.39
CA HIS A 377 -39.52 -4.70 -24.78
C HIS A 377 -38.37 -4.43 -25.74
N VAL A 378 -37.54 -3.42 -25.45
CA VAL A 378 -36.41 -3.11 -26.32
C VAL A 378 -35.44 -4.29 -26.36
N ALA A 379 -35.19 -4.90 -25.20
CA ALA A 379 -34.27 -6.02 -25.13
C ALA A 379 -34.81 -7.21 -25.91
N ALA A 380 -36.09 -7.49 -25.76
CA ALA A 380 -36.72 -8.56 -26.53
C ALA A 380 -36.55 -8.32 -28.03
N ALA A 381 -36.73 -7.08 -28.46
CA ALA A 381 -36.66 -6.79 -29.89
C ALA A 381 -35.24 -6.91 -30.42
N VAL A 382 -34.25 -6.55 -29.59
CA VAL A 382 -32.86 -6.77 -29.99
C VAL A 382 -32.58 -8.26 -30.10
N SER A 383 -33.05 -9.03 -29.11
CA SER A 383 -32.78 -10.47 -29.10
C SER A 383 -33.32 -11.14 -30.34
N HIS A 384 -34.51 -10.74 -30.79
CA HIS A 384 -35.14 -11.33 -31.96
C HIS A 384 -34.39 -10.96 -33.24
N ALA A 385 -33.68 -9.82 -33.23
CA ALA A 385 -32.99 -9.35 -34.41
C ALA A 385 -31.59 -9.95 -34.59
N LEU A 386 -31.09 -10.69 -33.62
CA LEU A 386 -29.72 -11.18 -33.72
C LEU A 386 -29.68 -12.49 -34.51
N ARG A 387 -28.49 -12.82 -35.00
CA ARG A 387 -28.30 -13.99 -35.82
C ARG A 387 -26.88 -14.50 -35.60
N PRO A 388 -26.63 -15.79 -35.86
CA PRO A 388 -25.30 -16.35 -35.57
C PRO A 388 -24.21 -15.57 -36.29
N GLY A 389 -23.09 -15.39 -35.59
CA GLY A 389 -22.04 -14.52 -36.05
C GLY A 389 -22.10 -13.12 -35.47
N ASP A 390 -23.24 -12.70 -34.94
CA ASP A 390 -23.32 -11.38 -34.32
C ASP A 390 -22.51 -11.34 -33.03
N GLN A 391 -21.97 -10.17 -32.73
CA GLN A 391 -21.45 -9.84 -31.41
C GLN A 391 -22.44 -8.94 -30.69
N LEU A 392 -22.79 -9.31 -29.47
CA LEU A 392 -23.70 -8.54 -28.64
C LEU A 392 -22.95 -8.01 -27.43
N VAL A 393 -22.90 -6.68 -27.29
CA VAL A 393 -22.32 -6.01 -26.13
C VAL A 393 -23.47 -5.46 -25.29
N LEU A 394 -23.49 -5.81 -24.01
CA LEU A 394 -24.59 -5.47 -23.12
C LEU A 394 -24.11 -4.56 -22.01
N GLY A 395 -24.82 -3.44 -21.81
CA GLY A 395 -24.65 -2.68 -20.58
C GLY A 395 -24.83 -3.56 -19.36
N ALA A 396 -24.10 -3.24 -18.31
CA ALA A 396 -23.96 -4.19 -17.21
C ALA A 396 -25.08 -4.09 -16.17
N SER A 397 -25.99 -3.13 -16.29
CA SER A 397 -27.11 -3.06 -15.36
C SER A 397 -28.34 -3.74 -15.95
N ASN A 398 -29.29 -2.95 -16.42
CA ASN A 398 -30.57 -3.45 -16.91
C ASN A 398 -30.49 -4.24 -18.22
N PRO A 399 -29.69 -3.82 -19.22
CA PRO A 399 -29.68 -4.58 -20.48
C PRO A 399 -29.35 -6.06 -20.33
N VAL A 400 -28.37 -6.40 -19.49
CA VAL A 400 -27.95 -7.80 -19.40
C VAL A 400 -28.99 -8.63 -18.65
N ARG A 401 -29.67 -8.03 -17.68
CA ARG A 401 -30.79 -8.70 -17.00
C ARG A 401 -32.00 -8.82 -17.92
N ASP A 402 -32.28 -7.76 -18.70
CA ASP A 402 -33.47 -7.75 -19.54
C ASP A 402 -33.35 -8.75 -20.69
N VAL A 403 -32.16 -8.84 -21.28
CA VAL A 403 -31.89 -9.85 -22.30
C VAL A 403 -32.07 -11.25 -21.71
N ALA A 404 -31.66 -11.44 -20.45
CA ALA A 404 -31.85 -12.72 -19.80
C ALA A 404 -33.34 -13.03 -19.59
N LEU A 405 -34.10 -12.05 -19.09
CA LEU A 405 -35.52 -12.27 -18.91
C LEU A 405 -36.24 -12.52 -20.23
N ALA A 406 -35.76 -11.90 -21.32
CA ALA A 406 -36.38 -12.08 -22.62
C ALA A 406 -36.04 -13.42 -23.26
N GLY A 407 -35.14 -14.19 -22.66
CA GLY A 407 -34.90 -15.54 -23.10
C GLY A 407 -33.98 -15.70 -24.30
N LEU A 408 -33.01 -14.81 -24.46
CA LEU A 408 -32.14 -14.84 -25.64
C LEU A 408 -31.40 -16.17 -25.75
N ASP A 409 -31.39 -16.72 -26.96
CA ASP A 409 -30.64 -17.92 -27.31
C ASP A 409 -29.28 -17.48 -27.83
N THR A 410 -28.22 -17.73 -27.07
CA THR A 410 -26.91 -17.14 -27.31
C THR A 410 -25.98 -18.04 -28.11
N ARG A 411 -26.42 -19.23 -28.50
CA ARG A 411 -25.57 -20.10 -29.30
C ARG A 411 -25.33 -19.48 -30.68
N GLY A 412 -24.05 -19.39 -31.07
CA GLY A 412 -23.66 -18.72 -32.30
C GLY A 412 -23.39 -17.25 -32.17
N ILE A 413 -23.61 -16.67 -31.00
CA ILE A 413 -23.47 -15.24 -30.76
C ILE A 413 -22.37 -15.05 -29.73
N ARG A 414 -21.52 -14.04 -29.94
CA ARG A 414 -20.49 -13.67 -28.96
C ARG A 414 -21.08 -12.57 -28.09
N VAL A 415 -21.34 -12.88 -26.82
CA VAL A 415 -21.98 -11.96 -25.90
C VAL A 415 -20.95 -11.43 -24.92
N ARG A 416 -20.83 -10.10 -24.85
CA ARG A 416 -19.90 -9.43 -23.96
C ARG A 416 -20.64 -8.48 -23.03
N SER A 417 -20.12 -8.37 -21.80
CA SER A 417 -20.66 -7.45 -20.82
C SER A 417 -19.61 -7.28 -19.72
N ASN A 418 -19.47 -6.06 -19.21
CA ASN A 418 -18.49 -5.79 -18.16
C ASN A 418 -19.06 -6.26 -16.83
N ARG A 419 -19.06 -7.58 -16.64
CA ARG A 419 -19.66 -8.17 -15.45
C ARG A 419 -18.72 -8.25 -14.26
N GLY A 420 -17.48 -7.75 -14.40
CA GLY A 420 -16.55 -7.77 -13.27
C GLY A 420 -17.09 -6.99 -12.08
N VAL A 421 -17.27 -5.68 -12.25
CA VAL A 421 -17.94 -4.84 -11.25
C VAL A 421 -19.26 -4.25 -11.76
N ALA A 422 -19.56 -4.40 -13.05
CA ALA A 422 -20.86 -3.99 -13.60
C ALA A 422 -21.15 -2.50 -13.39
N GLY A 423 -20.12 -1.67 -13.61
CA GLY A 423 -20.28 -0.24 -13.48
C GLY A 423 -20.89 0.41 -14.71
N ILE A 424 -21.42 1.60 -14.46
CA ILE A 424 -21.86 2.51 -15.52
C ILE A 424 -20.75 2.76 -16.54
N ASP A 425 -19.50 2.76 -16.08
CA ASP A 425 -18.46 3.46 -16.81
C ASP A 425 -18.04 2.65 -18.03
N GLY A 426 -17.81 3.37 -19.13
CA GLY A 426 -17.06 2.83 -20.25
C GLY A 426 -17.79 1.89 -21.20
N THR A 427 -19.12 1.76 -21.12
CA THR A 427 -19.78 0.78 -21.97
C THR A 427 -19.67 1.16 -23.44
N VAL A 428 -19.76 2.45 -23.77
CA VAL A 428 -19.64 2.87 -25.16
C VAL A 428 -18.26 2.52 -25.72
N SER A 429 -17.20 2.83 -24.96
CA SER A 429 -15.85 2.49 -25.40
C SER A 429 -15.61 0.98 -25.43
N THR A 430 -16.20 0.24 -24.49
CA THR A 430 -16.06 -1.22 -24.54
C THR A 430 -16.68 -1.78 -25.81
N ALA A 431 -17.86 -1.28 -26.18
CA ALA A 431 -18.52 -1.76 -27.38
C ALA A 431 -17.73 -1.39 -28.63
N ILE A 432 -17.11 -0.21 -28.63
CA ILE A 432 -16.31 0.21 -29.78
C ILE A 432 -15.07 -0.66 -29.93
N GLY A 433 -14.37 -0.90 -28.81
CA GLY A 433 -13.20 -1.75 -28.86
C GLY A 433 -13.53 -3.19 -29.19
N ALA A 434 -14.68 -3.69 -28.69
CA ALA A 434 -15.09 -5.05 -29.01
C ALA A 434 -15.44 -5.18 -30.48
N ALA A 435 -16.13 -4.18 -31.03
CA ALA A 435 -16.41 -4.17 -32.47
C ALA A 435 -15.11 -4.15 -33.28
N LEU A 436 -14.15 -3.33 -32.85
CA LEU A 436 -12.92 -3.18 -33.63
C LEU A 436 -12.10 -4.47 -33.64
N ALA A 437 -11.98 -5.13 -32.49
CA ALA A 437 -11.15 -6.34 -32.43
C ALA A 437 -11.82 -7.51 -33.13
N TYR A 438 -13.14 -7.63 -33.01
CA TYR A 438 -13.86 -8.72 -33.62
C TYR A 438 -13.86 -8.58 -35.15
N GLU A 439 -13.98 -7.35 -35.63
CA GLU A 439 -13.78 -7.08 -37.06
C GLU A 439 -12.35 -7.35 -37.48
N GLY A 440 -11.39 -7.06 -36.60
CA GLY A 440 -9.99 -7.32 -36.92
C GLY A 440 -9.74 -8.78 -37.20
N ALA A 441 -10.33 -9.66 -36.39
CA ALA A 441 -10.13 -11.09 -36.57
C ALA A 441 -10.77 -11.59 -37.86
N HIS A 442 -11.93 -11.04 -38.23
CA HIS A 442 -12.63 -11.50 -39.42
C HIS A 442 -11.95 -10.99 -40.68
N GLU A 443 -11.43 -9.76 -40.64
CA GLU A 443 -10.56 -9.28 -41.71
C GLU A 443 -9.38 -10.24 -41.90
N ARG A 444 -8.83 -10.72 -40.78
CA ARG A 444 -7.65 -11.60 -40.81
C ARG A 444 -7.98 -13.00 -41.29
N THR A 445 -9.26 -13.38 -41.41
CA THR A 445 -9.59 -14.72 -41.86
C THR A 445 -9.51 -14.91 -43.37
N GLY A 446 -9.53 -13.82 -44.15
CA GLY A 446 -9.45 -13.90 -45.58
C GLY A 446 -10.77 -13.74 -46.30
N SER A 447 -11.88 -14.24 -45.72
CA SER A 447 -13.22 -14.05 -46.23
C SER A 447 -13.40 -12.61 -46.69
N PRO A 448 -13.82 -12.37 -47.93
CA PRO A 448 -14.06 -10.98 -48.39
C PRO A 448 -15.36 -10.38 -47.90
N ASP A 449 -16.13 -11.12 -47.09
CA ASP A 449 -17.46 -10.66 -46.70
C ASP A 449 -17.39 -9.50 -45.73
N SER A 450 -18.43 -8.65 -45.77
CA SER A 450 -18.65 -7.55 -44.83
C SER A 450 -18.41 -8.05 -43.42
N PRO A 451 -17.85 -7.23 -42.54
CA PRO A 451 -17.61 -7.68 -41.18
C PRO A 451 -18.93 -8.07 -40.51
N PRO A 452 -18.89 -9.04 -39.62
CA PRO A 452 -20.09 -9.37 -38.86
C PRO A 452 -20.50 -8.22 -37.95
N ARG A 453 -21.78 -8.21 -37.61
CA ARG A 453 -22.32 -7.09 -36.85
C ARG A 453 -21.89 -7.14 -35.38
N THR A 454 -21.65 -5.97 -34.81
CA THR A 454 -21.66 -5.79 -33.36
C THR A 454 -22.84 -4.91 -33.00
N ILE A 455 -23.71 -5.42 -32.13
CA ILE A 455 -24.87 -4.69 -31.64
C ILE A 455 -24.71 -4.52 -30.14
N ALA A 456 -24.75 -3.27 -29.68
CA ALA A 456 -24.74 -2.98 -28.26
C ALA A 456 -26.12 -2.54 -27.80
N LEU A 457 -26.44 -2.87 -26.56
CA LEU A 457 -27.67 -2.45 -25.89
C LEU A 457 -27.30 -1.80 -24.56
N ILE A 458 -27.58 -0.50 -24.43
CA ILE A 458 -27.19 0.24 -23.24
C ILE A 458 -28.30 1.22 -22.87
N GLY A 459 -28.41 1.49 -21.57
CA GLY A 459 -29.35 2.49 -21.10
C GLY A 459 -28.86 3.91 -21.37
N ASP A 460 -29.82 4.84 -21.31
CA ASP A 460 -29.52 6.22 -21.64
C ASP A 460 -28.50 6.82 -20.68
N LEU A 461 -28.67 6.54 -19.38
CA LEU A 461 -27.76 7.07 -18.37
C LEU A 461 -26.33 6.62 -18.64
N THR A 462 -26.15 5.32 -18.92
CA THR A 462 -24.84 4.80 -19.28
C THR A 462 -24.31 5.46 -20.55
N PHE A 463 -25.16 5.55 -21.58
CA PHE A 463 -24.75 6.18 -22.83
C PHE A 463 -24.33 7.62 -22.60
N VAL A 464 -25.17 8.40 -21.91
CA VAL A 464 -24.83 9.78 -21.59
C VAL A 464 -23.51 9.81 -20.82
N HIS A 465 -23.37 8.91 -19.86
CA HIS A 465 -22.21 8.98 -18.97
C HIS A 465 -20.91 8.64 -19.69
N ASP A 466 -20.94 7.73 -20.66
CA ASP A 466 -19.75 7.44 -21.44
C ASP A 466 -19.81 8.03 -22.85
N SER A 467 -20.65 9.03 -23.08
CA SER A 467 -20.82 9.57 -24.42
C SER A 467 -19.51 10.07 -25.02
N SER A 468 -18.59 10.54 -24.18
CA SER A 468 -17.27 10.99 -24.66
C SER A 468 -16.44 9.85 -25.20
N GLY A 469 -16.92 8.61 -25.10
CA GLY A 469 -16.26 7.52 -25.79
C GLY A 469 -16.39 7.63 -27.30
N LEU A 470 -17.37 8.41 -27.77
CA LEU A 470 -17.56 8.62 -29.19
C LEU A 470 -16.57 9.59 -29.80
N LEU A 471 -15.83 10.34 -28.99
CA LEU A 471 -14.87 11.33 -29.47
C LEU A 471 -13.64 10.60 -30.01
N ILE A 472 -13.58 10.42 -31.33
CA ILE A 472 -12.50 9.68 -31.97
C ILE A 472 -11.91 10.56 -33.07
N GLY A 473 -10.57 10.65 -33.09
CA GLY A 473 -9.89 11.44 -34.08
C GLY A 473 -10.17 10.94 -35.48
N PRO A 474 -9.99 11.81 -36.49
CA PRO A 474 -10.32 11.38 -37.87
C PRO A 474 -9.41 10.27 -38.38
N THR A 475 -8.22 10.14 -37.81
CA THR A 475 -7.24 9.13 -38.23
C THR A 475 -7.29 7.89 -37.37
N GLU A 476 -8.25 7.77 -36.51
CA GLU A 476 -8.25 6.63 -35.62
C GLU A 476 -9.18 5.55 -36.14
N PRO A 477 -8.91 4.29 -35.79
CA PRO A 477 -9.74 3.18 -36.26
C PRO A 477 -11.19 3.34 -35.79
N ILE A 478 -12.12 3.21 -36.72
CA ILE A 478 -13.56 3.29 -36.45
C ILE A 478 -14.18 1.93 -36.76
N PRO A 479 -15.15 1.44 -35.97
CA PRO A 479 -15.84 0.22 -36.34
C PRO A 479 -16.62 0.37 -37.64
N ARG A 480 -16.66 -0.70 -38.42
CA ARG A 480 -17.43 -0.65 -39.67
C ARG A 480 -18.86 -1.16 -39.52
N SER A 481 -19.14 -2.00 -38.52
CA SER A 481 -20.50 -2.53 -38.39
C SER A 481 -20.93 -2.53 -36.92
N LEU A 482 -20.77 -1.39 -36.24
CA LEU A 482 -21.24 -1.22 -34.87
C LEU A 482 -22.54 -0.41 -34.86
N THR A 483 -23.56 -0.97 -34.21
CA THR A 483 -24.82 -0.29 -33.96
C THR A 483 -25.09 -0.29 -32.46
N ILE A 484 -25.21 0.90 -31.87
CA ILE A 484 -25.53 1.02 -30.45
C ILE A 484 -27.02 1.32 -30.33
N VAL A 485 -27.74 0.43 -29.64
CA VAL A 485 -29.14 0.68 -29.28
C VAL A 485 -29.19 1.28 -27.88
N VAL A 486 -29.81 2.45 -27.76
CA VAL A 486 -29.97 3.15 -26.50
C VAL A 486 -31.42 3.03 -26.08
N SER A 487 -31.67 2.32 -24.97
CA SER A 487 -32.99 2.21 -24.37
C SER A 487 -33.16 3.39 -23.41
N ASN A 488 -33.92 4.41 -23.84
CA ASN A 488 -34.00 5.68 -23.13
C ASN A 488 -35.29 5.73 -22.30
N ASP A 489 -35.18 5.40 -21.01
CA ASP A 489 -36.31 5.46 -20.09
C ASP A 489 -36.10 6.51 -18.99
N ASN A 490 -35.31 7.56 -19.30
CA ASN A 490 -34.91 8.66 -18.45
C ASN A 490 -33.98 8.24 -17.31
N GLY A 491 -34.34 7.24 -16.52
CA GLY A 491 -33.42 6.78 -15.50
C GLY A 491 -33.16 5.29 -15.47
N ASP A 507 -30.79 7.31 0.55
CA ASP A 507 -31.76 7.28 -0.54
C ASP A 507 -31.98 8.65 -1.15
N VAL A 508 -31.36 9.67 -0.57
CA VAL A 508 -31.51 11.03 -1.09
C VAL A 508 -31.03 11.12 -2.52
N SER A 509 -29.98 10.37 -2.86
CA SER A 509 -29.47 10.40 -4.22
C SER A 509 -30.57 10.08 -5.21
N SER A 510 -31.45 9.13 -4.86
CA SER A 510 -32.55 8.67 -5.72
C SER A 510 -33.25 9.84 -6.40
N ARG A 511 -33.43 10.95 -5.67
CA ARG A 511 -34.09 12.15 -6.18
C ARG A 511 -33.54 12.62 -7.52
N PRO A 516 -34.63 11.62 -14.13
CA PRO A 516 -34.35 13.01 -13.78
C PRO A 516 -33.20 13.52 -14.63
N HIS A 517 -33.18 13.22 -15.92
N HIS A 517 -33.23 13.22 -15.91
CA HIS A 517 -32.09 13.84 -16.68
CA HIS A 517 -32.19 13.68 -16.82
C HIS A 517 -32.51 14.86 -17.76
C HIS A 517 -32.61 14.84 -17.69
N ASP A 518 -33.43 14.49 -18.68
CA ASP A 518 -33.87 15.29 -19.85
C ASP A 518 -32.81 15.49 -20.96
N VAL A 519 -31.78 14.65 -21.01
CA VAL A 519 -30.70 14.82 -21.96
C VAL A 519 -31.16 14.43 -23.36
N ASP A 520 -30.79 15.25 -24.33
CA ASP A 520 -31.10 15.03 -25.74
C ASP A 520 -30.05 14.10 -26.32
N VAL A 521 -30.42 12.83 -26.50
CA VAL A 521 -29.48 11.83 -26.98
C VAL A 521 -29.05 12.14 -28.42
N GLY A 522 -29.98 12.61 -29.25
CA GLY A 522 -29.62 12.93 -30.63
C GLY A 522 -28.69 14.13 -30.74
N ALA A 523 -28.85 15.10 -29.82
CA ALA A 523 -27.91 16.21 -29.80
C ALA A 523 -26.53 15.71 -29.42
N LEU A 524 -26.46 14.75 -28.49
CA LEU A 524 -25.19 14.19 -28.05
C LEU A 524 -24.46 13.54 -29.21
N CYS A 525 -25.17 12.73 -30.01
CA CYS A 525 -24.54 12.10 -31.17
C CYS A 525 -24.13 13.13 -32.21
N ARG A 526 -24.96 14.14 -32.43
CA ARG A 526 -24.57 15.22 -33.34
C ARG A 526 -23.25 15.85 -32.91
N ALA A 527 -23.07 16.03 -31.59
CA ALA A 527 -21.85 16.65 -31.09
C ALA A 527 -20.61 15.88 -31.50
N TYR A 528 -20.68 14.55 -31.51
CA TYR A 528 -19.53 13.75 -31.91
C TYR A 528 -19.62 13.25 -33.36
N HIS A 529 -20.59 13.75 -34.13
CA HIS A 529 -20.74 13.46 -35.56
C HIS A 529 -21.04 11.99 -35.81
N VAL A 530 -21.87 11.41 -34.95
CA VAL A 530 -22.28 10.03 -35.07
C VAL A 530 -23.71 10.00 -35.60
N GLU A 531 -23.93 9.21 -36.65
CA GLU A 531 -25.29 9.04 -37.18
C GLU A 531 -26.21 8.50 -36.09
N SER A 532 -27.37 9.12 -35.97
CA SER A 532 -28.29 8.81 -34.88
C SER A 532 -29.72 8.94 -35.38
N ARG A 533 -30.57 8.05 -34.89
CA ARG A 533 -31.97 8.01 -35.28
C ARG A 533 -32.82 7.61 -34.09
N GLN A 534 -33.91 8.33 -33.88
CA GLN A 534 -34.93 7.89 -32.94
C GLN A 534 -35.92 7.01 -33.68
N ILE A 535 -36.28 5.88 -33.07
CA ILE A 535 -37.20 4.93 -33.68
C ILE A 535 -38.04 4.27 -32.59
N GLU A 536 -39.12 3.63 -33.03
CA GLU A 536 -40.01 2.87 -32.16
C GLU A 536 -39.59 1.40 -32.16
N VAL A 537 -40.06 0.68 -31.15
CA VAL A 537 -39.55 -0.67 -30.91
C VAL A 537 -39.86 -1.59 -32.10
N ASP A 538 -41.02 -1.39 -32.74
CA ASP A 538 -41.38 -2.24 -33.87
C ASP A 538 -40.52 -2.00 -35.11
N GLU A 539 -39.87 -0.85 -35.20
CA GLU A 539 -38.97 -0.56 -36.32
C GLU A 539 -37.54 -1.07 -36.08
N LEU A 540 -37.24 -1.51 -34.86
CA LEU A 540 -35.86 -1.78 -34.48
C LEU A 540 -35.29 -2.94 -35.30
N GLY A 541 -36.02 -4.05 -35.38
CA GLY A 541 -35.61 -5.18 -36.18
C GLY A 541 -35.26 -4.82 -37.62
N PRO A 542 -36.21 -4.25 -38.36
CA PRO A 542 -35.89 -3.84 -39.74
C PRO A 542 -34.75 -2.85 -39.84
N THR A 543 -34.66 -1.89 -38.90
CA THR A 543 -33.57 -0.92 -38.95
C THR A 543 -32.23 -1.62 -38.74
N LEU A 544 -32.17 -2.60 -37.83
CA LEU A 544 -30.92 -3.29 -37.57
C LEU A 544 -30.52 -4.17 -38.76
N ASP A 545 -31.51 -4.73 -39.47
CA ASP A 545 -31.22 -5.53 -40.65
C ASP A 545 -30.45 -4.71 -41.70
N GLN A 546 -30.83 -3.45 -41.88
CA GLN A 546 -30.19 -2.56 -42.84
C GLN A 546 -28.85 -2.07 -42.32
N PRO A 547 -27.73 -2.39 -42.97
CA PRO A 547 -26.46 -1.75 -42.60
C PRO A 547 -26.53 -0.24 -42.80
N GLY A 548 -25.72 0.47 -42.05
CA GLY A 548 -25.61 1.91 -42.14
C GLY A 548 -24.16 2.35 -42.16
N ALA A 549 -23.93 3.54 -41.60
CA ALA A 549 -22.58 4.04 -41.39
C ALA A 549 -21.80 3.07 -40.50
N GLY A 550 -20.47 3.12 -40.57
CA GLY A 550 -19.63 2.27 -39.75
C GLY A 550 -20.10 2.20 -38.31
N MET A 551 -20.42 3.35 -37.73
CA MET A 551 -20.91 3.47 -36.37
C MET A 551 -22.21 4.25 -36.37
N ARG A 552 -23.19 3.80 -35.59
CA ARG A 552 -24.44 4.54 -35.50
C ARG A 552 -25.15 4.18 -34.20
N VAL A 553 -26.07 5.06 -33.82
CA VAL A 553 -26.79 5.00 -32.56
C VAL A 553 -28.28 5.02 -32.87
N LEU A 554 -29.01 4.07 -32.31
CA LEU A 554 -30.46 3.97 -32.46
C LEU A 554 -31.10 4.17 -31.09
N GLU A 555 -31.88 5.24 -30.95
CA GLU A 555 -32.52 5.57 -29.69
C GLU A 555 -33.96 5.11 -29.71
N VAL A 556 -34.36 4.37 -28.67
CA VAL A 556 -35.74 3.94 -28.48
C VAL A 556 -36.23 4.50 -27.16
N LYS A 557 -37.28 5.33 -27.21
CA LYS A 557 -37.90 5.82 -25.99
C LYS A 557 -38.62 4.70 -25.26
N ALA A 558 -38.58 4.76 -23.93
CA ALA A 558 -39.14 3.74 -23.08
C ALA A 558 -39.62 4.38 -21.77
N ASP A 559 -40.45 3.64 -21.05
CA ASP A 559 -41.12 4.09 -19.83
C ASP A 559 -40.61 3.31 -18.63
N ARG A 560 -40.33 4.02 -17.54
CA ARG A 560 -39.82 3.38 -16.33
C ARG A 560 -40.86 3.25 -15.23
N SER A 561 -41.92 4.06 -15.24
CA SER A 561 -42.93 3.99 -14.18
C SER A 561 -43.67 2.65 -14.22
N SER A 562 -44.09 2.23 -15.41
CA SER A 562 -44.81 0.96 -15.55
C SER A 562 -43.92 -0.26 -15.36
N LEU A 563 -42.61 -0.09 -15.18
CA LEU A 563 -41.70 -1.24 -15.09
C LEU A 563 -42.06 -2.14 -13.92
N ARG A 564 -42.19 -1.57 -12.72
CA ARG A 564 -42.62 -2.34 -11.56
C ARG A 564 -43.87 -3.14 -11.88
N GLN A 565 -44.81 -2.51 -12.56
CA GLN A 565 -46.11 -3.12 -12.84
C GLN A 565 -45.96 -4.31 -13.79
N LEU A 566 -45.09 -4.17 -14.80
CA LEU A 566 -44.83 -5.27 -15.72
C LEU A 566 -44.23 -6.46 -15.00
N HIS A 567 -43.24 -6.22 -14.16
CA HIS A 567 -42.58 -7.34 -13.49
C HIS A 567 -43.52 -8.02 -12.50
N ALA A 568 -44.37 -7.26 -11.81
CA ALA A 568 -45.38 -7.87 -10.95
C ALA A 568 -46.33 -8.75 -11.76
N ALA A 569 -46.69 -8.29 -12.96
CA ALA A 569 -47.55 -9.09 -13.83
C ALA A 569 -46.88 -10.39 -14.24
N ILE A 570 -45.58 -10.33 -14.52
CA ILE A 570 -44.84 -11.52 -14.90
C ILE A 570 -44.79 -12.51 -13.73
N LYS A 571 -44.43 -12.03 -12.55
CA LYS A 571 -44.46 -12.86 -11.35
C LYS A 571 -45.80 -13.58 -11.20
N ALA A 572 -46.88 -12.78 -11.08
CA ALA A 572 -48.20 -13.33 -10.79
C ALA A 572 -48.69 -14.26 -11.88
N ALA A 573 -48.14 -14.14 -13.09
CA ALA A 573 -48.57 -14.98 -14.20
C ALA A 573 -47.89 -16.34 -14.21
N LEU A 574 -46.87 -16.53 -13.38
CA LEU A 574 -46.17 -17.81 -13.29
C LEU A 574 -46.96 -18.82 -12.45
N PRO B 23 -29.89 2.92 16.06
CA PRO B 23 -28.50 2.59 16.35
C PRO B 23 -27.52 3.45 15.54
N SER B 24 -27.41 3.06 14.26
CA SER B 24 -26.68 3.83 13.27
C SER B 24 -27.22 5.25 13.10
N THR B 25 -28.55 5.39 13.03
CA THR B 25 -29.18 6.71 12.86
C THR B 25 -28.53 7.74 13.77
N THR B 26 -28.35 7.40 15.03
CA THR B 26 -27.74 8.32 15.98
C THR B 26 -26.30 8.64 15.59
N GLN B 27 -25.56 7.64 15.12
CA GLN B 27 -24.18 7.87 14.71
C GLN B 27 -24.10 8.86 13.56
N ALA B 28 -24.93 8.66 12.53
CA ALA B 28 -24.88 9.53 11.37
C ALA B 28 -25.31 10.96 11.70
N ARG B 29 -26.22 11.14 12.67
CA ARG B 29 -26.74 12.48 12.97
C ARG B 29 -25.73 13.31 13.72
N VAL B 30 -25.04 12.69 14.66
CA VAL B 30 -24.00 13.39 15.41
C VAL B 30 -22.83 13.72 14.49
N VAL B 31 -22.47 12.78 13.61
CA VAL B 31 -21.35 12.97 12.70
C VAL B 31 -21.64 14.09 11.72
N VAL B 32 -22.84 14.10 11.12
CA VAL B 32 -23.24 15.24 10.29
C VAL B 32 -23.22 16.53 11.10
N ASP B 33 -23.70 16.47 12.36
CA ASP B 33 -23.76 17.68 13.16
C ASP B 33 -22.36 18.21 13.47
N GLU B 34 -21.43 17.32 13.80
CA GLU B 34 -20.07 17.77 14.08
C GLU B 34 -19.43 18.35 12.82
N LEU B 35 -19.67 17.72 11.66
CA LEU B 35 -19.15 18.25 10.41
C LEU B 35 -19.64 19.67 10.16
N ILE B 36 -20.92 19.94 10.44
CA ILE B 36 -21.45 21.28 10.27
C ILE B 36 -20.82 22.24 11.26
N ARG B 37 -20.63 21.79 12.52
CA ARG B 37 -19.92 22.61 13.49
C ARG B 37 -18.52 22.94 13.00
N GLY B 38 -17.85 21.99 12.36
CA GLY B 38 -16.51 22.18 11.87
C GLY B 38 -16.39 23.00 10.59
N GLY B 39 -17.49 23.56 10.10
CA GLY B 39 -17.44 24.44 8.96
C GLY B 39 -17.84 23.84 7.63
N VAL B 40 -18.27 22.58 7.60
CA VAL B 40 -18.71 21.98 6.34
C VAL B 40 -20.07 22.56 5.96
N ARG B 41 -20.12 23.20 4.80
CA ARG B 41 -21.37 23.76 4.30
C ARG B 41 -21.91 23.01 3.10
N ASP B 42 -21.09 22.24 2.42
CA ASP B 42 -21.52 21.56 1.21
C ASP B 42 -21.07 20.11 1.26
N VAL B 43 -21.95 19.23 0.79
CA VAL B 43 -21.66 17.81 0.70
C VAL B 43 -22.06 17.36 -0.70
N VAL B 44 -21.21 16.55 -1.32
CA VAL B 44 -21.48 16.00 -2.64
C VAL B 44 -21.78 14.51 -2.47
N LEU B 45 -22.76 14.03 -3.23
CA LEU B 45 -23.30 12.69 -3.02
C LEU B 45 -23.54 12.06 -4.39
N CYS B 46 -23.25 10.76 -4.49
CA CYS B 46 -23.53 9.99 -5.67
C CYS B 46 -24.58 8.91 -5.41
N PRO B 47 -25.57 8.76 -6.27
CA PRO B 47 -26.40 7.56 -6.24
C PRO B 47 -25.54 6.32 -6.35
N GLY B 48 -25.79 5.37 -5.47
CA GLY B 48 -24.96 4.19 -5.46
C GLY B 48 -25.77 2.98 -5.06
N SER B 49 -25.14 1.82 -5.23
CA SER B 49 -25.81 0.57 -4.92
C SER B 49 -26.14 0.45 -3.43
N ARG B 50 -25.33 1.00 -2.56
CA ARG B 50 -25.54 0.88 -1.12
C ARG B 50 -25.42 2.25 -0.47
N ASN B 51 -26.08 2.36 0.69
CA ASN B 51 -26.03 3.45 1.67
C ASN B 51 -27.27 4.35 1.62
N ALA B 52 -27.95 4.45 2.77
CA ALA B 52 -29.12 5.29 2.95
C ALA B 52 -29.04 6.15 4.21
N PRO B 53 -28.68 5.60 5.38
CA PRO B 53 -28.76 6.43 6.61
C PRO B 53 -27.86 7.65 6.59
N LEU B 54 -26.57 7.46 6.27
CA LEU B 54 -25.67 8.58 6.06
C LEU B 54 -26.37 9.65 5.23
N ALA B 55 -27.05 9.24 4.15
CA ALA B 55 -27.82 10.17 3.32
C ALA B 55 -29.04 10.74 4.04
N PHE B 56 -29.72 9.93 4.87
CA PHE B 56 -30.87 10.47 5.62
C PHE B 56 -30.44 11.61 6.54
N ALA B 57 -29.42 11.36 7.37
CA ALA B 57 -28.89 12.42 8.24
C ALA B 57 -28.52 13.66 7.44
N LEU B 58 -27.93 13.47 6.25
CA LEU B 58 -27.61 14.59 5.39
C LEU B 58 -28.85 15.25 4.81
N GLN B 59 -29.88 14.45 4.49
CA GLN B 59 -31.12 15.01 3.95
C GLN B 59 -31.79 15.95 4.93
N ASP B 60 -31.97 15.49 6.17
CA ASP B 60 -32.49 16.35 7.22
C ASP B 60 -31.74 17.67 7.28
N ALA B 61 -30.42 17.60 7.38
CA ALA B 61 -29.60 18.80 7.49
C ALA B 61 -29.77 19.70 6.26
N ASP B 62 -30.07 19.10 5.10
CA ASP B 62 -30.29 19.89 3.90
C ASP B 62 -31.66 20.55 3.90
N ARG B 63 -32.68 19.83 4.35
CA ARG B 63 -34.02 20.40 4.48
C ARG B 63 -34.00 21.61 5.41
N SER B 64 -33.25 21.52 6.50
CA SER B 64 -33.25 22.58 7.51
C SER B 64 -32.28 23.71 7.19
N GLY B 65 -31.64 23.68 6.02
CA GLY B 65 -30.75 24.76 5.63
C GLY B 65 -29.39 24.78 6.28
N ARG B 66 -29.04 23.73 7.02
CA ARG B 66 -27.73 23.70 7.68
C ARG B 66 -26.62 23.38 6.68
N ILE B 67 -26.86 22.40 5.80
CA ILE B 67 -25.96 22.13 4.69
C ILE B 67 -26.72 22.25 3.38
N ARG B 68 -25.95 22.32 2.31
CA ARG B 68 -26.38 22.26 0.92
C ARG B 68 -25.88 20.93 0.37
N LEU B 69 -26.78 20.04 -0.04
CA LEU B 69 -26.36 18.82 -0.72
C LEU B 69 -26.30 19.06 -2.22
N HIS B 70 -25.30 18.47 -2.86
CA HIS B 70 -25.23 18.39 -4.32
C HIS B 70 -25.19 16.93 -4.71
N VAL B 71 -25.98 16.55 -5.72
CA VAL B 71 -26.03 15.18 -6.18
C VAL B 71 -25.45 15.12 -7.58
N ARG B 72 -24.63 14.10 -7.83
CA ARG B 72 -24.03 13.85 -9.13
C ARG B 72 -23.99 12.35 -9.37
N ILE B 73 -24.07 11.97 -10.64
CA ILE B 73 -24.09 10.56 -10.99
C ILE B 73 -22.68 10.04 -11.26
N ASP B 74 -21.88 10.81 -12.00
CA ASP B 74 -20.50 10.44 -12.27
C ASP B 74 -19.66 10.70 -11.03
N GLU B 75 -19.08 9.62 -10.48
CA GLU B 75 -18.31 9.75 -9.25
C GLU B 75 -17.06 10.60 -9.44
N ARG B 76 -16.43 10.54 -10.62
CA ARG B 76 -15.28 11.40 -10.90
C ARG B 76 -15.69 12.87 -10.91
N THR B 77 -16.77 13.18 -11.63
CA THR B 77 -17.35 14.52 -11.60
C THR B 77 -17.61 15.00 -10.18
N ALA B 78 -18.13 14.11 -9.33
CA ALA B 78 -18.48 14.50 -7.97
C ALA B 78 -17.26 14.94 -7.19
N GLY B 79 -16.13 14.27 -7.39
CA GLY B 79 -14.92 14.65 -6.67
C GLY B 79 -14.45 16.04 -7.04
N TYR B 80 -14.47 16.37 -8.33
CA TYR B 80 -14.02 17.69 -8.77
C TYR B 80 -15.02 18.78 -8.44
N LEU B 81 -16.31 18.43 -8.38
CA LEU B 81 -17.29 19.38 -7.88
C LEU B 81 -16.97 19.77 -6.44
N ALA B 82 -16.61 18.78 -5.63
CA ALA B 82 -16.24 19.07 -4.24
C ALA B 82 -14.94 19.84 -4.15
N ILE B 83 -13.97 19.53 -5.03
CA ILE B 83 -12.78 20.38 -5.13
C ILE B 83 -13.18 21.82 -5.31
N GLY B 84 -14.06 22.10 -6.28
CA GLY B 84 -14.48 23.48 -6.51
C GLY B 84 -15.18 24.08 -5.32
N LEU B 85 -16.04 23.31 -4.66
CA LEU B 85 -16.76 23.83 -3.51
C LEU B 85 -15.82 24.15 -2.35
N ALA B 86 -14.65 23.51 -2.32
CA ALA B 86 -13.69 23.76 -1.25
C ALA B 86 -12.84 24.99 -1.54
N ILE B 87 -12.37 25.14 -2.79
CA ILE B 87 -11.47 26.24 -3.11
C ILE B 87 -12.19 27.54 -3.39
N GLY B 88 -13.52 27.51 -3.56
CA GLY B 88 -14.24 28.75 -3.85
C GLY B 88 -14.29 29.70 -2.65
N ALA B 89 -14.40 29.14 -1.44
CA ALA B 89 -14.45 29.98 -0.25
C ALA B 89 -13.67 29.39 0.92
N GLY B 90 -12.87 28.34 0.70
CA GLY B 90 -11.88 27.90 1.68
C GLY B 90 -12.35 26.89 2.70
N ALA B 91 -13.54 26.33 2.55
CA ALA B 91 -14.14 25.44 3.52
C ALA B 91 -13.82 23.98 3.24
N PRO B 92 -13.82 23.13 4.26
CA PRO B 92 -13.80 21.69 4.01
C PRO B 92 -15.11 21.25 3.37
N VAL B 93 -15.01 20.20 2.57
CA VAL B 93 -16.13 19.66 1.81
C VAL B 93 -16.10 18.14 1.89
N CYS B 94 -17.27 17.53 1.96
CA CYS B 94 -17.39 16.08 1.95
C CYS B 94 -17.90 15.58 0.60
N VAL B 95 -17.39 14.41 0.20
CA VAL B 95 -17.95 13.57 -0.85
C VAL B 95 -18.26 12.23 -0.21
N ALA B 96 -19.49 11.73 -0.40
CA ALA B 96 -19.93 10.49 0.22
C ALA B 96 -20.02 9.39 -0.83
N MET B 97 -19.09 8.44 -0.76
CA MET B 97 -19.05 7.33 -1.71
C MET B 97 -20.07 6.25 -1.38
N THR B 98 -20.45 5.50 -2.42
CA THR B 98 -21.51 4.49 -2.27
C THR B 98 -21.40 3.29 -3.20
N SER B 99 -20.23 2.93 -3.74
CA SER B 99 -20.24 1.85 -4.72
C SER B 99 -18.86 1.21 -4.87
N GLY B 100 -18.83 0.10 -5.61
CA GLY B 100 -17.60 -0.63 -5.81
C GLY B 100 -16.67 0.02 -6.81
N THR B 101 -17.20 0.91 -7.65
CA THR B 101 -16.39 1.71 -8.57
C THR B 101 -16.01 3.05 -7.98
N ALA B 102 -16.37 3.33 -6.74
CA ALA B 102 -16.34 4.68 -6.19
C ALA B 102 -14.93 5.12 -5.80
N VAL B 103 -14.22 4.32 -5.00
CA VAL B 103 -12.85 4.67 -4.63
C VAL B 103 -12.01 4.90 -5.88
N ALA B 104 -12.22 4.07 -6.90
CA ALA B 104 -11.42 4.16 -8.11
C ALA B 104 -11.77 5.39 -8.94
N ASN B 105 -13.05 5.79 -8.94
CA ASN B 105 -13.39 7.01 -9.64
C ASN B 105 -13.04 8.26 -8.86
N LEU B 106 -12.99 8.18 -7.52
CA LEU B 106 -12.61 9.35 -6.76
C LEU B 106 -11.12 9.61 -6.76
N GLY B 107 -10.32 8.67 -7.29
CA GLY B 107 -8.88 8.75 -7.29
C GLY B 107 -8.25 10.02 -7.86
N PRO B 108 -8.65 10.42 -9.07
CA PRO B 108 -8.06 11.64 -9.65
C PRO B 108 -8.28 12.87 -8.78
N ALA B 109 -9.44 12.98 -8.14
CA ALA B 109 -9.72 14.15 -7.31
C ALA B 109 -8.95 14.12 -6.01
N VAL B 110 -8.76 12.91 -5.44
CA VAL B 110 -7.95 12.79 -4.23
C VAL B 110 -6.50 13.17 -4.51
N VAL B 111 -5.98 12.77 -5.66
CA VAL B 111 -4.61 13.13 -6.03
C VAL B 111 -4.49 14.64 -6.21
N GLU B 112 -5.44 15.25 -6.92
CA GLU B 112 -5.47 16.71 -7.04
C GLU B 112 -5.57 17.38 -5.68
N ALA B 113 -6.43 16.86 -4.80
CA ALA B 113 -6.58 17.46 -3.48
C ALA B 113 -5.30 17.33 -2.67
N ASN B 114 -4.58 16.23 -2.85
CA ASN B 114 -3.33 16.02 -2.12
C ASN B 114 -2.27 17.04 -2.53
N TYR B 115 -2.03 17.19 -3.83
CA TYR B 115 -0.96 18.05 -4.29
C TYR B 115 -1.32 19.52 -4.24
N ALA B 116 -2.60 19.88 -4.28
CA ALA B 116 -3.02 21.27 -4.15
C ALA B 116 -3.44 21.64 -2.73
N ARG B 117 -3.39 20.68 -1.81
CA ARG B 117 -3.67 20.90 -0.38
C ARG B 117 -5.10 21.41 -0.17
N VAL B 118 -6.04 20.63 -0.68
CA VAL B 118 -7.47 20.97 -0.65
C VAL B 118 -8.14 20.09 0.40
N PRO B 119 -8.94 20.68 1.35
CA PRO B 119 -9.63 19.92 2.42
C PRO B 119 -10.84 19.13 1.93
N LEU B 120 -10.57 17.96 1.37
CA LEU B 120 -11.60 17.08 0.81
C LEU B 120 -11.78 15.88 1.73
N ILE B 121 -12.99 15.72 2.28
CA ILE B 121 -13.30 14.61 3.17
C ILE B 121 -14.08 13.57 2.37
N VAL B 122 -13.58 12.34 2.35
CA VAL B 122 -14.17 11.24 1.58
C VAL B 122 -14.84 10.29 2.56
N LEU B 123 -16.16 10.22 2.51
CA LEU B 123 -16.92 9.36 3.41
C LEU B 123 -17.20 8.01 2.77
N SER B 124 -16.82 6.94 3.47
CA SER B 124 -17.24 5.59 3.14
C SER B 124 -18.41 5.20 4.04
N PHE B 146 -6.54 4.46 -1.27
CA PHE B 146 -5.86 5.76 -1.40
C PHE B 146 -4.47 5.73 -0.84
N GLY B 147 -4.35 5.08 0.32
CA GLY B 147 -3.10 4.96 1.04
C GLY B 147 -2.37 6.28 1.18
N THR B 148 -1.28 6.37 0.40
CA THR B 148 -0.32 7.47 0.40
C THR B 148 -0.92 8.86 0.28
N GLN B 149 -2.03 9.00 -0.45
CA GLN B 149 -2.48 10.32 -0.88
C GLN B 149 -3.20 11.10 0.21
N VAL B 150 -3.67 10.43 1.25
CA VAL B 150 -4.53 11.08 2.22
C VAL B 150 -3.74 11.41 3.47
N ARG B 151 -4.22 12.43 4.19
CA ARG B 151 -3.60 12.85 5.43
C ARG B 151 -4.01 11.96 6.59
N ALA B 152 -5.16 11.29 6.48
CA ALA B 152 -5.62 10.40 7.52
C ALA B 152 -6.66 9.44 6.95
N SER B 153 -6.63 8.20 7.41
CA SER B 153 -7.63 7.19 7.08
C SER B 153 -8.25 6.75 8.41
N ILE B 154 -9.42 7.29 8.72
CA ILE B 154 -10.06 7.07 10.01
C ILE B 154 -11.27 6.16 9.80
N SER B 155 -11.39 5.14 10.65
CA SER B 155 -12.58 4.31 10.71
C SER B 155 -13.32 4.63 12.01
N LEU B 156 -14.60 4.99 11.87
CA LEU B 156 -15.41 5.14 13.06
C LEU B 156 -15.86 3.76 13.55
N GLY B 157 -16.13 3.67 14.84
CA GLY B 157 -16.62 2.43 15.39
C GLY B 157 -17.92 2.02 14.73
N LEU B 158 -18.02 0.75 14.37
CA LEU B 158 -19.34 0.21 14.08
C LEU B 158 -20.24 0.51 15.28
N ALA B 159 -21.44 1.03 15.01
CA ALA B 159 -22.30 1.44 16.10
C ALA B 159 -22.69 0.23 16.94
N GLU B 160 -22.58 0.38 18.26
CA GLU B 160 -22.95 -0.61 19.26
C GLU B 160 -24.31 -0.27 19.83
N ASP B 161 -25.19 -1.26 19.95
CA ASP B 161 -26.57 -0.97 20.35
C ASP B 161 -26.71 -1.05 21.87
N ALA B 162 -26.13 -0.07 22.55
CA ALA B 162 -26.43 0.05 23.97
C ALA B 162 -26.66 1.51 24.36
N PRO B 163 -27.92 1.91 24.58
CA PRO B 163 -28.18 3.29 25.03
C PRO B 163 -27.68 3.61 26.43
N GLU B 164 -27.18 2.61 27.15
CA GLU B 164 -26.51 2.86 28.42
C GLU B 164 -25.36 3.86 28.29
N ARG B 165 -24.57 3.75 27.22
CA ARG B 165 -23.28 4.42 27.15
C ARG B 165 -23.23 5.58 26.15
N THR B 166 -24.40 6.09 25.69
CA THR B 166 -24.67 7.14 24.69
C THR B 166 -24.07 8.52 25.02
N SER B 167 -23.49 8.76 26.20
CA SER B 167 -22.94 10.07 26.53
C SER B 167 -21.41 10.09 26.41
N ALA B 168 -20.78 8.98 26.77
CA ALA B 168 -19.37 8.79 26.50
C ALA B 168 -19.12 8.39 25.05
N LEU B 169 -20.08 7.75 24.41
CA LEU B 169 -19.86 7.30 23.04
C LEU B 169 -20.39 8.29 22.01
N ASN B 170 -21.12 9.32 22.45
CA ASN B 170 -21.21 10.54 21.67
C ASN B 170 -19.83 11.17 21.50
N ALA B 171 -19.10 11.29 22.61
CA ALA B 171 -17.84 12.05 22.64
C ALA B 171 -16.75 11.37 21.81
N THR B 172 -16.83 10.05 21.67
CA THR B 172 -15.90 9.33 20.81
C THR B 172 -16.13 9.67 19.35
N TRP B 173 -17.39 9.73 18.96
CA TRP B 173 -17.79 9.96 17.57
C TRP B 173 -17.44 11.36 17.12
N ARG B 174 -17.65 12.34 18.00
CA ARG B 174 -17.35 13.73 17.67
C ARG B 174 -15.85 14.00 17.69
N SER B 175 -15.13 13.39 18.63
CA SER B 175 -13.67 13.54 18.63
C SER B 175 -13.10 13.07 17.30
N ALA B 176 -13.46 11.87 16.88
CA ALA B 176 -12.99 11.33 15.60
C ALA B 176 -13.38 12.22 14.44
N THR B 177 -14.59 12.80 14.49
CA THR B 177 -15.00 13.71 13.42
C THR B 177 -14.16 14.98 13.45
N CYS B 178 -13.86 15.49 14.64
CA CYS B 178 -12.95 16.64 14.73
C CYS B 178 -11.54 16.27 14.32
N ARG B 179 -11.15 15.01 14.56
CA ARG B 179 -9.85 14.53 14.12
C ARG B 179 -9.78 14.52 12.59
N VAL B 180 -10.89 14.16 11.95
CA VAL B 180 -10.96 14.15 10.48
C VAL B 180 -10.88 15.57 9.94
N LEU B 181 -11.65 16.49 10.53
CA LEU B 181 -11.67 17.87 10.06
C LEU B 181 -10.31 18.52 10.22
N ALA B 182 -9.64 18.25 11.34
CA ALA B 182 -8.33 18.87 11.59
C ALA B 182 -7.29 18.36 10.59
N ALA B 183 -7.28 17.07 10.32
CA ALA B 183 -6.36 16.52 9.32
C ALA B 183 -6.63 17.10 7.94
N ALA B 184 -7.91 17.30 7.59
CA ALA B 184 -8.27 17.76 6.25
C ALA B 184 -7.96 19.23 6.05
N THR B 185 -8.22 20.06 7.07
CA THR B 185 -7.99 21.49 6.98
C THR B 185 -6.57 21.89 7.36
N GLY B 186 -5.76 20.96 7.83
CA GLY B 186 -4.42 21.29 8.28
C GLY B 186 -4.37 22.11 9.55
N ALA B 187 -5.33 21.88 10.47
CA ALA B 187 -5.44 22.74 11.65
C ALA B 187 -4.20 22.66 12.53
N ARG B 188 -3.59 21.48 12.63
CA ARG B 188 -2.38 21.33 13.43
C ARG B 188 -1.12 21.15 12.57
N THR B 189 -1.24 20.61 11.37
CA THR B 189 -0.08 20.35 10.51
C THR B 189 0.26 21.50 9.57
N ALA B 190 -0.70 22.40 9.33
CA ALA B 190 -0.60 23.40 8.26
C ALA B 190 -0.44 22.73 6.90
N ASN B 191 -1.00 21.55 6.71
CA ASN B 191 -0.85 20.81 5.45
C ASN B 191 -2.20 20.18 5.12
N ALA B 192 -3.13 21.03 4.69
CA ALA B 192 -4.45 20.59 4.27
C ALA B 192 -4.36 19.54 3.16
N GLY B 193 -5.42 18.76 3.04
CA GLY B 193 -5.48 17.71 2.05
C GLY B 193 -6.67 16.80 2.26
N PRO B 194 -6.75 15.75 1.46
CA PRO B 194 -7.89 14.84 1.54
C PRO B 194 -7.77 13.87 2.70
N VAL B 195 -8.92 13.54 3.28
CA VAL B 195 -9.03 12.59 4.38
C VAL B 195 -10.11 11.56 4.04
N HIS B 196 -9.89 10.33 4.47
CA HIS B 196 -10.82 9.23 4.25
C HIS B 196 -11.43 8.82 5.59
N PHE B 197 -12.76 8.91 5.68
CA PHE B 197 -13.53 8.81 6.93
C PHE B 197 -14.56 7.69 6.74
N ASP B 198 -14.41 6.60 7.51
CA ASP B 198 -15.27 5.43 7.33
C ASP B 198 -16.33 5.36 8.42
N ILE B 199 -17.57 5.18 8.00
CA ILE B 199 -18.70 4.85 8.86
C ILE B 199 -19.34 3.58 8.30
N PRO B 200 -19.18 2.41 8.94
CA PRO B 200 -19.62 1.16 8.32
C PRO B 200 -21.01 0.69 8.78
N THR B 216 -29.89 11.87 18.75
CA THR B 216 -29.68 13.32 18.86
C THR B 216 -28.77 13.88 19.97
N PRO B 217 -27.90 13.10 20.60
CA PRO B 217 -27.12 13.62 21.76
C PRO B 217 -26.33 14.86 21.39
N PRO B 218 -26.33 15.86 22.26
CA PRO B 218 -25.84 17.17 21.84
C PRO B 218 -24.32 17.20 21.75
N GLY B 219 -23.80 18.26 21.13
CA GLY B 219 -22.41 18.61 21.20
C GLY B 219 -22.14 19.73 22.18
N ARG B 220 -20.93 20.29 22.08
CA ARG B 220 -20.57 21.44 22.89
C ARG B 220 -21.66 22.51 22.79
N PRO B 221 -21.87 23.28 23.85
CA PRO B 221 -22.81 24.39 23.73
C PRO B 221 -22.25 25.45 22.80
N ALA B 222 -23.15 26.31 22.33
CA ALA B 222 -22.86 27.39 21.40
C ALA B 222 -22.44 26.89 20.03
N GLY B 223 -22.76 25.65 19.67
CA GLY B 223 -22.33 25.13 18.40
C GLY B 223 -20.84 24.89 18.28
N LYS B 224 -20.07 25.13 19.34
CA LYS B 224 -18.63 24.95 19.28
C LYS B 224 -18.29 23.53 18.85
N PRO B 225 -17.23 23.34 18.06
CA PRO B 225 -16.79 21.98 17.78
C PRO B 225 -16.36 21.32 19.08
N TRP B 226 -16.44 20.00 19.09
CA TRP B 226 -16.19 19.23 20.29
C TRP B 226 -14.77 19.41 20.78
N THR B 227 -13.80 19.11 19.91
CA THR B 227 -12.40 19.26 20.21
C THR B 227 -11.91 20.49 19.45
N TYR B 228 -11.80 21.60 20.17
CA TYR B 228 -11.36 22.85 19.56
C TYR B 228 -9.85 22.81 19.31
N THR B 229 -9.45 23.06 18.07
CA THR B 229 -8.05 23.24 17.71
C THR B 229 -7.90 24.61 17.06
N PRO B 230 -7.39 25.62 17.77
CA PRO B 230 -7.20 26.93 17.13
C PRO B 230 -6.23 26.80 15.98
N PRO B 231 -6.60 27.26 14.77
CA PRO B 231 -5.67 27.26 13.65
C PRO B 231 -4.25 27.62 14.05
N VAL B 232 -3.31 26.90 13.51
CA VAL B 232 -1.93 26.90 13.97
C VAL B 232 -1.13 28.01 13.29
N THR B 233 -0.07 28.48 13.94
CA THR B 233 0.93 29.33 13.32
C THR B 233 2.21 28.52 13.17
N PHE B 234 2.56 28.23 11.92
CA PHE B 234 3.81 27.59 11.58
CA PHE B 234 3.80 27.58 11.56
C PHE B 234 4.79 28.64 11.08
N ASP B 235 6.02 28.62 11.61
CA ASP B 235 6.89 29.77 11.45
C ASP B 235 8.35 29.36 11.47
N GLN B 236 9.11 29.85 10.50
CA GLN B 236 10.49 29.40 10.24
C GLN B 236 11.22 30.49 9.51
N PRO B 237 11.67 31.53 10.22
CA PRO B 237 12.24 32.70 9.56
C PRO B 237 13.56 32.39 8.87
N LEU B 238 13.82 33.12 7.79
CA LEU B 238 15.00 32.91 6.95
C LEU B 238 15.66 34.25 6.65
N ASP B 239 16.97 34.34 6.88
CA ASP B 239 17.72 35.56 6.63
C ASP B 239 18.02 35.71 5.14
N ILE B 240 17.59 36.82 4.55
CA ILE B 240 17.78 37.07 3.12
C ILE B 240 18.21 38.53 2.93
N ASP B 241 19.31 38.73 2.20
CA ASP B 241 19.82 40.07 1.90
C ASP B 241 19.25 40.53 0.56
N LEU B 242 18.48 41.61 0.59
CA LEU B 242 17.79 42.09 -0.60
C LEU B 242 18.64 43.03 -1.45
N SER B 243 19.90 43.28 -1.08
CA SER B 243 20.77 44.07 -1.96
C SER B 243 21.39 43.19 -3.04
N VAL B 244 21.54 41.90 -2.78
CA VAL B 244 21.76 40.94 -3.85
C VAL B 244 20.56 40.99 -4.80
N ASP B 245 20.84 40.96 -6.11
CA ASP B 245 19.78 41.11 -7.12
C ASP B 245 18.81 39.93 -7.03
N THR B 246 17.60 40.21 -6.57
CA THR B 246 16.64 39.17 -6.25
C THR B 246 15.41 39.27 -7.16
N VAL B 247 14.96 38.13 -7.65
CA VAL B 247 13.64 38.00 -8.25
C VAL B 247 12.83 37.04 -7.39
N VAL B 248 11.54 37.32 -7.25
CA VAL B 248 10.59 36.46 -6.56
C VAL B 248 9.85 35.64 -7.62
N ILE B 249 9.81 34.32 -7.45
CA ILE B 249 8.98 33.45 -8.27
C ILE B 249 7.81 32.97 -7.40
N SER B 250 6.59 33.36 -7.78
CA SER B 250 5.40 33.03 -7.00
C SER B 250 4.59 31.93 -7.69
N GLY B 251 4.43 30.81 -7.00
CA GLY B 251 3.66 29.70 -7.54
C GLY B 251 2.42 29.38 -6.74
N HIS B 252 1.78 28.26 -7.08
CA HIS B 252 0.57 27.83 -6.43
C HIS B 252 0.80 27.61 -4.94
N GLY B 253 -0.14 28.10 -4.13
CA GLY B 253 -0.06 27.96 -2.69
C GLY B 253 0.86 28.95 -2.01
N ALA B 254 1.27 30.00 -2.70
CA ALA B 254 2.22 30.95 -2.13
C ALA B 254 1.56 31.82 -1.09
N GLY B 255 2.33 32.17 -0.06
CA GLY B 255 1.91 33.14 0.92
C GLY B 255 2.05 34.56 0.42
N VAL B 256 1.61 35.48 1.26
CA VAL B 256 1.72 36.92 1.04
C VAL B 256 2.83 37.44 1.94
N HIS B 257 3.75 38.22 1.37
CA HIS B 257 4.94 38.67 2.11
C HIS B 257 5.13 40.17 1.91
N PRO B 258 4.64 40.98 2.85
CA PRO B 258 4.79 42.44 2.70
C PRO B 258 6.23 42.90 2.55
N ASN B 259 7.17 42.28 3.25
CA ASN B 259 8.57 42.71 3.16
C ASN B 259 9.24 42.31 1.85
N LEU B 260 8.53 41.64 0.94
CA LEU B 260 9.05 41.32 -0.37
C LEU B 260 8.30 42.06 -1.47
N ALA B 261 7.43 43.01 -1.09
CA ALA B 261 6.49 43.62 -2.03
C ALA B 261 7.19 44.43 -3.12
N ALA B 262 8.39 44.96 -2.83
CA ALA B 262 9.04 45.81 -3.81
C ALA B 262 9.83 45.04 -4.85
N LEU B 263 10.07 43.75 -4.63
CA LEU B 263 10.95 42.99 -5.52
C LEU B 263 10.24 42.61 -6.81
N PRO B 264 10.98 42.49 -7.91
CA PRO B 264 10.38 41.98 -9.16
C PRO B 264 9.88 40.56 -8.97
N THR B 265 8.64 40.33 -9.38
CA THR B 265 7.90 39.13 -8.98
C THR B 265 7.24 38.49 -10.20
N VAL B 266 7.68 37.27 -10.55
CA VAL B 266 7.03 36.46 -11.57
C VAL B 266 5.96 35.62 -10.87
N ALA B 267 4.71 36.05 -10.95
CA ALA B 267 3.62 35.42 -10.21
C ALA B 267 2.73 34.63 -11.15
N GLU B 268 2.65 33.32 -10.93
CA GLU B 268 1.64 32.51 -11.58
C GLU B 268 0.25 33.04 -11.25
N PRO B 269 -0.73 32.81 -12.13
CA PRO B 269 -2.05 33.45 -11.94
C PRO B 269 -2.77 33.08 -10.64
N THR B 270 -2.48 31.92 -10.02
CA THR B 270 -3.13 31.54 -8.77
C THR B 270 -2.37 32.03 -7.55
N ALA B 271 -1.23 32.68 -7.73
CA ALA B 271 -0.47 33.17 -6.59
C ALA B 271 -0.99 34.54 -6.18
N PRO B 272 -1.23 34.76 -4.88
CA PRO B 272 -1.60 36.11 -4.44
C PRO B 272 -0.40 37.04 -4.55
N ARG B 273 -0.63 38.22 -5.14
CA ARG B 273 0.39 39.26 -5.24
C ARG B 273 0.66 39.89 -3.89
N SER B 274 1.93 39.92 -3.49
CA SER B 274 2.31 40.69 -2.31
C SER B 274 2.51 42.17 -2.62
N GLY B 275 2.82 42.52 -3.87
CA GLY B 275 3.25 43.86 -4.18
C GLY B 275 2.83 44.37 -5.54
N ASP B 276 3.52 45.39 -6.04
CA ASP B 276 3.13 46.12 -7.25
C ASP B 276 4.25 46.19 -8.28
N ASN B 277 5.14 45.19 -8.29
CA ASN B 277 6.30 45.21 -9.19
C ASN B 277 6.34 43.92 -10.01
N PRO B 278 5.37 43.72 -10.91
CA PRO B 278 5.32 42.48 -11.68
C PRO B 278 6.45 42.39 -12.71
N LEU B 279 6.90 41.16 -12.96
CA LEU B 279 7.91 40.87 -13.96
C LEU B 279 7.39 39.76 -14.86
N HIS B 280 7.24 40.07 -16.15
CA HIS B 280 6.66 39.13 -17.09
C HIS B 280 7.54 37.88 -17.23
N PRO B 281 6.95 36.69 -17.35
CA PRO B 281 7.77 35.48 -17.42
C PRO B 281 8.71 35.47 -18.62
N LEU B 282 8.32 36.08 -19.74
CA LEU B 282 9.18 36.08 -20.91
C LEU B 282 10.36 37.03 -20.77
N ALA B 283 10.31 37.95 -19.81
CA ALA B 283 11.45 38.81 -19.55
C ALA B 283 12.54 38.08 -18.76
N LEU B 284 12.17 37.01 -18.06
CA LEU B 284 13.10 36.34 -17.15
C LEU B 284 14.40 35.89 -17.82
N PRO B 285 14.36 35.22 -18.99
CA PRO B 285 15.64 34.86 -19.62
C PRO B 285 16.47 36.04 -20.07
N LEU B 286 15.92 37.25 -20.06
CA LEU B 286 16.69 38.44 -20.41
C LEU B 286 17.32 39.11 -19.19
N LEU B 287 17.29 38.45 -18.04
CA LEU B 287 17.86 38.99 -16.81
C LEU B 287 18.74 37.94 -16.15
N ARG B 288 19.69 38.42 -15.33
CA ARG B 288 20.52 37.55 -14.48
C ARG B 288 20.18 37.85 -13.02
N PRO B 289 19.25 37.11 -12.43
CA PRO B 289 19.10 37.17 -10.97
C PRO B 289 20.31 36.55 -10.31
N GLN B 290 20.85 37.25 -9.31
CA GLN B 290 21.86 36.66 -8.47
C GLN B 290 21.27 35.75 -7.39
N GLN B 291 19.93 35.73 -7.26
CA GLN B 291 19.28 35.18 -6.08
C GLN B 291 17.79 35.05 -6.37
N VAL B 292 17.19 33.95 -5.93
CA VAL B 292 15.78 33.69 -6.18
C VAL B 292 15.08 33.38 -4.88
N ILE B 293 13.92 34.00 -4.69
CA ILE B 293 12.98 33.65 -3.63
C ILE B 293 11.80 32.95 -4.30
N MET B 294 11.59 31.68 -3.94
CA MET B 294 10.53 30.86 -4.51
C MET B 294 9.41 30.72 -3.49
N LEU B 295 8.24 31.24 -3.83
CA LEU B 295 7.07 31.18 -2.96
C LEU B 295 6.13 30.10 -3.48
N GLY B 296 5.75 29.18 -2.59
CA GLY B 296 4.84 28.14 -3.03
C GLY B 296 5.51 27.11 -3.93
N ARG B 297 4.71 26.56 -4.84
CA ARG B 297 5.15 25.50 -5.75
C ARG B 297 4.91 25.96 -7.19
N PRO B 298 5.85 26.70 -7.77
CA PRO B 298 5.66 27.12 -9.16
C PRO B 298 5.93 25.97 -10.12
N THR B 299 5.10 25.86 -11.16
CA THR B 299 5.31 24.85 -12.19
C THR B 299 5.15 25.37 -13.61
N LEU B 300 4.81 26.65 -13.82
CA LEU B 300 4.23 27.05 -15.09
C LEU B 300 5.26 27.10 -16.22
N HIS B 301 6.32 27.88 -16.08
CA HIS B 301 7.11 28.22 -17.26
C HIS B 301 8.47 27.54 -17.30
N ARG B 302 8.85 27.15 -18.51
CA ARG B 302 10.18 26.58 -18.72
C ARG B 302 11.31 27.55 -18.38
N PRO B 303 11.24 28.87 -18.67
CA PRO B 303 12.31 29.75 -18.16
C PRO B 303 12.42 29.70 -16.65
N VAL B 304 11.29 29.58 -15.96
CA VAL B 304 11.32 29.46 -14.51
C VAL B 304 11.99 28.16 -14.09
N SER B 305 11.63 27.05 -14.75
CA SER B 305 12.27 25.77 -14.45
C SER B 305 13.77 25.82 -14.73
N VAL B 306 14.17 26.53 -15.79
CA VAL B 306 15.59 26.65 -16.11
C VAL B 306 16.31 27.40 -15.01
N LEU B 307 15.78 28.57 -14.63
CA LEU B 307 16.39 29.38 -13.58
C LEU B 307 16.46 28.63 -12.25
N LEU B 308 15.32 28.10 -11.80
CA LEU B 308 15.30 27.31 -10.58
C LEU B 308 16.30 26.17 -10.65
N ALA B 309 16.53 25.63 -11.85
CA ALA B 309 17.50 24.55 -12.01
C ALA B 309 18.93 25.05 -11.87
N ASP B 310 19.18 26.32 -12.19
CA ASP B 310 20.55 26.82 -12.31
C ASP B 310 21.30 26.70 -10.99
N ALA B 311 22.43 25.99 -11.04
CA ALA B 311 23.27 25.74 -9.87
C ALA B 311 24.04 26.97 -9.42
N GLU B 312 24.21 27.98 -10.27
CA GLU B 312 24.91 29.20 -9.88
C GLU B 312 24.05 30.16 -9.08
N VAL B 313 22.75 29.92 -9.00
CA VAL B 313 21.83 30.91 -8.47
C VAL B 313 21.21 30.35 -7.18
N PRO B 314 21.51 30.91 -6.02
CA PRO B 314 20.90 30.43 -4.79
C PRO B 314 19.39 30.64 -4.79
N VAL B 315 18.68 29.62 -4.31
CA VAL B 315 17.23 29.61 -4.26
C VAL B 315 16.81 29.47 -2.80
N PHE B 316 15.93 30.36 -2.36
CA PHE B 316 15.35 30.31 -1.02
C PHE B 316 13.86 29.98 -1.18
N ALA B 317 13.45 28.83 -0.64
CA ALA B 317 12.05 28.41 -0.74
C ALA B 317 11.28 28.86 0.50
N LEU B 318 10.25 29.69 0.31
CA LEU B 318 9.36 30.09 1.38
C LEU B 318 7.96 29.56 1.08
N THR B 319 7.45 28.72 1.99
CA THR B 319 6.16 28.07 1.84
C THR B 319 5.27 28.43 3.03
N THR B 320 3.97 28.12 2.90
CA THR B 320 3.04 28.29 4.02
C THR B 320 2.83 27.01 4.82
N GLY B 321 3.19 25.85 4.27
CA GLY B 321 3.09 24.60 4.99
C GLY B 321 4.43 23.88 5.06
N PRO B 322 4.43 22.67 5.63
CA PRO B 322 5.68 21.93 5.79
C PRO B 322 6.33 21.46 4.49
N ARG B 323 5.59 21.31 3.40
CA ARG B 323 6.18 20.81 2.16
C ARG B 323 7.01 21.90 1.48
N TRP B 324 8.08 21.47 0.79
CA TRP B 324 8.81 22.42 -0.04
C TRP B 324 9.25 21.78 -1.35
N PRO B 325 9.20 22.55 -2.44
CA PRO B 325 9.64 22.04 -3.74
C PRO B 325 11.10 22.34 -4.06
N ASP B 326 11.61 21.61 -5.05
CA ASP B 326 12.90 21.89 -5.67
C ASP B 326 12.78 21.66 -7.17
N VAL B 327 13.68 22.29 -7.92
CA VAL B 327 13.94 21.90 -9.31
C VAL B 327 15.42 21.52 -9.38
N SER B 328 15.66 20.23 -9.64
CA SER B 328 17.01 19.66 -9.74
C SER B 328 17.79 19.81 -8.44
N GLY B 329 17.09 19.60 -7.31
CA GLY B 329 17.71 19.68 -5.99
C GLY B 329 18.53 20.93 -5.73
N ASN B 330 18.13 22.06 -6.34
CA ASN B 330 18.99 23.24 -6.32
C ASN B 330 18.90 24.03 -5.02
N SER B 331 17.81 23.84 -4.26
CA SER B 331 17.43 24.74 -3.17
C SER B 331 18.47 24.80 -2.04
N GLN B 332 18.87 26.02 -1.69
CA GLN B 332 19.85 26.28 -0.63
C GLN B 332 19.22 26.33 0.77
N ALA B 333 17.96 26.76 0.90
CA ALA B 333 17.35 26.94 2.21
C ALA B 333 15.83 26.97 2.10
N THR B 334 15.14 26.60 3.19
CA THR B 334 13.67 26.63 3.29
C THR B 334 13.23 27.37 4.54
N GLY B 335 12.18 28.17 4.38
CA GLY B 335 11.52 28.79 5.51
C GLY B 335 10.07 29.07 5.24
N THR B 336 9.49 29.92 6.08
CA THR B 336 8.14 30.41 5.88
C THR B 336 8.05 31.92 5.70
N ARG B 337 9.05 32.67 6.12
CA ARG B 337 9.05 34.10 5.96
C ARG B 337 10.49 34.58 5.93
N ALA B 338 10.67 35.78 5.39
CA ALA B 338 11.98 36.38 5.24
C ALA B 338 12.20 37.39 6.35
N VAL B 339 13.33 37.28 7.02
CA VAL B 339 13.88 38.38 7.81
C VAL B 339 14.91 39.04 6.92
N THR B 340 14.61 40.23 6.43
CA THR B 340 15.41 40.84 5.37
C THR B 340 16.35 41.90 5.91
N THR B 341 17.55 41.93 5.34
CA THR B 341 18.44 43.07 5.39
C THR B 341 18.56 43.67 3.99
N GLY B 342 18.62 45.00 3.92
CA GLY B 342 18.93 45.69 2.69
C GLY B 342 17.71 46.09 1.88
N ALA B 343 17.99 46.50 0.65
CA ALA B 343 16.97 46.92 -0.28
C ALA B 343 17.48 46.66 -1.69
N PRO B 344 16.59 46.46 -2.66
CA PRO B 344 17.05 46.21 -4.03
C PRO B 344 17.77 47.42 -4.62
N ARG B 345 18.91 47.15 -5.24
CA ARG B 345 19.65 48.18 -5.94
C ARG B 345 18.77 48.80 -7.02
N PRO B 346 18.73 50.13 -7.14
CA PRO B 346 17.84 50.74 -8.16
C PRO B 346 18.11 50.28 -9.57
N ALA B 347 19.38 50.01 -9.91
CA ALA B 347 19.70 49.54 -11.26
C ALA B 347 19.07 48.19 -11.55
N TRP B 348 18.88 47.36 -10.51
CA TRP B 348 18.23 46.07 -10.72
C TRP B 348 16.74 46.24 -11.01
N LEU B 349 16.07 47.11 -10.26
CA LEU B 349 14.65 47.38 -10.53
C LEU B 349 14.46 48.02 -11.89
N ASP B 350 15.42 48.86 -12.33
CA ASP B 350 15.35 49.46 -13.66
C ASP B 350 15.43 48.40 -14.75
N ARG B 351 16.42 47.51 -14.63
CA ARG B 351 16.60 46.44 -15.62
C ARG B 351 15.37 45.57 -15.69
N CYS B 352 14.83 45.19 -14.52
CA CYS B 352 13.67 44.32 -14.48
C CYS B 352 12.44 45.01 -15.08
N ALA B 353 12.22 46.27 -14.72
CA ALA B 353 11.09 47.00 -15.28
C ALA B 353 11.23 47.19 -16.78
N ALA B 354 12.45 47.39 -17.28
CA ALA B 354 12.65 47.61 -18.71
C ALA B 354 12.41 46.34 -19.51
N MET B 355 12.89 45.19 -19.01
CA MET B 355 12.60 43.94 -19.69
C MET B 355 11.13 43.55 -19.55
N ASN B 356 10.49 43.92 -18.44
CA ASN B 356 9.06 43.66 -18.30
C ASN B 356 8.27 44.40 -19.38
N ARG B 357 8.65 45.66 -19.64
CA ARG B 357 7.98 46.45 -20.68
C ARG B 357 8.16 45.83 -22.05
N HIS B 358 9.38 45.37 -22.35
CA HIS B 358 9.61 44.83 -23.68
C HIS B 358 8.87 43.51 -23.87
N ALA B 359 8.76 42.72 -22.81
CA ALA B 359 7.94 41.52 -22.85
C ALA B 359 6.48 41.87 -23.11
N ILE B 360 5.94 42.80 -22.32
CA ILE B 360 4.53 43.19 -22.48
C ILE B 360 4.29 43.78 -23.87
N ALA B 361 5.21 44.64 -24.33
CA ALA B 361 5.03 45.25 -25.63
C ALA B 361 5.09 44.22 -26.75
N ALA B 362 6.03 43.28 -26.66
CA ALA B 362 6.13 42.23 -27.67
C ALA B 362 4.87 41.39 -27.76
N VAL B 363 4.24 41.10 -26.61
CA VAL B 363 3.02 40.30 -26.66
C VAL B 363 1.89 41.07 -27.31
N ARG B 364 1.62 42.29 -26.83
CA ARG B 364 0.46 43.04 -27.32
C ARG B 364 0.63 43.45 -28.78
N GLU B 365 1.84 43.86 -29.17
CA GLU B 365 2.06 44.25 -30.56
C GLU B 365 1.87 43.05 -31.49
N GLN B 366 2.49 41.93 -31.18
CA GLN B 366 2.44 40.78 -32.07
C GLN B 366 1.06 40.11 -32.09
N LEU B 367 0.28 40.28 -31.03
CA LEU B 367 -1.12 39.87 -31.10
C LEU B 367 -1.88 40.73 -32.09
N ALA B 368 -1.57 42.03 -32.12
CA ALA B 368 -2.28 42.93 -33.02
C ALA B 368 -1.87 42.70 -34.47
N ALA B 369 -0.58 42.42 -34.71
CA ALA B 369 -0.09 42.12 -36.04
C ALA B 369 -0.39 40.70 -36.49
N HIS B 370 -1.12 39.94 -35.71
CA HIS B 370 -1.44 38.57 -36.06
C HIS B 370 -2.87 38.50 -36.55
N PRO B 371 -3.17 38.01 -37.76
CA PRO B 371 -4.57 38.08 -38.20
C PRO B 371 -5.49 37.05 -37.56
N LEU B 372 -5.11 35.77 -37.55
CA LEU B 372 -5.99 34.74 -37.03
C LEU B 372 -6.05 34.76 -35.51
N THR B 373 -7.26 34.58 -34.98
CA THR B 373 -7.46 34.50 -33.54
C THR B 373 -6.91 33.18 -33.01
N THR B 374 -5.99 33.27 -32.04
CA THR B 374 -5.43 32.15 -31.30
C THR B 374 -6.05 32.08 -29.91
N GLY B 375 -5.67 31.04 -29.16
CA GLY B 375 -6.05 30.97 -27.76
C GLY B 375 -5.42 32.07 -26.93
N LEU B 376 -4.28 32.61 -27.37
CA LEU B 376 -3.67 33.71 -26.64
C LEU B 376 -4.48 34.99 -26.80
N HIS B 377 -5.13 35.17 -27.96
CA HIS B 377 -6.06 36.28 -28.13
C HIS B 377 -7.26 36.14 -27.20
N VAL B 378 -7.78 34.93 -27.04
CA VAL B 378 -8.93 34.70 -26.17
C VAL B 378 -8.57 35.01 -24.73
N ALA B 379 -7.42 34.51 -24.27
CA ALA B 379 -6.97 34.77 -22.91
C ALA B 379 -6.78 36.27 -22.69
N ALA B 380 -6.19 36.96 -23.67
CA ALA B 380 -6.06 38.41 -23.59
C ALA B 380 -7.41 39.09 -23.41
N ALA B 381 -8.40 38.67 -24.20
CA ALA B 381 -9.71 39.31 -24.13
C ALA B 381 -10.37 39.04 -22.78
N VAL B 382 -10.26 37.82 -22.27
CA VAL B 382 -10.83 37.50 -20.96
C VAL B 382 -10.11 38.30 -19.88
N SER B 383 -8.78 38.42 -20.00
CA SER B 383 -8.02 39.23 -19.04
C SER B 383 -8.52 40.67 -19.02
N HIS B 384 -8.74 41.27 -20.19
CA HIS B 384 -9.14 42.67 -20.26
CA HIS B 384 -9.13 42.67 -20.22
C HIS B 384 -10.54 42.90 -19.72
N ALA B 385 -11.36 41.84 -19.59
CA ALA B 385 -12.73 41.98 -19.13
C ALA B 385 -12.90 41.75 -17.64
N LEU B 386 -11.88 41.23 -16.95
CA LEU B 386 -12.03 40.95 -15.53
C LEU B 386 -12.13 42.26 -14.73
N ARG B 387 -12.71 42.14 -13.54
CA ARG B 387 -13.01 43.27 -12.67
C ARG B 387 -12.79 42.83 -11.24
N PRO B 388 -12.44 43.75 -10.33
CA PRO B 388 -12.26 43.36 -8.93
C PRO B 388 -13.52 42.73 -8.38
N GLY B 389 -13.35 41.63 -7.65
CA GLY B 389 -14.46 40.88 -7.12
C GLY B 389 -14.81 39.63 -7.93
N ASP B 390 -14.41 39.60 -9.21
CA ASP B 390 -14.59 38.41 -10.02
C ASP B 390 -13.81 37.23 -9.46
N GLN B 391 -14.30 36.03 -9.74
CA GLN B 391 -13.53 34.80 -9.59
C GLN B 391 -13.20 34.28 -10.99
N LEU B 392 -11.93 33.95 -11.21
CA LEU B 392 -11.48 33.37 -12.47
C LEU B 392 -11.06 31.93 -12.23
N VAL B 393 -11.53 31.02 -13.08
CA VAL B 393 -11.17 29.61 -13.01
C VAL B 393 -10.49 29.23 -14.33
N LEU B 394 -9.29 28.66 -14.23
CA LEU B 394 -8.47 28.39 -15.40
C LEU B 394 -8.23 26.88 -15.55
N GLY B 395 -8.53 26.37 -16.74
CA GLY B 395 -8.12 25.02 -17.07
C GLY B 395 -6.61 24.88 -17.05
N ALA B 396 -6.14 23.67 -16.76
CA ALA B 396 -4.79 23.49 -16.24
C ALA B 396 -3.70 23.43 -17.29
N SER B 397 -4.02 23.45 -18.59
CA SER B 397 -2.92 23.45 -19.55
C SER B 397 -2.70 24.84 -20.17
N ASN B 398 -3.21 25.08 -21.37
CA ASN B 398 -2.99 26.35 -22.08
C ASN B 398 -3.63 27.57 -21.43
N PRO B 399 -4.87 27.49 -20.88
CA PRO B 399 -5.48 28.71 -20.32
C PRO B 399 -4.64 29.38 -19.24
N VAL B 400 -4.06 28.62 -18.32
CA VAL B 400 -3.29 29.25 -17.25
C VAL B 400 -1.98 29.78 -17.79
N ARG B 401 -1.36 29.07 -18.74
CA ARG B 401 -0.18 29.61 -19.41
C ARG B 401 -0.51 30.87 -20.21
N ASP B 402 -1.60 30.84 -20.98
CA ASP B 402 -1.91 31.97 -21.85
C ASP B 402 -2.31 33.21 -21.06
N VAL B 403 -2.96 33.04 -19.91
CA VAL B 403 -3.30 34.18 -19.07
C VAL B 403 -2.05 34.82 -18.48
N ALA B 404 -1.10 33.99 -18.01
CA ALA B 404 0.18 34.54 -17.58
C ALA B 404 0.86 35.30 -18.71
N LEU B 405 0.85 34.73 -19.92
CA LEU B 405 1.48 35.40 -21.06
C LEU B 405 0.78 36.70 -21.41
N ALA B 406 -0.54 36.74 -21.28
CA ALA B 406 -1.27 37.94 -21.68
C ALA B 406 -1.21 39.03 -20.63
N GLY B 407 -0.75 38.73 -19.41
CA GLY B 407 -0.36 39.76 -18.47
C GLY B 407 -1.35 40.11 -17.38
N LEU B 408 -2.32 39.24 -17.09
CA LEU B 408 -3.35 39.49 -16.09
C LEU B 408 -2.78 40.09 -14.80
N ASP B 409 -3.33 41.24 -14.40
CA ASP B 409 -3.14 41.77 -13.06
C ASP B 409 -4.21 41.15 -12.18
N THR B 410 -3.79 40.26 -11.26
CA THR B 410 -4.72 39.43 -10.51
C THR B 410 -5.23 40.09 -9.23
N ARG B 411 -4.81 41.31 -8.92
CA ARG B 411 -5.20 41.90 -7.64
C ARG B 411 -6.67 42.28 -7.64
N GLY B 412 -7.37 41.87 -6.59
CA GLY B 412 -8.82 41.92 -6.55
C GLY B 412 -9.50 40.69 -7.08
N ILE B 413 -8.79 39.83 -7.80
CA ILE B 413 -9.34 38.66 -8.47
C ILE B 413 -9.00 37.41 -7.66
N ARG B 414 -9.99 36.52 -7.49
CA ARG B 414 -9.76 35.20 -6.93
C ARG B 414 -9.57 34.23 -8.10
N VAL B 415 -8.34 33.77 -8.29
CA VAL B 415 -7.98 32.94 -9.43
C VAL B 415 -7.81 31.49 -8.95
N ARG B 416 -8.60 30.58 -9.52
CA ARG B 416 -8.55 29.17 -9.18
C ARG B 416 -8.02 28.37 -10.36
N SER B 417 -7.26 27.31 -10.06
CA SER B 417 -6.86 26.35 -11.07
C SER B 417 -6.38 25.10 -10.36
N ASN B 418 -6.63 23.95 -10.97
CA ASN B 418 -6.25 22.66 -10.39
C ASN B 418 -4.79 22.37 -10.70
N ARG B 419 -3.91 23.14 -10.05
CA ARG B 419 -2.48 23.07 -10.33
C ARG B 419 -1.76 21.96 -9.56
N GLY B 420 -2.49 21.13 -8.79
CA GLY B 420 -1.83 20.07 -8.04
C GLY B 420 -1.14 19.06 -8.95
N VAL B 421 -1.89 18.54 -9.93
CA VAL B 421 -1.32 17.72 -10.99
C VAL B 421 -1.60 18.28 -12.36
N ALA B 422 -2.26 19.42 -12.46
CA ALA B 422 -2.47 20.13 -13.72
C ALA B 422 -3.14 19.22 -14.75
N GLY B 423 -4.18 18.53 -14.33
CA GLY B 423 -4.86 17.62 -15.22
C GLY B 423 -6.00 18.30 -15.95
N ILE B 424 -6.29 17.77 -17.14
CA ILE B 424 -7.43 18.22 -17.92
C ILE B 424 -8.74 17.92 -17.20
N ASP B 425 -8.76 16.88 -16.35
CA ASP B 425 -10.00 16.39 -15.78
C ASP B 425 -10.69 17.46 -14.92
N GLY B 426 -12.02 17.37 -14.91
CA GLY B 426 -12.84 17.94 -13.87
C GLY B 426 -12.97 19.44 -13.84
N THR B 427 -12.51 20.15 -14.87
CA THR B 427 -12.49 21.60 -14.78
C THR B 427 -13.91 22.19 -14.81
N VAL B 428 -14.82 21.59 -15.59
CA VAL B 428 -16.19 22.11 -15.62
C VAL B 428 -16.82 22.03 -14.23
N SER B 429 -16.73 20.86 -13.60
CA SER B 429 -17.31 20.72 -12.26
C SER B 429 -16.55 21.54 -11.23
N THR B 430 -15.22 21.68 -11.38
CA THR B 430 -14.48 22.53 -10.45
C THR B 430 -14.93 23.98 -10.56
N ALA B 431 -15.12 24.47 -11.79
CA ALA B 431 -15.64 25.82 -11.96
C ALA B 431 -17.04 25.96 -11.38
N ILE B 432 -17.89 24.96 -11.60
CA ILE B 432 -19.26 25.00 -11.09
C ILE B 432 -19.24 24.98 -9.57
N GLY B 433 -18.41 24.11 -8.98
CA GLY B 433 -18.31 24.07 -7.53
C GLY B 433 -17.74 25.35 -6.94
N ALA B 434 -16.76 25.95 -7.62
CA ALA B 434 -16.17 27.18 -7.11
C ALA B 434 -17.15 28.34 -7.19
N ALA B 435 -17.92 28.41 -8.28
CA ALA B 435 -18.89 29.49 -8.41
C ALA B 435 -20.00 29.38 -7.37
N LEU B 436 -20.41 28.16 -7.04
CA LEU B 436 -21.48 27.96 -6.06
C LEU B 436 -21.02 28.36 -4.66
N ALA B 437 -19.82 27.95 -4.27
CA ALA B 437 -19.33 28.29 -2.94
C ALA B 437 -19.04 29.77 -2.81
N TYR B 438 -18.56 30.39 -3.89
CA TYR B 438 -18.25 31.81 -3.89
C TYR B 438 -19.51 32.65 -3.82
N GLU B 439 -20.53 32.28 -4.61
CA GLU B 439 -21.82 32.96 -4.53
C GLU B 439 -22.45 32.76 -3.16
N GLY B 440 -22.30 31.58 -2.57
CA GLY B 440 -22.90 31.32 -1.27
C GLY B 440 -22.24 32.09 -0.15
N ALA B 441 -20.95 32.37 -0.28
CA ALA B 441 -20.27 33.19 0.72
C ALA B 441 -20.76 34.63 0.65
N HIS B 442 -20.72 35.22 -0.56
CA HIS B 442 -21.24 36.57 -0.75
C HIS B 442 -22.71 36.67 -0.36
N GLU B 443 -23.45 35.58 -0.50
CA GLU B 443 -24.85 35.58 -0.10
C GLU B 443 -24.97 35.71 1.42
N ARG B 444 -24.01 35.15 2.16
CA ARG B 444 -24.02 35.22 3.62
C ARG B 444 -23.46 36.53 4.17
N THR B 445 -22.98 37.44 3.33
CA THR B 445 -22.73 38.80 3.80
C THR B 445 -24.03 39.57 3.97
N GLY B 446 -25.14 39.04 3.45
CA GLY B 446 -26.41 39.76 3.44
C GLY B 446 -26.47 40.92 2.49
N SER B 447 -25.48 41.08 1.62
CA SER B 447 -25.28 42.31 0.86
C SER B 447 -26.19 42.35 -0.37
N PRO B 448 -26.84 43.49 -0.64
CA PRO B 448 -27.98 43.49 -1.57
C PRO B 448 -27.58 43.39 -3.04
N ASP B 449 -26.31 43.53 -3.37
CA ASP B 449 -25.87 43.39 -4.76
C ASP B 449 -25.95 41.93 -5.20
N SER B 450 -26.11 41.71 -6.50
CA SER B 450 -26.22 40.36 -7.03
C SER B 450 -24.85 39.68 -7.01
N PRO B 451 -24.83 38.35 -6.97
CA PRO B 451 -23.55 37.62 -6.79
C PRO B 451 -22.51 38.01 -7.83
N PRO B 452 -21.23 37.97 -7.48
CA PRO B 452 -20.19 38.37 -8.41
C PRO B 452 -19.90 37.27 -9.42
N ARG B 453 -19.37 37.68 -10.57
CA ARG B 453 -19.14 36.78 -11.69
C ARG B 453 -18.08 35.74 -11.36
N THR B 454 -18.32 34.50 -11.77
CA THR B 454 -17.23 33.55 -11.98
C THR B 454 -17.07 33.35 -13.46
N ILE B 455 -15.82 33.42 -13.93
CA ILE B 455 -15.49 33.25 -15.33
C ILE B 455 -14.45 32.14 -15.42
N ALA B 456 -14.76 31.08 -16.15
CA ALA B 456 -13.84 29.99 -16.41
C ALA B 456 -13.34 30.07 -17.84
N LEU B 457 -12.05 29.76 -18.03
CA LEU B 457 -11.45 29.69 -19.35
C LEU B 457 -10.83 28.32 -19.53
N ILE B 458 -11.37 27.54 -20.47
CA ILE B 458 -10.97 26.16 -20.69
C ILE B 458 -10.88 25.90 -22.18
N GLY B 459 -10.06 24.92 -22.54
CA GLY B 459 -10.00 24.49 -23.90
C GLY B 459 -11.13 23.54 -24.26
N ASP B 460 -11.25 23.29 -25.56
CA ASP B 460 -12.26 22.38 -26.09
C ASP B 460 -12.12 20.99 -25.50
N LEU B 461 -10.90 20.45 -25.50
CA LEU B 461 -10.69 19.09 -25.01
C LEU B 461 -11.12 18.93 -23.57
N THR B 462 -10.77 19.91 -22.72
CA THR B 462 -11.21 19.89 -21.34
C THR B 462 -12.73 19.92 -21.25
N PHE B 463 -13.38 20.66 -22.16
CA PHE B 463 -14.83 20.75 -22.12
C PHE B 463 -15.50 19.41 -22.37
N VAL B 464 -15.10 18.72 -23.46
CA VAL B 464 -15.69 17.42 -23.72
C VAL B 464 -15.29 16.42 -22.65
N HIS B 465 -14.06 16.52 -22.15
CA HIS B 465 -13.54 15.54 -21.19
C HIS B 465 -14.36 15.57 -19.90
N ASP B 466 -14.91 16.73 -19.53
CA ASP B 466 -15.73 16.87 -18.33
C ASP B 466 -17.13 17.38 -18.65
N SER B 467 -17.60 17.18 -19.88
CA SER B 467 -18.95 17.60 -20.26
C SER B 467 -20.01 16.96 -19.38
N SER B 468 -19.69 15.81 -18.81
CA SER B 468 -20.55 15.15 -17.83
C SER B 468 -20.81 16.03 -16.62
N GLY B 469 -19.95 17.03 -16.39
CA GLY B 469 -20.16 17.93 -15.29
C GLY B 469 -21.38 18.81 -15.47
N LEU B 470 -21.85 18.94 -16.71
CA LEU B 470 -23.04 19.71 -17.01
C LEU B 470 -24.34 18.97 -16.75
N LEU B 471 -24.27 17.69 -16.42
CA LEU B 471 -25.46 16.88 -16.13
C LEU B 471 -25.91 17.16 -14.69
N ILE B 472 -26.78 18.15 -14.54
CA ILE B 472 -27.23 18.61 -13.23
C ILE B 472 -28.75 18.55 -13.20
N GLY B 473 -29.28 17.77 -12.27
CA GLY B 473 -30.71 17.64 -12.09
C GLY B 473 -31.35 18.98 -11.80
N PRO B 474 -32.65 19.11 -12.06
CA PRO B 474 -33.34 20.37 -11.75
C PRO B 474 -33.53 20.58 -10.27
N THR B 475 -33.29 19.55 -9.46
CA THR B 475 -33.39 19.61 -8.01
C THR B 475 -32.09 20.03 -7.34
N GLU B 476 -31.05 20.43 -8.11
CA GLU B 476 -29.71 20.64 -7.58
C GLU B 476 -29.29 22.11 -7.63
N PRO B 477 -28.37 22.52 -6.74
CA PRO B 477 -27.84 23.89 -6.81
C PRO B 477 -27.12 24.15 -8.13
N ILE B 478 -27.49 25.26 -8.76
CA ILE B 478 -26.95 25.71 -10.05
C ILE B 478 -26.42 27.13 -9.84
N PRO B 479 -25.21 27.46 -10.30
CA PRO B 479 -24.69 28.81 -10.05
C PRO B 479 -25.49 29.89 -10.78
N ARG B 480 -25.54 31.06 -10.16
CA ARG B 480 -26.28 32.18 -10.73
C ARG B 480 -25.46 32.97 -11.76
N SER B 481 -24.15 33.06 -11.60
CA SER B 481 -23.36 33.95 -12.45
C SER B 481 -22.05 33.29 -12.88
N LEU B 482 -22.15 32.12 -13.49
CA LEU B 482 -21.00 31.40 -14.03
C LEU B 482 -21.03 31.47 -15.55
N THR B 483 -19.89 31.83 -16.16
CA THR B 483 -19.74 31.86 -17.61
C THR B 483 -18.47 31.14 -18.00
N ILE B 484 -18.61 30.08 -18.79
CA ILE B 484 -17.49 29.25 -19.23
C ILE B 484 -17.10 29.67 -20.64
N VAL B 485 -15.90 30.22 -20.79
CA VAL B 485 -15.36 30.52 -22.11
C VAL B 485 -14.58 29.31 -22.58
N VAL B 486 -15.03 28.70 -23.67
CA VAL B 486 -14.31 27.61 -24.30
C VAL B 486 -13.50 28.17 -25.46
N SER B 487 -12.18 27.97 -25.40
CA SER B 487 -11.29 28.35 -26.49
C SER B 487 -10.98 27.08 -27.28
N ASN B 488 -11.54 27.00 -28.49
CA ASN B 488 -11.63 25.73 -29.21
C ASN B 488 -10.48 25.67 -30.22
N ASP B 489 -9.41 24.96 -29.86
CA ASP B 489 -8.28 24.85 -30.75
C ASP B 489 -8.30 23.58 -31.61
N ASN B 490 -9.37 22.78 -31.56
CA ASN B 490 -9.44 21.55 -32.36
C ASN B 490 -8.34 20.58 -31.93
N GLY B 491 -8.01 20.60 -30.64
CA GLY B 491 -7.13 19.61 -30.02
C GLY B 491 -5.70 20.07 -29.83
N SER B 510 0.02 16.70 -35.45
CA SER B 510 0.24 15.27 -35.67
C SER B 510 -0.72 14.38 -34.88
N ARG B 511 -0.70 13.09 -35.22
CA ARG B 511 -1.74 12.17 -34.81
C ARG B 511 -1.74 11.95 -33.30
N ILE B 512 -0.57 11.73 -32.72
CA ILE B 512 -0.56 11.46 -31.28
C ILE B 512 -0.60 12.77 -30.48
N PHE B 513 0.41 13.64 -30.65
CA PHE B 513 0.51 14.81 -29.76
C PHE B 513 -0.56 15.86 -30.06
N GLY B 514 -0.92 16.04 -31.33
CA GLY B 514 -1.87 17.09 -31.69
C GLY B 514 -3.27 16.80 -31.22
N THR B 515 -3.69 15.54 -31.31
CA THR B 515 -5.02 15.09 -30.92
C THR B 515 -6.14 15.75 -31.74
N PRO B 516 -6.06 15.68 -33.07
CA PRO B 516 -7.07 16.38 -33.85
C PRO B 516 -8.46 15.79 -33.63
N HIS B 517 -9.45 16.66 -33.63
CA HIS B 517 -10.80 16.24 -33.36
C HIS B 517 -11.76 17.34 -33.78
N ASP B 518 -13.01 16.94 -33.99
CA ASP B 518 -14.11 17.84 -34.29
C ASP B 518 -15.20 17.54 -33.28
N VAL B 519 -15.51 18.48 -32.40
CA VAL B 519 -16.70 18.39 -31.58
C VAL B 519 -17.48 19.67 -31.74
N ASP B 520 -18.78 19.52 -31.95
CA ASP B 520 -19.69 20.65 -31.99
C ASP B 520 -20.04 20.97 -30.55
N VAL B 521 -19.43 22.04 -30.02
CA VAL B 521 -19.63 22.39 -28.62
C VAL B 521 -21.08 22.78 -28.38
N GLY B 522 -21.67 23.50 -29.32
CA GLY B 522 -23.05 23.93 -29.16
C GLY B 522 -24.01 22.78 -29.14
N ALA B 523 -23.78 21.75 -29.97
CA ALA B 523 -24.59 20.54 -29.89
C ALA B 523 -24.47 19.90 -28.51
N LEU B 524 -23.25 19.87 -27.97
CA LEU B 524 -23.02 19.30 -26.66
C LEU B 524 -23.75 20.08 -25.57
N CYS B 525 -23.74 21.41 -25.64
CA CYS B 525 -24.41 22.22 -24.62
C CYS B 525 -25.92 22.07 -24.71
N ARG B 526 -26.42 21.94 -25.92
CA ARG B 526 -27.84 21.74 -26.12
C ARG B 526 -28.29 20.39 -25.57
N ALA B 527 -27.45 19.36 -25.70
CA ALA B 527 -27.75 18.05 -25.13
C ALA B 527 -27.95 18.14 -23.63
N TYR B 528 -27.22 19.02 -22.95
CA TYR B 528 -27.37 19.18 -21.51
C TYR B 528 -28.26 20.37 -21.13
N HIS B 529 -28.86 21.04 -22.12
CA HIS B 529 -29.74 22.18 -21.88
C HIS B 529 -29.01 23.30 -21.17
N VAL B 530 -27.86 23.67 -21.73
CA VAL B 530 -27.03 24.75 -21.24
C VAL B 530 -26.91 25.76 -22.37
N GLU B 531 -27.26 27.02 -22.07
CA GLU B 531 -27.18 28.12 -23.03
C GLU B 531 -25.76 28.24 -23.59
N SER B 532 -25.66 28.32 -24.91
CA SER B 532 -24.38 28.36 -25.60
C SER B 532 -24.44 29.31 -26.79
N ARG B 533 -23.28 29.84 -27.16
CA ARG B 533 -23.16 30.79 -28.25
C ARG B 533 -21.73 30.79 -28.73
N GLN B 534 -21.53 30.66 -30.04
CA GLN B 534 -20.20 30.81 -30.63
C GLN B 534 -20.02 32.23 -31.10
N ILE B 535 -18.95 32.89 -30.64
CA ILE B 535 -18.76 34.31 -30.89
C ILE B 535 -17.30 34.60 -31.21
N GLU B 536 -17.08 35.78 -31.75
CA GLU B 536 -15.75 36.29 -32.00
C GLU B 536 -15.13 36.84 -30.71
N VAL B 537 -13.80 36.94 -30.74
CA VAL B 537 -13.05 37.40 -29.59
C VAL B 537 -13.48 38.81 -29.18
N ASP B 538 -13.80 39.66 -30.17
CA ASP B 538 -14.12 41.05 -29.87
C ASP B 538 -15.44 41.19 -29.12
N GLU B 539 -16.38 40.29 -29.37
CA GLU B 539 -17.64 40.33 -28.65
C GLU B 539 -17.54 39.82 -27.23
N LEU B 540 -16.39 39.21 -26.89
CA LEU B 540 -16.23 38.55 -25.60
C LEU B 540 -16.40 39.52 -24.44
N GLY B 541 -15.77 40.69 -24.53
CA GLY B 541 -15.85 41.69 -23.49
C GLY B 541 -17.25 42.20 -23.25
N PRO B 542 -17.89 42.74 -24.28
CA PRO B 542 -19.30 43.15 -24.12
C PRO B 542 -20.22 42.04 -23.66
N THR B 543 -20.09 40.85 -24.26
CA THR B 543 -20.92 39.72 -23.83
C THR B 543 -20.65 39.37 -22.37
N LEU B 544 -19.42 39.57 -21.92
CA LEU B 544 -19.13 39.24 -20.52
C LEU B 544 -19.72 40.28 -19.57
N ASP B 545 -19.81 41.55 -20.01
CA ASP B 545 -20.39 42.60 -19.19
CA ASP B 545 -20.37 42.54 -19.11
C ASP B 545 -21.87 42.36 -18.87
N GLN B 546 -22.55 41.46 -19.59
CA GLN B 546 -23.99 41.30 -19.47
C GLN B 546 -24.38 40.73 -18.11
N PRO B 547 -25.65 40.87 -17.71
CA PRO B 547 -26.08 40.29 -16.43
C PRO B 547 -26.09 38.77 -16.47
N GLY B 548 -26.31 38.17 -15.30
CA GLY B 548 -26.21 36.74 -15.17
C GLY B 548 -27.42 36.04 -15.77
N ALA B 549 -27.19 35.25 -16.83
CA ALA B 549 -28.21 34.38 -17.41
C ALA B 549 -28.23 33.00 -16.78
N GLY B 550 -27.72 32.87 -15.55
CA GLY B 550 -27.62 31.59 -14.86
C GLY B 550 -26.28 30.92 -15.07
N MET B 551 -26.22 30.03 -16.05
CA MET B 551 -25.00 29.33 -16.44
C MET B 551 -24.96 29.34 -17.96
N ARG B 552 -23.84 29.80 -18.53
CA ARG B 552 -23.70 29.92 -19.97
C ARG B 552 -22.33 29.41 -20.39
N VAL B 553 -22.25 29.03 -21.66
CA VAL B 553 -21.00 28.67 -22.31
C VAL B 553 -20.79 29.60 -23.49
N LEU B 554 -19.59 30.16 -23.61
CA LEU B 554 -19.22 31.04 -24.71
C LEU B 554 -18.06 30.41 -25.45
N GLU B 555 -18.29 30.06 -26.72
CA GLU B 555 -17.27 29.43 -27.54
C GLU B 555 -16.64 30.47 -28.46
N VAL B 556 -15.32 30.43 -28.54
CA VAL B 556 -14.54 31.25 -29.47
C VAL B 556 -13.59 30.33 -30.21
N LYS B 557 -13.74 30.22 -31.53
CA LYS B 557 -12.91 29.31 -32.29
C LYS B 557 -11.51 29.89 -32.50
N ALA B 558 -10.50 29.01 -32.44
CA ALA B 558 -9.11 29.41 -32.36
C ALA B 558 -8.27 28.47 -33.22
N ASP B 559 -7.17 29.00 -33.73
CA ASP B 559 -6.32 28.33 -34.72
C ASP B 559 -4.98 27.97 -34.08
N ARG B 560 -4.60 26.69 -34.16
CA ARG B 560 -3.30 26.25 -33.64
C ARG B 560 -2.21 26.21 -34.69
N SER B 561 -2.55 26.25 -35.97
CA SER B 561 -1.50 26.28 -36.98
C SER B 561 -0.62 27.52 -36.82
N SER B 562 -1.25 28.68 -36.70
CA SER B 562 -0.52 29.95 -36.58
C SER B 562 0.06 30.18 -35.18
N LEU B 563 -0.17 29.27 -34.23
CA LEU B 563 0.29 29.49 -32.86
C LEU B 563 1.80 29.39 -32.75
N ARG B 564 2.41 28.42 -33.43
CA ARG B 564 3.85 28.24 -33.34
C ARG B 564 4.58 29.48 -33.81
N GLN B 565 4.09 30.11 -34.89
CA GLN B 565 4.79 31.26 -35.45
C GLN B 565 4.46 32.55 -34.70
N LEU B 566 3.29 32.62 -34.06
CA LEU B 566 3.01 33.77 -33.21
C LEU B 566 3.95 33.80 -32.01
N HIS B 567 4.13 32.65 -31.35
CA HIS B 567 5.06 32.57 -30.23
C HIS B 567 6.48 32.94 -30.68
N ALA B 568 6.91 32.40 -31.83
CA ALA B 568 8.24 32.74 -32.34
C ALA B 568 8.36 34.23 -32.63
N ALA B 569 7.29 34.83 -33.16
CA ALA B 569 7.31 36.26 -33.45
C ALA B 569 7.38 37.09 -32.18
N ILE B 570 6.84 36.57 -31.07
CA ILE B 570 6.95 37.27 -29.80
C ILE B 570 8.38 37.23 -29.29
N LYS B 571 9.01 36.05 -29.31
CA LYS B 571 10.40 35.92 -28.87
C LYS B 571 11.32 36.83 -29.66
N ALA B 572 11.20 36.82 -30.99
CA ALA B 572 12.07 37.65 -31.82
C ALA B 572 11.86 39.13 -31.51
N ALA B 573 10.65 39.52 -31.11
CA ALA B 573 10.35 40.90 -30.77
C ALA B 573 10.72 41.24 -29.34
N LEU B 574 11.38 40.33 -28.64
CA LEU B 574 11.55 40.42 -27.20
C LEU B 574 12.82 41.18 -26.85
N PRO C 23 -21.16 -16.13 20.85
CA PRO C 23 -20.68 -15.06 19.98
C PRO C 23 -19.30 -15.37 19.44
N SER C 24 -18.28 -14.60 19.87
CA SER C 24 -16.92 -14.89 19.44
C SER C 24 -16.35 -16.16 20.07
N THR C 25 -17.11 -16.81 20.98
CA THR C 25 -16.72 -18.13 21.44
C THR C 25 -17.22 -19.21 20.48
N THR C 26 -18.45 -19.08 19.97
CA THR C 26 -18.95 -20.09 19.06
C THR C 26 -18.15 -20.13 17.75
N GLN C 27 -17.82 -18.96 17.18
CA GLN C 27 -17.06 -18.95 15.92
C GLN C 27 -15.65 -19.49 16.12
N ALA C 28 -15.02 -19.09 17.21
CA ALA C 28 -13.68 -19.56 17.53
C ALA C 28 -13.61 -21.08 17.48
N ARG C 29 -14.64 -21.75 17.99
CA ARG C 29 -14.61 -23.22 18.01
CA ARG C 29 -14.61 -23.22 18.01
C ARG C 29 -14.90 -23.82 16.65
N VAL C 30 -15.67 -23.14 15.82
CA VAL C 30 -15.92 -23.65 14.47
C VAL C 30 -14.69 -23.50 13.61
N VAL C 31 -14.05 -22.32 13.69
CA VAL C 31 -12.81 -22.07 12.96
C VAL C 31 -11.77 -23.12 13.31
N VAL C 32 -11.54 -23.34 14.61
CA VAL C 32 -10.53 -24.32 15.03
C VAL C 32 -10.87 -25.69 14.48
N ASP C 33 -12.15 -26.10 14.61
CA ASP C 33 -12.57 -27.39 14.09
C ASP C 33 -12.34 -27.50 12.58
N GLU C 34 -12.61 -26.42 11.85
CA GLU C 34 -12.45 -26.49 10.41
C GLU C 34 -10.97 -26.52 10.04
N LEU C 35 -10.13 -25.81 10.78
CA LEU C 35 -8.69 -25.90 10.57
C LEU C 35 -8.19 -27.33 10.80
N ILE C 36 -8.65 -27.98 11.87
CA ILE C 36 -8.22 -29.35 12.14
C ILE C 36 -8.63 -30.26 10.99
N ARG C 37 -9.87 -30.12 10.51
CA ARG C 37 -10.33 -30.95 9.40
C ARG C 37 -9.54 -30.67 8.13
N GLY C 38 -8.90 -29.51 8.03
CA GLY C 38 -8.05 -29.17 6.91
C GLY C 38 -6.61 -29.60 7.04
N GLY C 39 -6.26 -30.32 8.10
CA GLY C 39 -4.91 -30.84 8.27
C GLY C 39 -4.00 -30.04 9.17
N VAL C 40 -4.51 -29.04 9.88
CA VAL C 40 -3.70 -28.33 10.87
C VAL C 40 -3.49 -29.21 12.09
N ARG C 41 -2.25 -29.60 12.34
CA ARG C 41 -1.90 -30.37 13.52
C ARG C 41 -1.20 -29.55 14.60
N ASP C 42 -0.65 -28.39 14.23
CA ASP C 42 0.14 -27.61 15.17
C ASP C 42 -0.23 -26.16 15.05
N VAL C 43 -0.28 -25.49 16.21
CA VAL C 43 -0.50 -24.06 16.30
C VAL C 43 0.56 -23.49 17.24
N VAL C 44 1.17 -22.38 16.84
CA VAL C 44 2.11 -21.67 17.68
C VAL C 44 1.39 -20.43 18.20
N LEU C 45 1.53 -20.17 19.50
CA LEU C 45 0.84 -19.08 20.15
C LEU C 45 1.85 -18.25 20.93
N CYS C 46 1.58 -16.95 21.04
CA CYS C 46 2.38 -16.01 21.81
C CYS C 46 1.51 -15.30 22.84
N PRO C 47 1.98 -15.16 24.07
CA PRO C 47 1.26 -14.35 25.05
C PRO C 47 1.18 -12.92 24.53
N GLY C 48 0.05 -12.25 24.82
CA GLY C 48 -0.30 -11.06 24.09
C GLY C 48 -0.54 -9.84 24.96
N SER C 49 -0.17 -8.68 24.40
CA SER C 49 -0.62 -7.39 24.93
C SER C 49 -2.14 -7.38 25.15
N ARG C 50 -2.89 -7.83 24.15
CA ARG C 50 -4.30 -8.16 24.27
C ARG C 50 -4.39 -9.67 24.39
N ASN C 51 -5.32 -10.35 23.73
CA ASN C 51 -5.14 -11.79 23.74
C ASN C 51 -5.63 -12.48 22.49
N ALA C 52 -5.12 -13.69 22.36
CA ALA C 52 -5.10 -14.44 21.11
C ALA C 52 -6.51 -14.65 20.60
N PRO C 53 -6.80 -14.32 19.34
CA PRO C 53 -8.07 -14.74 18.78
C PRO C 53 -8.20 -16.24 19.02
N LEU C 54 -9.33 -16.63 19.63
CA LEU C 54 -9.73 -18.03 19.85
C LEU C 54 -8.73 -18.84 20.69
N ALA C 55 -8.10 -18.20 21.68
CA ALA C 55 -7.10 -18.89 22.48
C ALA C 55 -7.72 -20.00 23.32
N PHE C 56 -8.92 -19.78 23.86
CA PHE C 56 -9.57 -20.83 24.63
C PHE C 56 -9.89 -22.03 23.75
N ALA C 57 -10.48 -21.79 22.58
CA ALA C 57 -10.80 -22.89 21.67
C ALA C 57 -9.55 -23.69 21.28
N LEU C 58 -8.42 -23.00 21.12
CA LEU C 58 -7.16 -23.70 20.89
C LEU C 58 -6.74 -24.52 22.11
N GLN C 59 -6.85 -23.93 23.30
CA GLN C 59 -6.56 -24.68 24.53
C GLN C 59 -7.41 -25.95 24.61
N ASP C 60 -8.69 -25.83 24.25
CA ASP C 60 -9.61 -26.97 24.31
C ASP C 60 -9.16 -28.08 23.37
N ALA C 61 -8.80 -27.70 22.15
CA ALA C 61 -8.38 -28.66 21.15
C ALA C 61 -7.07 -29.33 21.55
N ASP C 62 -6.20 -28.61 22.25
CA ASP C 62 -4.93 -29.19 22.69
C ASP C 62 -5.16 -30.30 23.71
N ARG C 63 -5.93 -30.02 24.75
CA ARG C 63 -6.21 -31.04 25.75
C ARG C 63 -6.93 -32.22 25.14
N SER C 64 -7.73 -31.98 24.10
CA SER C 64 -8.44 -33.06 23.41
C SER C 64 -7.51 -34.00 22.65
N GLY C 65 -6.26 -33.58 22.41
CA GLY C 65 -5.37 -34.31 21.54
C GLY C 65 -5.57 -34.05 20.05
N ARG C 66 -6.52 -33.19 19.68
CA ARG C 66 -6.78 -32.91 18.27
C ARG C 66 -5.67 -32.09 17.64
N ILE C 67 -5.18 -31.08 18.37
CA ILE C 67 -4.10 -30.20 17.94
C ILE C 67 -3.03 -30.21 19.01
N ARG C 68 -1.80 -29.93 18.61
CA ARG C 68 -0.70 -29.73 19.53
C ARG C 68 -0.35 -28.24 19.58
N LEU C 69 -0.48 -27.64 20.76
CA LEU C 69 -0.15 -26.24 20.95
C LEU C 69 1.31 -26.06 21.29
N HIS C 70 1.85 -24.90 20.89
CA HIS C 70 3.22 -24.51 21.18
C HIS C 70 3.20 -23.06 21.62
N VAL C 71 3.88 -22.75 22.72
CA VAL C 71 3.91 -21.39 23.26
C VAL C 71 5.35 -20.89 23.25
N ARG C 72 5.52 -19.63 22.87
CA ARG C 72 6.82 -18.96 22.82
C ARG C 72 6.62 -17.49 23.18
N ILE C 73 7.58 -16.94 23.93
CA ILE C 73 7.53 -15.52 24.28
C ILE C 73 7.90 -14.66 23.07
N ASP C 74 9.01 -15.01 22.41
CA ASP C 74 9.50 -14.23 21.28
C ASP C 74 8.62 -14.46 20.07
N GLU C 75 8.10 -13.37 19.51
CA GLU C 75 7.21 -13.48 18.35
C GLU C 75 7.99 -13.86 17.08
N ARG C 76 9.25 -13.45 16.97
CA ARG C 76 10.02 -13.76 15.76
C ARG C 76 10.37 -15.23 15.70
N THR C 77 10.88 -15.78 16.79
CA THR C 77 11.21 -17.21 16.79
C THR C 77 9.95 -18.06 16.74
N ALA C 78 8.81 -17.50 17.16
CA ALA C 78 7.53 -18.17 16.99
C ALA C 78 7.18 -18.36 15.52
N GLY C 79 7.45 -17.34 14.71
CA GLY C 79 7.22 -17.48 13.28
C GLY C 79 8.07 -18.59 12.67
N TYR C 80 9.34 -18.67 13.07
CA TYR C 80 10.22 -19.69 12.51
C TYR C 80 9.92 -21.07 13.09
N LEU C 81 9.40 -21.14 14.32
CA LEU C 81 8.95 -22.42 14.85
C LEU C 81 7.83 -22.98 14.00
N ALA C 82 6.88 -22.12 13.62
CA ALA C 82 5.79 -22.56 12.76
C ALA C 82 6.28 -23.00 11.40
N ILE C 83 7.22 -22.25 10.82
CA ILE C 83 7.82 -22.68 9.55
C ILE C 83 8.40 -24.08 9.69
N GLY C 84 9.15 -24.32 10.78
CA GLY C 84 9.68 -25.65 10.99
C GLY C 84 8.59 -26.70 11.10
N LEU C 85 7.51 -26.36 11.83
CA LEU C 85 6.39 -27.29 11.98
C LEU C 85 5.71 -27.54 10.65
N ALA C 86 5.87 -26.63 9.68
CA ALA C 86 5.24 -26.81 8.38
C ALA C 86 6.12 -27.65 7.46
N ILE C 87 7.42 -27.38 7.42
CA ILE C 87 8.29 -28.08 6.47
C ILE C 87 8.73 -29.45 6.98
N GLY C 88 8.48 -29.78 8.25
CA GLY C 88 8.91 -31.07 8.74
C GLY C 88 8.12 -32.22 8.17
N ALA C 89 6.82 -32.02 7.97
CA ALA C 89 5.96 -33.03 7.39
C ALA C 89 5.02 -32.50 6.31
N GLY C 90 5.12 -31.22 5.95
CA GLY C 90 4.37 -30.70 4.83
C GLY C 90 2.92 -30.37 5.11
N ALA C 91 2.58 -29.93 6.32
CA ALA C 91 1.23 -29.56 6.69
C ALA C 91 1.13 -28.06 6.97
N PRO C 92 -0.06 -27.48 6.80
CA PRO C 92 -0.23 -26.07 7.13
C PRO C 92 -0.19 -25.86 8.64
N VAL C 93 0.26 -24.68 9.04
CA VAL C 93 0.49 -24.36 10.44
C VAL C 93 -0.07 -22.99 10.75
N CYS C 94 -0.65 -22.82 11.93
CA CYS C 94 -1.17 -21.52 12.37
C CYS C 94 -0.25 -20.86 13.39
N VAL C 95 -0.28 -19.52 13.40
CA VAL C 95 0.44 -18.66 14.33
C VAL C 95 -0.50 -17.55 14.76
N ALA C 96 -0.81 -17.47 16.05
CA ALA C 96 -1.80 -16.52 16.53
C ALA C 96 -1.11 -15.28 17.11
N MET C 97 -1.16 -14.16 16.37
CA MET C 97 -0.67 -12.90 16.91
C MET C 97 -1.62 -12.31 17.93
N THR C 98 -1.05 -11.52 18.85
CA THR C 98 -1.79 -11.03 20.00
C THR C 98 -1.36 -9.64 20.47
N SER C 99 -0.60 -8.88 19.68
CA SER C 99 0.10 -7.73 20.24
C SER C 99 0.31 -6.63 19.21
N GLY C 100 0.65 -5.44 19.72
CA GLY C 100 1.05 -4.33 18.87
C GLY C 100 2.44 -4.50 18.28
N THR C 101 3.25 -5.38 18.85
CA THR C 101 4.55 -5.71 18.28
C THR C 101 4.49 -6.88 17.31
N ALA C 102 3.33 -7.51 17.16
CA ALA C 102 3.28 -8.86 16.60
C ALA C 102 3.45 -8.87 15.08
N VAL C 103 2.74 -7.98 14.38
CA VAL C 103 2.86 -7.93 12.92
C VAL C 103 4.32 -7.75 12.53
N ALA C 104 5.01 -6.84 13.21
CA ALA C 104 6.38 -6.52 12.81
C ALA C 104 7.34 -7.66 13.11
N ASN C 105 7.10 -8.42 14.18
CA ASN C 105 8.01 -9.49 14.53
C ASN C 105 7.84 -10.71 13.64
N LEU C 106 6.63 -10.99 13.16
CA LEU C 106 6.42 -12.13 12.28
C LEU C 106 6.80 -11.84 10.83
N GLY C 107 7.07 -10.58 10.51
CA GLY C 107 7.47 -10.17 9.18
C GLY C 107 8.52 -11.06 8.53
N PRO C 108 9.67 -11.27 9.20
CA PRO C 108 10.70 -12.12 8.59
C PRO C 108 10.22 -13.52 8.27
N ALA C 109 9.43 -14.13 9.17
CA ALA C 109 8.89 -15.47 8.91
C ALA C 109 7.89 -15.45 7.76
N VAL C 110 7.11 -14.38 7.62
CA VAL C 110 6.16 -14.30 6.52
C VAL C 110 6.88 -14.13 5.19
N VAL C 111 7.96 -13.35 5.18
CA VAL C 111 8.76 -13.21 3.97
C VAL C 111 9.33 -14.56 3.56
N GLU C 112 9.92 -15.28 4.52
CA GLU C 112 10.49 -16.60 4.23
C GLU C 112 9.42 -17.57 3.75
N ALA C 113 8.25 -17.57 4.40
CA ALA C 113 7.16 -18.46 4.00
C ALA C 113 6.68 -18.15 2.58
N ASN C 114 6.74 -16.87 2.21
CA ASN C 114 6.37 -16.47 0.85
C ASN C 114 7.36 -17.01 -0.17
N TYR C 115 8.66 -16.76 0.03
CA TYR C 115 9.62 -17.12 -1.00
C TYR C 115 9.89 -18.62 -1.04
N ALA C 116 9.72 -19.31 0.09
CA ALA C 116 9.90 -20.76 0.11
C ALA C 116 8.60 -21.53 -0.10
N ARG C 117 7.47 -20.83 -0.25
CA ARG C 117 6.16 -21.42 -0.48
C ARG C 117 5.80 -22.41 0.64
N VAL C 118 5.75 -21.85 1.84
CA VAL C 118 5.46 -22.59 3.06
C VAL C 118 4.06 -22.19 3.53
N PRO C 119 3.09 -23.19 3.80
CA PRO C 119 1.70 -22.85 4.19
C PRO C 119 1.56 -22.42 5.65
N LEU C 120 1.86 -21.14 5.87
CA LEU C 120 1.80 -20.52 7.19
C LEU C 120 0.51 -19.71 7.28
N ILE C 121 -0.34 -20.01 8.26
CA ILE C 121 -1.55 -19.24 8.49
C ILE C 121 -1.32 -18.33 9.68
N VAL C 122 -1.41 -17.02 9.46
CA VAL C 122 -1.22 -16.02 10.52
C VAL C 122 -2.60 -15.60 11.00
N LEU C 123 -2.98 -16.06 12.19
CA LEU C 123 -4.26 -15.73 12.80
C LEU C 123 -4.16 -14.45 13.63
N SER C 124 -5.13 -13.56 13.46
CA SER C 124 -5.18 -12.43 14.37
C SER C 124 -6.62 -11.96 14.52
N ALA C 125 -6.76 -10.86 15.25
CA ALA C 125 -8.04 -10.31 15.63
C ALA C 125 -7.93 -8.80 15.76
N ASN C 126 -8.90 -8.10 15.16
CA ASN C 126 -9.06 -6.66 15.27
C ASN C 126 -10.53 -6.37 15.56
N ARG C 127 -10.81 -5.23 16.22
CA ARG C 127 -12.19 -5.14 16.70
C ARG C 127 -13.00 -4.11 15.93
N PRO C 128 -14.20 -4.49 15.49
CA PRO C 128 -15.03 -3.53 14.75
C PRO C 128 -15.62 -2.46 15.64
N TYR C 129 -15.94 -2.81 16.89
CA TYR C 129 -16.60 -1.89 17.79
C TYR C 129 -15.70 -0.76 18.27
N GLU C 130 -14.41 -0.82 17.99
CA GLU C 130 -13.51 0.22 18.45
C GLU C 130 -12.93 0.96 17.24
N LEU C 131 -12.72 2.26 17.45
CA LEU C 131 -12.22 3.25 16.50
C LEU C 131 -10.88 2.87 15.86
N LEU C 132 -10.71 3.17 14.59
CA LEU C 132 -9.41 2.89 13.99
C LEU C 132 -8.79 4.16 13.40
N PHE C 146 0.44 -7.30 5.72
CA PHE C 146 1.63 -7.90 5.12
C PHE C 146 1.70 -7.65 3.62
N GLY C 147 0.58 -7.18 3.09
CA GLY C 147 0.55 -6.68 1.71
C GLY C 147 0.87 -7.75 0.69
N THR C 148 1.98 -7.54 -0.02
CA THR C 148 2.32 -8.37 -1.17
C THR C 148 2.68 -9.80 -0.77
N GLN C 149 3.24 -9.98 0.43
CA GLN C 149 3.88 -11.23 0.77
C GLN C 149 2.92 -12.39 0.97
N VAL C 150 1.64 -12.15 1.20
CA VAL C 150 0.74 -13.24 1.51
C VAL C 150 -0.13 -13.57 0.31
N ARG C 151 -0.57 -14.82 0.26
CA ARG C 151 -1.43 -15.29 -0.82
C ARG C 151 -2.85 -14.75 -0.70
N ALA C 152 -3.27 -14.34 0.49
CA ALA C 152 -4.60 -13.80 0.72
C ALA C 152 -4.66 -13.15 2.09
N SER C 153 -5.61 -12.22 2.23
CA SER C 153 -5.92 -11.55 3.49
C SER C 153 -7.43 -11.70 3.68
N ILE C 154 -7.85 -12.59 4.58
CA ILE C 154 -9.27 -12.91 4.75
C ILE C 154 -9.70 -12.51 6.16
N SER C 155 -10.80 -11.75 6.25
CA SER C 155 -11.38 -11.35 7.50
C SER C 155 -12.74 -12.02 7.71
N LEU C 156 -12.97 -12.52 8.92
CA LEU C 156 -14.23 -13.16 9.20
C LEU C 156 -15.32 -12.13 9.47
N GLY C 157 -16.56 -12.58 9.26
CA GLY C 157 -17.69 -11.83 9.75
C GLY C 157 -17.71 -11.84 11.26
N LEU C 158 -17.90 -10.67 11.86
CA LEU C 158 -18.13 -10.57 13.28
C LEU C 158 -19.52 -11.12 13.63
N ALA C 159 -19.71 -11.42 14.90
CA ALA C 159 -21.04 -11.77 15.42
C ALA C 159 -21.09 -11.60 16.94
N THR C 166 -26.58 -18.22 12.13
CA THR C 166 -25.88 -19.23 12.92
C THR C 166 -25.62 -20.47 12.09
N SER C 167 -26.70 -21.21 11.79
CA SER C 167 -26.58 -22.37 10.91
C SER C 167 -26.05 -21.98 9.54
N ALA C 168 -26.66 -20.97 8.90
CA ALA C 168 -26.05 -20.35 7.72
C ALA C 168 -24.72 -19.69 8.08
N LEU C 169 -24.67 -19.04 9.23
CA LEU C 169 -23.43 -18.38 9.65
C LEU C 169 -22.31 -19.40 9.87
N ASN C 170 -22.66 -20.60 10.33
CA ASN C 170 -21.68 -21.68 10.41
C ASN C 170 -21.08 -21.95 9.02
N ALA C 171 -21.90 -21.84 7.99
CA ALA C 171 -21.41 -22.09 6.62
C ALA C 171 -20.50 -20.98 6.15
N THR C 172 -20.76 -19.74 6.55
CA THR C 172 -19.89 -18.63 6.16
C THR C 172 -18.57 -18.67 6.93
N TRP C 173 -18.56 -19.13 8.18
CA TRP C 173 -17.28 -19.26 8.90
C TRP C 173 -16.44 -20.38 8.34
N ARG C 174 -17.08 -21.48 7.92
CA ARG C 174 -16.29 -22.65 7.53
C ARG C 174 -15.75 -22.49 6.10
N SER C 175 -16.57 -21.95 5.19
CA SER C 175 -16.08 -21.62 3.86
C SER C 175 -14.88 -20.68 3.90
N ALA C 176 -14.98 -19.62 4.71
CA ALA C 176 -13.86 -18.70 4.84
C ALA C 176 -12.60 -19.44 5.28
N THR C 177 -12.74 -20.35 6.25
CA THR C 177 -11.58 -21.07 6.76
C THR C 177 -11.02 -22.04 5.72
N CYS C 178 -11.89 -22.71 4.94
CA CYS C 178 -11.40 -23.56 3.86
C CYS C 178 -10.69 -22.74 2.80
N ARG C 179 -11.15 -21.50 2.57
CA ARG C 179 -10.49 -20.62 1.63
C ARG C 179 -9.12 -20.17 2.15
N VAL C 180 -9.04 -19.93 3.46
CA VAL C 180 -7.75 -19.65 4.09
C VAL C 180 -6.79 -20.81 3.85
N LEU C 181 -7.25 -22.03 4.11
CA LEU C 181 -6.41 -23.21 3.98
C LEU C 181 -6.00 -23.44 2.53
N ALA C 182 -6.93 -23.26 1.60
CA ALA C 182 -6.63 -23.53 0.20
C ALA C 182 -5.55 -22.58 -0.33
N ALA C 183 -5.68 -21.29 -0.02
CA ALA C 183 -4.66 -20.33 -0.44
C ALA C 183 -3.33 -20.63 0.22
N ALA C 184 -3.35 -21.07 1.48
CA ALA C 184 -2.11 -21.34 2.18
C ALA C 184 -1.41 -22.59 1.63
N THR C 185 -2.17 -23.64 1.29
CA THR C 185 -1.59 -24.88 0.79
C THR C 185 -1.39 -24.88 -0.72
N GLY C 186 -1.86 -23.84 -1.42
CA GLY C 186 -1.78 -23.87 -2.87
C GLY C 186 -2.67 -24.92 -3.51
N ALA C 187 -3.81 -25.22 -2.86
CA ALA C 187 -4.68 -26.29 -3.32
C ALA C 187 -5.24 -26.03 -4.71
N ARG C 188 -5.50 -24.77 -5.05
CA ARG C 188 -5.95 -24.46 -6.40
C ARG C 188 -4.86 -23.82 -7.25
N THR C 189 -3.94 -23.09 -6.63
CA THR C 189 -2.94 -22.29 -7.33
C THR C 189 -1.62 -23.02 -7.60
N ALA C 190 -1.38 -24.16 -6.92
CA ALA C 190 -0.07 -24.80 -6.86
C ALA C 190 1.01 -23.83 -6.37
N ASN C 191 0.64 -22.84 -5.54
CA ASN C 191 1.57 -21.82 -5.08
C ASN C 191 1.35 -21.54 -3.59
N ALA C 192 1.76 -22.48 -2.74
CA ALA C 192 1.59 -22.35 -1.30
C ALA C 192 2.34 -21.12 -0.77
N GLY C 193 1.91 -20.67 0.40
CA GLY C 193 2.48 -19.49 1.01
C GLY C 193 1.69 -19.01 2.22
N PRO C 194 2.13 -17.91 2.81
CA PRO C 194 1.48 -17.41 4.03
C PRO C 194 0.15 -16.73 3.72
N VAL C 195 -0.72 -16.75 4.71
CA VAL C 195 -2.07 -16.20 4.61
C VAL C 195 -2.41 -15.52 5.93
N HIS C 196 -2.96 -14.32 5.83
CA HIS C 196 -3.39 -13.55 6.99
C HIS C 196 -4.90 -13.73 7.17
N PHE C 197 -5.30 -14.19 8.35
CA PHE C 197 -6.66 -14.63 8.66
C PHE C 197 -7.08 -13.93 9.93
N ASP C 198 -8.02 -12.98 9.84
CA ASP C 198 -8.40 -12.19 11.00
C ASP C 198 -9.81 -12.46 11.49
N ILE C 199 -9.91 -12.69 12.79
CA ILE C 199 -11.11 -13.07 13.53
C ILE C 199 -11.54 -11.87 14.37
N PRO C 200 -12.57 -11.12 13.99
CA PRO C 200 -12.91 -9.90 14.76
C PRO C 200 -13.48 -10.23 16.14
N LEU C 201 -12.82 -9.72 17.19
CA LEU C 201 -13.22 -10.03 18.57
C LEU C 201 -13.65 -8.79 19.36
N THR C 216 -18.85 -25.96 18.19
CA THR C 216 -20.13 -26.44 18.68
C THR C 216 -21.11 -26.78 17.50
N PRO C 217 -21.45 -25.84 16.61
CA PRO C 217 -22.32 -26.19 15.47
C PRO C 217 -21.62 -27.10 14.49
N PRO C 218 -22.32 -28.09 13.93
CA PRO C 218 -21.65 -29.19 13.25
C PRO C 218 -20.98 -28.76 11.95
N GLY C 219 -19.84 -29.38 11.67
CA GLY C 219 -19.29 -29.39 10.34
C GLY C 219 -19.85 -30.53 9.52
N ARG C 220 -19.13 -30.89 8.46
CA ARG C 220 -19.63 -31.93 7.57
C ARG C 220 -19.64 -33.28 8.26
N PRO C 221 -20.49 -34.18 7.78
CA PRO C 221 -20.35 -35.60 8.13
C PRO C 221 -18.91 -36.07 8.00
N ALA C 222 -18.57 -37.07 8.80
CA ALA C 222 -17.38 -37.90 8.60
C ALA C 222 -16.08 -37.10 8.64
N GLY C 223 -16.07 -35.95 9.31
CA GLY C 223 -14.84 -35.21 9.51
C GLY C 223 -14.27 -34.47 8.32
N LYS C 224 -15.04 -34.31 7.23
CA LYS C 224 -14.49 -33.78 5.99
C LYS C 224 -14.46 -32.25 5.99
N PRO C 225 -13.60 -31.66 5.15
CA PRO C 225 -13.62 -30.21 5.01
C PRO C 225 -14.98 -29.73 4.51
N TRP C 226 -15.43 -28.59 5.05
CA TRP C 226 -16.68 -28.00 4.59
C TRP C 226 -16.69 -27.92 3.06
N THR C 227 -15.71 -27.22 2.50
CA THR C 227 -15.57 -27.09 1.05
C THR C 227 -14.34 -27.90 0.63
N TYR C 228 -14.58 -29.04 -0.02
CA TYR C 228 -13.52 -29.95 -0.45
C TYR C 228 -12.90 -29.45 -1.74
N THR C 229 -11.58 -29.39 -1.80
CA THR C 229 -10.89 -28.97 -3.02
C THR C 229 -9.78 -29.96 -3.32
N PRO C 230 -9.95 -30.76 -4.36
CA PRO C 230 -9.12 -31.97 -4.57
C PRO C 230 -7.71 -31.59 -4.98
N PRO C 231 -6.81 -32.56 -5.26
CA PRO C 231 -5.42 -32.17 -5.55
C PRO C 231 -5.34 -31.56 -6.94
N VAL C 232 -4.74 -30.38 -7.04
CA VAL C 232 -4.66 -29.77 -8.36
C VAL C 232 -3.44 -30.28 -9.08
N THR C 233 -3.64 -30.60 -10.35
CA THR C 233 -2.56 -30.90 -11.27
C THR C 233 -2.32 -29.67 -12.13
N PHE C 234 -1.14 -29.09 -11.97
CA PHE C 234 -0.61 -28.02 -12.81
CA PHE C 234 -0.64 -28.03 -12.83
C PHE C 234 0.39 -28.65 -13.77
N ASP C 235 0.25 -28.38 -15.06
CA ASP C 235 1.02 -29.13 -16.04
C ASP C 235 1.24 -28.31 -17.30
N GLN C 236 2.46 -28.32 -17.81
CA GLN C 236 2.89 -27.38 -18.85
C GLN C 236 4.11 -27.96 -19.54
N PRO C 237 3.90 -28.81 -20.53
CA PRO C 237 5.02 -29.60 -21.08
C PRO C 237 5.92 -28.79 -21.99
N LEU C 238 7.20 -29.19 -22.02
CA LEU C 238 8.24 -28.46 -22.74
C LEU C 238 9.10 -29.43 -23.54
N ASP C 239 9.28 -29.14 -24.82
CA ASP C 239 10.18 -29.92 -25.68
C ASP C 239 11.63 -29.62 -25.33
N ILE C 240 12.40 -30.63 -24.94
CA ILE C 240 13.84 -30.46 -24.80
C ILE C 240 14.56 -31.59 -25.52
N ASP C 241 15.59 -31.22 -26.29
CA ASP C 241 16.43 -32.16 -27.02
C ASP C 241 17.70 -32.40 -26.20
N LEU C 242 17.90 -33.63 -25.76
CA LEU C 242 18.97 -33.95 -24.83
C LEU C 242 20.30 -34.26 -25.50
N SER C 243 20.37 -34.29 -26.83
CA SER C 243 21.66 -34.52 -27.46
C SER C 243 22.52 -33.26 -27.47
N VAL C 244 21.89 -32.08 -27.40
CA VAL C 244 22.63 -30.89 -27.01
C VAL C 244 23.23 -31.11 -25.63
N ASP C 245 24.49 -30.71 -25.46
CA ASP C 245 25.21 -30.94 -24.21
C ASP C 245 24.50 -30.23 -23.05
N THR C 246 23.85 -31.01 -22.18
CA THR C 246 22.95 -30.49 -21.17
C THR C 246 23.50 -30.74 -19.77
N VAL C 247 23.32 -29.76 -18.89
CA VAL C 247 23.49 -29.93 -17.45
C VAL C 247 22.19 -29.53 -16.78
N VAL C 248 21.84 -30.26 -15.73
CA VAL C 248 20.69 -29.95 -14.89
C VAL C 248 21.18 -29.23 -13.64
N ILE C 249 20.61 -28.07 -13.34
CA ILE C 249 20.84 -27.35 -12.08
C ILE C 249 19.57 -27.49 -11.23
N SER C 250 19.72 -28.05 -10.04
CA SER C 250 18.59 -28.31 -9.16
C SER C 250 18.61 -27.36 -7.96
N GLY C 251 17.50 -26.65 -7.77
CA GLY C 251 17.39 -25.66 -6.73
C GLY C 251 16.20 -25.95 -5.81
N HIS C 252 16.06 -25.07 -4.83
CA HIS C 252 14.99 -25.20 -3.86
C HIS C 252 13.63 -25.26 -4.54
N GLY C 253 12.78 -26.19 -4.09
CA GLY C 253 11.46 -26.37 -4.66
C GLY C 253 11.42 -27.15 -5.95
N ALA C 254 12.51 -27.81 -6.32
CA ALA C 254 12.55 -28.57 -7.56
C ALA C 254 11.63 -29.79 -7.50
N GLY C 255 11.05 -30.11 -8.65
CA GLY C 255 10.30 -31.36 -8.82
C GLY C 255 11.23 -32.53 -9.10
N VAL C 256 10.61 -33.69 -9.28
CA VAL C 256 11.30 -34.94 -9.61
C VAL C 256 10.98 -35.30 -11.05
N HIS C 257 12.00 -35.58 -11.84
CA HIS C 257 11.85 -35.82 -13.28
C HIS C 257 12.59 -37.08 -13.69
N PRO C 258 11.90 -38.23 -13.77
CA PRO C 258 12.60 -39.47 -14.13
C PRO C 258 13.26 -39.44 -15.49
N ASN C 259 12.75 -38.66 -16.45
CA ASN C 259 13.33 -38.57 -17.79
C ASN C 259 14.54 -37.66 -17.87
N LEU C 260 14.96 -37.05 -16.75
CA LEU C 260 16.19 -36.29 -16.67
C LEU C 260 17.19 -36.95 -15.73
N ALA C 261 16.87 -38.13 -15.20
CA ALA C 261 17.66 -38.76 -14.14
C ALA C 261 19.09 -39.07 -14.58
N ALA C 262 19.31 -39.28 -15.87
CA ALA C 262 20.63 -39.65 -16.36
C ALA C 262 21.52 -38.45 -16.65
N LEU C 263 20.97 -37.23 -16.65
CA LEU C 263 21.76 -36.06 -17.00
C LEU C 263 22.70 -35.67 -15.87
N PRO C 264 23.83 -35.04 -16.20
CA PRO C 264 24.69 -34.48 -15.14
C PRO C 264 23.95 -33.39 -14.39
N THR C 265 23.83 -33.56 -13.07
CA THR C 265 22.95 -32.75 -12.26
C THR C 265 23.73 -32.11 -11.11
N VAL C 266 23.72 -30.78 -11.06
CA VAL C 266 24.25 -30.04 -9.92
C VAL C 266 23.07 -29.73 -9.01
N ALA C 267 22.94 -30.49 -7.92
CA ALA C 267 21.76 -30.43 -7.06
C ALA C 267 22.10 -29.74 -5.75
N GLU C 268 21.26 -28.78 -5.35
CA GLU C 268 21.37 -28.19 -4.04
C GLU C 268 20.87 -29.18 -2.98
N PRO C 269 21.33 -29.04 -1.74
CA PRO C 269 20.99 -30.06 -0.73
C PRO C 269 19.50 -30.25 -0.49
N THR C 270 18.68 -29.20 -0.62
CA THR C 270 17.25 -29.34 -0.46
C THR C 270 16.55 -29.85 -1.71
N ALA C 271 17.23 -29.89 -2.84
CA ALA C 271 16.60 -30.34 -4.07
C ALA C 271 16.52 -31.86 -4.06
N PRO C 272 15.33 -32.44 -4.15
CA PRO C 272 15.24 -33.89 -4.28
C PRO C 272 15.86 -34.31 -5.60
N ARG C 273 16.63 -35.39 -5.56
CA ARG C 273 17.34 -35.85 -6.74
C ARG C 273 16.51 -36.88 -7.49
N SER C 274 16.47 -36.73 -8.81
CA SER C 274 15.77 -37.68 -9.66
C SER C 274 16.61 -38.89 -10.01
N GLY C 275 17.92 -38.79 -9.91
CA GLY C 275 18.79 -39.86 -10.37
C GLY C 275 20.15 -39.89 -9.70
N ASP C 276 21.15 -40.30 -10.50
CA ASP C 276 22.31 -41.05 -10.04
C ASP C 276 23.63 -40.52 -10.59
N ASN C 277 23.62 -39.35 -11.22
CA ASN C 277 24.77 -38.84 -11.96
C ASN C 277 25.05 -37.43 -11.48
N PRO C 278 25.56 -37.28 -10.27
CA PRO C 278 25.79 -35.94 -9.73
C PRO C 278 26.98 -35.27 -10.39
N LEU C 279 26.94 -33.94 -10.37
CA LEU C 279 28.01 -33.12 -10.91
C LEU C 279 28.35 -32.08 -9.84
N HIS C 280 29.56 -32.18 -9.31
CA HIS C 280 29.96 -31.30 -8.23
C HIS C 280 29.96 -29.86 -8.70
N PRO C 281 29.52 -28.91 -7.87
CA PRO C 281 29.44 -27.51 -8.33
C PRO C 281 30.77 -26.95 -8.80
N LEU C 282 31.88 -27.33 -8.15
CA LEU C 282 33.17 -26.83 -8.54
C LEU C 282 33.68 -27.45 -9.83
N ALA C 283 32.95 -28.42 -10.38
CA ALA C 283 33.27 -28.94 -11.71
C ALA C 283 32.69 -28.09 -12.82
N LEU C 284 31.66 -27.30 -12.53
CA LEU C 284 31.01 -26.49 -13.56
C LEU C 284 31.95 -25.56 -14.34
N PRO C 285 32.90 -24.84 -13.72
CA PRO C 285 33.74 -23.95 -14.54
C PRO C 285 34.68 -24.69 -15.47
N LEU C 286 34.81 -26.00 -15.30
CA LEU C 286 35.67 -26.82 -16.14
C LEU C 286 34.92 -27.40 -17.33
N LEU C 287 33.64 -27.06 -17.50
CA LEU C 287 32.80 -27.57 -18.55
C LEU C 287 32.17 -26.41 -19.31
N ARG C 288 31.68 -26.72 -20.51
CA ARG C 288 30.97 -25.74 -21.34
C ARG C 288 29.69 -26.39 -21.83
N PRO C 289 28.65 -26.39 -21.01
CA PRO C 289 27.35 -26.88 -21.48
C PRO C 289 26.82 -26.03 -22.63
N GLN C 290 26.15 -26.68 -23.58
CA GLN C 290 25.42 -25.97 -24.62
C GLN C 290 24.00 -25.64 -24.20
N GLN C 291 23.54 -26.14 -23.05
CA GLN C 291 22.14 -26.13 -22.69
C GLN C 291 22.00 -26.40 -21.19
N VAL C 292 21.08 -25.69 -20.53
CA VAL C 292 20.87 -25.85 -19.11
C VAL C 292 19.39 -26.06 -18.82
N ILE C 293 19.08 -27.09 -18.06
CA ILE C 293 17.75 -27.32 -17.49
C ILE C 293 17.81 -26.94 -16.02
N MET C 294 16.98 -26.00 -15.62
CA MET C 294 16.94 -25.47 -14.27
C MET C 294 15.65 -25.92 -13.59
N LEU C 295 15.79 -26.66 -12.48
CA LEU C 295 14.65 -27.12 -11.70
C LEU C 295 14.53 -26.25 -10.45
N GLY C 296 13.31 -25.78 -10.17
CA GLY C 296 13.15 -24.99 -8.97
C GLY C 296 13.87 -23.67 -9.10
N ARG C 297 14.32 -23.16 -7.94
CA ARG C 297 14.97 -21.85 -7.87
C ARG C 297 16.34 -21.99 -7.24
N PRO C 298 17.38 -22.21 -8.05
CA PRO C 298 18.72 -22.40 -7.49
C PRO C 298 19.43 -21.08 -7.22
N THR C 299 20.02 -20.93 -6.04
CA THR C 299 20.73 -19.71 -5.70
C THR C 299 22.18 -19.91 -5.25
N LEU C 300 22.66 -21.15 -5.09
CA LEU C 300 23.77 -21.38 -4.16
C LEU C 300 25.14 -20.88 -4.68
N HIS C 301 25.59 -21.30 -5.86
CA HIS C 301 27.01 -21.13 -6.16
C HIS C 301 27.29 -20.13 -7.28
N ARG C 302 28.50 -19.52 -7.20
CA ARG C 302 28.87 -18.49 -8.16
C ARG C 302 29.04 -19.04 -9.57
N PRO C 303 29.72 -20.16 -9.81
CA PRO C 303 29.71 -20.71 -11.17
C PRO C 303 28.31 -21.06 -11.67
N VAL C 304 27.38 -21.41 -10.77
CA VAL C 304 26.01 -21.63 -11.19
C VAL C 304 25.40 -20.32 -11.69
N SER C 305 25.55 -19.25 -10.91
CA SER C 305 25.00 -17.96 -11.33
C SER C 305 25.64 -17.49 -12.63
N VAL C 306 26.96 -17.66 -12.75
CA VAL C 306 27.66 -17.27 -13.97
C VAL C 306 27.09 -18.02 -15.17
N LEU C 307 26.92 -19.33 -15.04
CA LEU C 307 26.40 -20.13 -16.15
C LEU C 307 24.98 -19.73 -16.50
N LEU C 308 24.13 -19.51 -15.49
CA LEU C 308 22.73 -19.16 -15.74
C LEU C 308 22.59 -17.76 -16.35
N ALA C 309 23.62 -16.92 -16.26
CA ALA C 309 23.59 -15.56 -16.79
C ALA C 309 24.39 -15.41 -18.09
N ASP C 310 24.74 -16.52 -18.74
CA ASP C 310 25.52 -16.52 -19.97
C ASP C 310 24.55 -16.45 -21.15
N ALA C 311 24.63 -15.36 -21.93
CA ALA C 311 23.63 -15.13 -22.95
C ALA C 311 23.62 -16.22 -24.02
N GLU C 312 24.74 -16.93 -24.18
CA GLU C 312 24.84 -17.94 -25.23
C GLU C 312 24.27 -19.30 -24.82
N VAL C 313 23.96 -19.50 -23.54
CA VAL C 313 23.55 -20.81 -23.05
C VAL C 313 22.04 -20.80 -22.83
N PRO C 314 21.25 -21.49 -23.64
CA PRO C 314 19.80 -21.53 -23.43
C PRO C 314 19.46 -22.19 -22.09
N VAL C 315 18.58 -21.55 -21.32
CA VAL C 315 18.15 -22.07 -20.03
C VAL C 315 16.67 -22.41 -20.12
N PHE C 316 16.33 -23.65 -19.79
CA PHE C 316 14.94 -24.10 -19.72
C PHE C 316 14.56 -24.24 -18.25
N ALA C 317 13.53 -23.51 -17.82
CA ALA C 317 13.11 -23.46 -16.43
C ALA C 317 11.91 -24.39 -16.22
N LEU C 318 12.06 -25.37 -15.33
CA LEU C 318 11.01 -26.30 -14.98
C LEU C 318 10.71 -26.16 -13.49
N THR C 319 9.44 -25.89 -13.18
CA THR C 319 9.01 -25.63 -11.80
C THR C 319 7.77 -26.46 -11.48
N THR C 320 7.47 -26.56 -10.18
CA THR C 320 6.24 -27.20 -9.73
C THR C 320 5.08 -26.21 -9.58
N GLY C 321 5.37 -24.93 -9.44
CA GLY C 321 4.34 -23.92 -9.33
C GLY C 321 4.41 -22.93 -10.47
N PRO C 322 3.54 -21.91 -10.43
CA PRO C 322 3.50 -20.93 -11.53
C PRO C 322 4.60 -19.87 -11.50
N ARG C 323 5.36 -19.75 -10.41
CA ARG C 323 6.50 -18.84 -10.39
C ARG C 323 7.69 -19.45 -11.13
N TRP C 324 8.48 -18.59 -11.76
CA TRP C 324 9.73 -19.05 -12.37
C TRP C 324 10.81 -17.99 -12.16
N PRO C 325 12.07 -18.42 -11.98
CA PRO C 325 13.16 -17.46 -11.80
C PRO C 325 13.94 -17.22 -13.08
N ASP C 326 14.79 -16.20 -13.07
CA ASP C 326 15.83 -16.04 -14.06
C ASP C 326 17.09 -15.59 -13.34
N VAL C 327 18.22 -15.71 -14.02
CA VAL C 327 19.39 -14.91 -13.73
C VAL C 327 19.66 -14.08 -14.97
N SER C 328 19.58 -12.76 -14.83
CA SER C 328 19.88 -11.80 -15.89
C SER C 328 19.08 -12.09 -17.16
N GLY C 329 17.81 -12.46 -16.97
CA GLY C 329 16.82 -12.56 -18.03
C GLY C 329 17.10 -13.45 -19.23
N ASN C 330 17.76 -14.59 -19.03
CA ASN C 330 18.19 -15.40 -20.16
C ASN C 330 17.42 -16.72 -20.26
N SER C 331 16.41 -16.91 -19.44
CA SER C 331 15.50 -18.04 -19.61
C SER C 331 14.84 -18.00 -20.97
N GLN C 332 14.90 -19.12 -21.68
CA GLN C 332 14.34 -19.24 -23.03
C GLN C 332 12.93 -19.82 -23.05
N ALA C 333 12.54 -20.59 -22.03
CA ALA C 333 11.24 -21.25 -21.98
C ALA C 333 10.97 -21.77 -20.57
N THR C 334 9.68 -21.88 -20.24
CA THR C 334 9.20 -22.40 -18.95
C THR C 334 8.41 -23.68 -19.14
N GLY C 335 8.32 -24.43 -18.06
CA GLY C 335 7.45 -25.58 -18.02
C GLY C 335 7.36 -26.16 -16.62
N THR C 336 6.65 -27.27 -16.52
CA THR C 336 6.63 -28.09 -15.32
C THR C 336 7.33 -29.42 -15.52
N ARG C 337 7.44 -29.88 -16.75
CA ARG C 337 8.13 -31.11 -17.08
C ARG C 337 8.61 -31.01 -18.51
N ALA C 338 9.49 -31.93 -18.86
CA ALA C 338 10.11 -31.98 -20.16
C ALA C 338 9.53 -33.13 -20.96
N VAL C 339 9.31 -32.91 -22.24
CA VAL C 339 9.14 -34.00 -23.18
C VAL C 339 10.44 -34.07 -23.97
N THR C 340 11.20 -35.14 -23.77
CA THR C 340 12.56 -35.21 -24.24
C THR C 340 12.67 -36.04 -25.52
N THR C 341 13.59 -35.63 -26.37
CA THR C 341 14.07 -36.46 -27.47
C THR C 341 15.57 -36.47 -27.43
N GLY C 342 16.15 -37.54 -27.95
CA GLY C 342 17.59 -37.74 -27.92
C GLY C 342 18.08 -38.36 -26.63
N ALA C 343 19.40 -38.47 -26.56
CA ALA C 343 20.13 -38.87 -25.37
C ALA C 343 21.46 -38.14 -25.39
N PRO C 344 22.09 -37.95 -24.24
CA PRO C 344 23.35 -37.20 -24.22
C PRO C 344 24.44 -37.92 -25.00
N ARG C 345 25.35 -37.13 -25.57
CA ARG C 345 26.57 -37.69 -26.15
C ARG C 345 27.31 -38.46 -25.07
N PRO C 346 27.75 -39.70 -25.35
CA PRO C 346 28.62 -40.39 -24.37
C PRO C 346 29.87 -39.60 -24.01
N ALA C 347 30.43 -38.85 -24.97
CA ALA C 347 31.62 -38.05 -24.69
C ALA C 347 31.30 -36.93 -23.69
N TRP C 348 30.09 -36.37 -23.74
CA TRP C 348 29.70 -35.35 -22.77
C TRP C 348 29.56 -35.95 -21.37
N LEU C 349 28.89 -37.09 -21.27
CA LEU C 349 28.70 -37.73 -19.96
C LEU C 349 30.04 -38.12 -19.35
N ASP C 350 30.94 -38.68 -20.15
CA ASP C 350 32.24 -39.10 -19.64
C ASP C 350 33.02 -37.90 -19.08
N ARG C 351 33.03 -36.81 -19.83
CA ARG C 351 33.76 -35.62 -19.41
C ARG C 351 33.16 -35.04 -18.14
N CYS C 352 31.83 -34.94 -18.07
CA CYS C 352 31.18 -34.47 -16.87
C CYS C 352 31.52 -35.35 -15.68
N ALA C 353 31.43 -36.67 -15.87
CA ALA C 353 31.76 -37.60 -14.80
C ALA C 353 33.21 -37.45 -14.35
N ALA C 354 34.11 -37.24 -15.29
CA ALA C 354 35.52 -37.11 -14.94
C ALA C 354 35.80 -35.81 -14.21
N MET C 355 35.19 -34.71 -14.65
CA MET C 355 35.35 -33.46 -13.91
C MET C 355 34.74 -33.55 -12.52
N ASN C 356 33.76 -34.44 -12.33
CA ASN C 356 33.12 -34.59 -11.03
C ASN C 356 34.05 -35.32 -10.05
N ARG C 357 34.67 -36.40 -10.50
CA ARG C 357 35.67 -37.07 -9.66
C ARG C 357 36.82 -36.13 -9.33
N HIS C 358 37.24 -35.35 -10.33
CA HIS C 358 38.33 -34.40 -10.18
C HIS C 358 38.01 -33.32 -9.13
N ALA C 359 36.75 -32.85 -9.12
CA ALA C 359 36.35 -31.85 -8.13
C ALA C 359 36.17 -32.48 -6.75
N ILE C 360 35.52 -33.64 -6.69
CA ILE C 360 35.38 -34.36 -5.44
C ILE C 360 36.75 -34.67 -4.83
N ALA C 361 37.74 -34.95 -5.68
CA ALA C 361 39.07 -35.29 -5.18
C ALA C 361 39.77 -34.05 -4.62
N ALA C 362 39.64 -32.91 -5.29
CA ALA C 362 40.32 -31.71 -4.84
C ALA C 362 39.75 -31.17 -3.53
N VAL C 363 38.50 -31.47 -3.22
CA VAL C 363 37.96 -31.06 -1.93
C VAL C 363 38.50 -31.97 -0.83
N ARG C 364 38.37 -33.30 -1.04
CA ARG C 364 38.90 -34.27 -0.08
C ARG C 364 40.38 -34.05 0.21
N GLU C 365 41.16 -33.68 -0.81
CA GLU C 365 42.59 -33.46 -0.60
C GLU C 365 42.83 -32.23 0.28
N GLN C 366 42.26 -31.08 -0.12
CA GLN C 366 42.46 -29.85 0.64
C GLN C 366 41.85 -29.88 2.04
N LEU C 367 40.87 -30.76 2.27
CA LEU C 367 40.39 -30.96 3.63
C LEU C 367 41.42 -31.71 4.46
N ALA C 368 41.93 -32.83 3.91
CA ALA C 368 43.00 -33.56 4.57
C ALA C 368 44.28 -32.72 4.68
N ALA C 369 44.53 -31.87 3.68
CA ALA C 369 45.72 -31.03 3.71
C ALA C 369 45.69 -30.04 4.88
N HIS C 370 44.50 -29.58 5.26
CA HIS C 370 44.38 -28.55 6.28
C HIS C 370 44.45 -29.16 7.67
N PRO C 371 45.35 -28.66 8.53
CA PRO C 371 45.39 -29.20 9.89
C PRO C 371 44.14 -28.81 10.68
N LEU C 372 43.68 -27.58 10.48
CA LEU C 372 42.58 -26.99 11.25
C LEU C 372 41.24 -27.58 10.85
N THR C 373 40.29 -27.50 11.78
CA THR C 373 38.92 -27.93 11.52
C THR C 373 38.10 -26.71 11.13
N THR C 374 37.93 -26.53 9.82
CA THR C 374 37.02 -25.54 9.25
C THR C 374 35.58 -26.02 9.35
N GLY C 375 34.66 -25.14 8.95
CA GLY C 375 33.28 -25.53 8.80
C GLY C 375 33.04 -26.53 7.68
N LEU C 376 33.98 -26.66 6.75
CA LEU C 376 33.83 -27.65 5.68
C LEU C 376 34.13 -29.06 6.18
N HIS C 377 35.09 -29.19 7.10
CA HIS C 377 35.30 -30.48 7.73
C HIS C 377 34.07 -30.93 8.51
N VAL C 378 33.44 -30.00 9.24
CA VAL C 378 32.25 -30.34 10.01
C VAL C 378 31.14 -30.82 9.08
N ALA C 379 30.94 -30.13 7.96
CA ALA C 379 29.92 -30.56 7.01
C ALA C 379 30.24 -31.94 6.44
N ALA C 380 31.51 -32.20 6.16
CA ALA C 380 31.90 -33.49 5.59
C ALA C 380 31.64 -34.62 6.57
N ALA C 381 31.82 -34.36 7.87
CA ALA C 381 31.62 -35.40 8.86
C ALA C 381 30.14 -35.63 9.14
N VAL C 382 29.33 -34.57 9.17
CA VAL C 382 27.88 -34.74 9.31
C VAL C 382 27.34 -35.56 8.14
N SER C 383 27.79 -35.24 6.92
CA SER C 383 27.31 -35.94 5.73
C SER C 383 27.66 -37.42 5.79
N HIS C 384 28.89 -37.74 6.20
N HIS C 384 28.89 -37.74 6.20
CA HIS C 384 29.32 -39.12 6.30
CA HIS C 384 29.31 -39.12 6.29
C HIS C 384 28.52 -39.89 7.34
C HIS C 384 28.52 -39.89 7.34
N ALA C 385 27.94 -39.17 8.30
CA ALA C 385 27.24 -39.80 9.42
C ALA C 385 25.74 -40.01 9.19
N LEU C 386 25.15 -39.40 8.18
CA LEU C 386 23.70 -39.52 7.98
C LEU C 386 23.33 -40.83 7.30
N ARG C 387 22.09 -41.26 7.52
CA ARG C 387 21.58 -42.55 7.08
C ARG C 387 20.13 -42.37 6.67
N PRO C 388 19.63 -43.23 5.78
CA PRO C 388 18.26 -43.04 5.28
C PRO C 388 17.25 -42.95 6.42
N GLY C 389 16.30 -42.03 6.28
CA GLY C 389 15.35 -41.75 7.31
C GLY C 389 15.68 -40.53 8.16
N ASP C 390 16.93 -40.08 8.14
CA ASP C 390 17.31 -38.86 8.84
C ASP C 390 16.69 -37.63 8.21
N GLN C 391 16.38 -36.65 9.05
CA GLN C 391 16.08 -35.31 8.58
C GLN C 391 17.28 -34.42 8.88
N LEU C 392 17.74 -33.69 7.85
CA LEU C 392 18.85 -32.77 7.95
C LEU C 392 18.32 -31.35 7.76
N VAL C 393 18.55 -30.49 8.75
CA VAL C 393 18.12 -29.10 8.72
C VAL C 393 19.38 -28.24 8.68
N LEU C 394 19.52 -27.43 7.63
CA LEU C 394 20.74 -26.68 7.41
C LEU C 394 20.49 -25.18 7.54
N GLY C 395 21.38 -24.51 8.27
CA GLY C 395 21.40 -23.06 8.25
C GLY C 395 21.61 -22.52 6.85
N ALA C 396 20.89 -21.47 6.52
CA ALA C 396 20.77 -21.05 5.13
C ALA C 396 22.02 -20.37 4.58
N SER C 397 23.01 -20.07 5.42
CA SER C 397 24.23 -19.42 4.97
C SER C 397 25.30 -20.44 4.57
N ASN C 398 26.27 -20.68 5.45
CA ASN C 398 27.44 -21.53 5.17
C ASN C 398 27.14 -23.02 5.24
N PRO C 399 26.35 -23.51 6.22
CA PRO C 399 26.04 -24.96 6.24
C PRO C 399 25.54 -25.53 4.93
N VAL C 400 24.54 -24.90 4.32
CA VAL C 400 23.99 -25.46 3.09
C VAL C 400 25.02 -25.40 1.96
N ARG C 401 25.86 -24.36 1.95
CA ARG C 401 26.93 -24.31 0.97
C ARG C 401 28.01 -25.36 1.27
N ASP C 402 28.41 -25.49 2.54
CA ASP C 402 29.45 -26.45 2.87
C ASP C 402 29.02 -27.88 2.61
N VAL C 403 27.75 -28.20 2.88
CA VAL C 403 27.26 -29.55 2.62
C VAL C 403 27.24 -29.86 1.13
N ALA C 404 26.99 -28.84 0.29
CA ALA C 404 27.06 -29.05 -1.16
C ALA C 404 28.48 -29.35 -1.61
N LEU C 405 29.46 -28.63 -1.06
CA LEU C 405 30.85 -28.82 -1.47
C LEU C 405 31.40 -30.15 -0.97
N ALA C 406 30.98 -30.59 0.22
CA ALA C 406 31.40 -31.87 0.76
C ALA C 406 30.73 -33.04 0.06
N GLY C 407 29.72 -32.78 -0.77
CA GLY C 407 29.23 -33.78 -1.70
C GLY C 407 28.22 -34.76 -1.15
N LEU C 408 27.46 -34.37 -0.13
CA LEU C 408 26.41 -35.20 0.43
C LEU C 408 25.55 -35.82 -0.65
N ASP C 409 25.32 -37.13 -0.53
CA ASP C 409 24.31 -37.83 -1.31
C ASP C 409 23.00 -37.81 -0.50
N THR C 410 22.04 -37.01 -0.95
CA THR C 410 20.86 -36.68 -0.15
C THR C 410 19.72 -37.69 -0.29
N ARG C 411 19.86 -38.73 -1.11
CA ARG C 411 18.73 -39.63 -1.34
C ARG C 411 18.50 -40.49 -0.11
N GLY C 412 17.23 -40.59 0.30
CA GLY C 412 16.84 -41.17 1.57
C GLY C 412 16.74 -40.19 2.70
N ILE C 413 17.33 -39.01 2.55
CA ILE C 413 17.45 -37.98 3.58
C ILE C 413 16.46 -36.86 3.29
N ARG C 414 15.79 -36.36 4.32
CA ARG C 414 14.87 -35.23 4.18
C ARG C 414 15.61 -33.96 4.57
N VAL C 415 15.95 -33.13 3.59
CA VAL C 415 16.79 -31.95 3.80
C VAL C 415 15.92 -30.71 3.81
N ARG C 416 16.06 -29.90 4.86
CA ARG C 416 15.32 -28.66 5.04
C ARG C 416 16.28 -27.48 5.18
N SER C 417 15.93 -26.37 4.55
CA SER C 417 16.69 -25.14 4.71
C SER C 417 15.81 -23.97 4.34
N ASN C 418 15.96 -22.87 5.08
CA ASN C 418 15.20 -21.65 4.78
C ASN C 418 15.86 -20.94 3.60
N ARG C 419 15.69 -21.55 2.42
CA ARG C 419 16.29 -21.02 1.20
C ARG C 419 15.48 -19.88 0.58
N GLY C 420 14.37 -19.48 1.21
CA GLY C 420 13.55 -18.43 0.62
C GLY C 420 14.29 -17.11 0.55
N VAL C 421 14.83 -16.66 1.67
CA VAL C 421 15.69 -15.48 1.66
C VAL C 421 17.09 -15.81 2.18
N ALA C 422 17.34 -17.07 2.54
CA ALA C 422 18.69 -17.51 2.92
C ALA C 422 19.24 -16.69 4.08
N GLY C 423 18.34 -16.28 4.96
CA GLY C 423 18.76 -15.53 6.13
C GLY C 423 19.30 -16.46 7.21
N ILE C 424 20.27 -15.95 7.96
CA ILE C 424 20.72 -16.63 9.17
C ILE C 424 19.56 -16.76 10.16
N ASP C 425 18.59 -15.87 10.07
CA ASP C 425 17.50 -15.78 11.03
C ASP C 425 16.78 -17.12 11.24
N GLY C 426 16.51 -17.43 12.50
CA GLY C 426 15.48 -18.39 12.88
C GLY C 426 15.83 -19.86 12.75
N THR C 427 17.10 -20.22 12.54
CA THR C 427 17.40 -21.62 12.23
C THR C 427 17.13 -22.54 13.42
N VAL C 428 17.37 -22.08 14.65
CA VAL C 428 17.17 -22.97 15.80
C VAL C 428 15.71 -23.36 15.94
N SER C 429 14.80 -22.36 15.91
CA SER C 429 13.38 -22.68 16.01
C SER C 429 12.91 -23.49 14.81
N THR C 430 13.46 -23.21 13.63
CA THR C 430 13.08 -24.00 12.46
C THR C 430 13.46 -25.47 12.66
N ALA C 431 14.69 -25.71 13.11
CA ALA C 431 15.12 -27.08 13.39
C ALA C 431 14.22 -27.74 14.45
N ILE C 432 13.85 -26.99 15.49
CA ILE C 432 13.02 -27.58 16.53
C ILE C 432 11.62 -27.89 15.99
N GLY C 433 11.06 -26.99 15.18
CA GLY C 433 9.75 -27.23 14.63
C GLY C 433 9.73 -28.38 13.64
N ALA C 434 10.78 -28.48 12.81
CA ALA C 434 10.88 -29.58 11.86
C ALA C 434 10.95 -30.92 12.58
N ALA C 435 11.74 -30.98 13.64
CA ALA C 435 11.88 -32.22 14.39
C ALA C 435 10.57 -32.62 15.06
N LEU C 436 9.84 -31.64 15.62
CA LEU C 436 8.57 -31.94 16.26
C LEU C 436 7.56 -32.49 15.26
N ALA C 437 7.47 -31.87 14.08
CA ALA C 437 6.50 -32.32 13.09
C ALA C 437 6.90 -33.64 12.47
N TYR C 438 8.21 -33.83 12.22
CA TYR C 438 8.69 -35.09 11.65
C TYR C 438 8.46 -36.25 12.60
N GLU C 439 8.75 -36.04 13.89
CA GLU C 439 8.48 -37.08 14.89
C GLU C 439 6.99 -37.28 15.11
N GLY C 440 6.18 -36.24 14.91
CA GLY C 440 4.76 -36.44 14.92
C GLY C 440 4.29 -37.35 13.81
N ALA C 441 4.92 -37.22 12.63
CA ALA C 441 4.54 -38.07 11.50
C ALA C 441 4.89 -39.53 11.75
N HIS C 442 6.06 -39.77 12.36
CA HIS C 442 6.48 -41.15 12.65
C HIS C 442 5.62 -41.77 13.74
N GLU C 443 5.21 -40.97 14.73
CA GLU C 443 4.40 -41.50 15.82
C GLU C 443 3.08 -42.06 15.29
N ARG C 444 2.53 -41.43 14.26
CA ARG C 444 1.23 -41.85 13.75
C ARG C 444 1.31 -43.07 12.82
N THR C 445 2.51 -43.56 12.51
CA THR C 445 2.63 -44.78 11.73
C THR C 445 2.62 -46.03 12.61
N ASP C 449 8.70 -48.08 16.28
CA ASP C 449 9.99 -48.04 16.98
C ASP C 449 10.35 -46.61 17.42
N SER C 450 11.65 -46.30 17.41
CA SER C 450 12.14 -45.04 17.96
C SER C 450 12.02 -43.90 16.94
N PRO C 451 11.77 -42.68 17.42
CA PRO C 451 11.65 -41.52 16.52
C PRO C 451 12.92 -41.31 15.72
N PRO C 452 12.80 -41.02 14.42
CA PRO C 452 14.00 -40.87 13.59
C PRO C 452 14.75 -39.60 13.94
N ARG C 453 16.05 -39.61 13.65
CA ARG C 453 16.91 -38.50 14.03
C ARG C 453 16.59 -37.25 13.21
N THR C 454 16.74 -36.10 13.85
CA THR C 454 16.87 -34.83 13.14
C THR C 454 18.20 -34.22 13.53
N ILE C 455 19.04 -33.96 12.53
CA ILE C 455 20.35 -33.36 12.72
C ILE C 455 20.34 -31.99 12.08
N ALA C 456 20.78 -30.99 12.83
CA ALA C 456 20.82 -29.61 12.36
C ALA C 456 22.25 -29.12 12.34
N LEU C 457 22.63 -28.42 11.28
CA LEU C 457 23.95 -27.79 11.18
C LEU C 457 23.76 -26.28 11.08
N ILE C 458 24.42 -25.57 11.97
CA ILE C 458 24.16 -24.17 12.26
C ILE C 458 25.50 -23.54 12.60
N GLY C 459 25.80 -22.37 12.01
CA GLY C 459 26.98 -21.64 12.41
C GLY C 459 26.80 -20.99 13.76
N ASP C 460 27.91 -20.60 14.39
CA ASP C 460 27.80 -20.17 15.78
C ASP C 460 27.10 -18.83 15.91
N LEU C 461 27.32 -17.91 14.96
CA LEU C 461 26.59 -16.65 15.02
C LEU C 461 25.09 -16.86 14.87
N THR C 462 24.69 -17.78 13.99
CA THR C 462 23.28 -18.08 13.78
C THR C 462 22.66 -18.67 15.05
N PHE C 463 23.38 -19.55 15.74
CA PHE C 463 22.86 -20.16 16.96
C PHE C 463 22.59 -19.11 18.03
N VAL C 464 23.53 -18.20 18.22
CA VAL C 464 23.39 -17.19 19.26
C VAL C 464 22.30 -16.19 18.87
N HIS C 465 22.24 -15.84 17.58
CA HIS C 465 21.19 -14.98 17.03
C HIS C 465 19.80 -15.51 17.37
N ASP C 466 19.58 -16.82 17.18
CA ASP C 466 18.27 -17.43 17.46
C ASP C 466 18.25 -18.20 18.79
N SER C 467 19.19 -17.91 19.70
CA SER C 467 19.25 -18.60 20.99
C SER C 467 17.94 -18.53 21.75
N SER C 468 17.16 -17.47 21.51
CA SER C 468 15.81 -17.35 22.04
C SER C 468 14.92 -18.53 21.69
N GLY C 469 15.25 -19.26 20.61
CA GLY C 469 14.49 -20.44 20.28
C GLY C 469 14.58 -21.53 21.34
N LEU C 470 15.59 -21.46 22.20
CA LEU C 470 15.79 -22.44 23.25
C LEU C 470 14.96 -22.18 24.51
N LEU C 471 14.26 -21.05 24.62
CA LEU C 471 13.50 -20.75 25.84
C LEU C 471 12.14 -21.42 25.73
N ILE C 472 12.11 -22.68 26.13
CA ILE C 472 10.94 -23.55 26.02
C ILE C 472 10.48 -23.86 27.44
N GLY C 473 9.28 -23.40 27.81
CA GLY C 473 8.72 -23.76 29.09
C GLY C 473 8.59 -25.26 29.25
N PRO C 474 8.46 -25.73 30.49
CA PRO C 474 8.52 -27.19 30.71
C PRO C 474 7.25 -27.91 30.31
N THR C 475 6.15 -27.18 30.09
CA THR C 475 4.89 -27.78 29.63
C THR C 475 4.82 -27.90 28.11
N GLU C 476 5.83 -27.33 27.34
CA GLU C 476 5.68 -27.30 25.90
C GLU C 476 6.36 -28.50 25.24
N PRO C 477 5.87 -28.90 24.07
CA PRO C 477 6.46 -30.05 23.38
C PRO C 477 7.92 -29.85 23.07
N ILE C 478 8.70 -30.91 23.30
CA ILE C 478 10.14 -30.95 23.06
C ILE C 478 10.41 -32.10 22.08
N PRO C 479 11.39 -31.99 21.18
CA PRO C 479 11.74 -33.13 20.33
C PRO C 479 12.52 -34.20 21.07
N ARG C 480 12.32 -35.45 20.61
CA ARG C 480 13.03 -36.58 21.21
C ARG C 480 14.43 -36.74 20.63
N SER C 481 14.57 -36.55 19.32
CA SER C 481 15.80 -36.92 18.61
C SER C 481 16.40 -35.76 17.81
N LEU C 482 16.37 -34.55 18.36
CA LEU C 482 17.05 -33.42 17.74
C LEU C 482 18.48 -33.27 18.27
N THR C 483 19.43 -33.16 17.34
CA THR C 483 20.82 -32.84 17.66
C THR C 483 21.24 -31.65 16.81
N ILE C 484 21.66 -30.57 17.46
CA ILE C 484 22.16 -29.38 16.76
C ILE C 484 23.68 -29.38 16.80
N VAL C 485 24.30 -29.40 15.62
CA VAL C 485 25.76 -29.34 15.51
C VAL C 485 26.15 -27.90 15.19
N VAL C 486 26.88 -27.26 16.09
CA VAL C 486 27.30 -25.87 15.93
C VAL C 486 28.77 -25.83 15.51
N SER C 487 29.04 -25.07 14.45
CA SER C 487 30.34 -24.95 13.82
C SER C 487 30.89 -23.56 14.13
N ASN C 488 32.04 -23.51 14.83
CA ASN C 488 32.46 -22.30 15.51
C ASN C 488 33.45 -21.46 14.71
N ASP C 489 33.54 -21.64 13.39
CA ASP C 489 34.48 -20.89 12.53
C ASP C 489 34.78 -19.45 12.95
N PRO C 516 34.38 -11.52 13.71
CA PRO C 516 34.78 -11.26 15.08
C PRO C 516 33.67 -11.70 16.03
N HIS C 517 33.85 -12.88 16.59
CA HIS C 517 32.91 -13.43 17.55
C HIS C 517 33.66 -13.66 18.85
N ASP C 518 32.94 -13.79 19.95
CA ASP C 518 33.59 -14.22 21.16
C ASP C 518 32.75 -15.16 22.02
N VAL C 519 31.53 -15.52 21.59
CA VAL C 519 30.57 -16.16 22.47
C VAL C 519 30.98 -17.58 22.83
N ASP C 520 30.71 -17.93 24.08
CA ASP C 520 30.81 -19.28 24.67
C ASP C 520 29.47 -20.01 24.50
N VAL C 521 29.39 -20.94 23.53
CA VAL C 521 28.13 -21.65 23.28
C VAL C 521 27.74 -22.53 24.46
N GLY C 522 28.72 -23.04 25.22
CA GLY C 522 28.40 -23.93 26.31
C GLY C 522 27.67 -23.24 27.44
N ALA C 523 28.09 -22.02 27.79
CA ALA C 523 27.37 -21.25 28.80
C ALA C 523 25.97 -20.90 28.31
N LEU C 524 25.85 -20.50 27.04
CA LEU C 524 24.55 -20.24 26.46
C LEU C 524 23.60 -21.42 26.67
N CYS C 525 24.09 -22.63 26.42
CA CYS C 525 23.21 -23.80 26.49
C CYS C 525 22.81 -24.13 27.92
N ARG C 526 23.70 -23.94 28.88
CA ARG C 526 23.28 -24.22 30.25
C ARG C 526 22.32 -23.16 30.77
N ALA C 527 22.53 -21.89 30.36
CA ALA C 527 21.57 -20.84 30.69
C ALA C 527 20.14 -21.25 30.34
N TYR C 528 19.95 -21.87 29.17
CA TYR C 528 18.64 -22.34 28.76
C TYR C 528 18.41 -23.81 29.11
N HIS C 529 19.35 -24.44 29.82
CA HIS C 529 19.19 -25.81 30.33
C HIS C 529 19.06 -26.82 29.19
N VAL C 530 20.02 -26.77 28.27
CA VAL C 530 20.09 -27.67 27.14
C VAL C 530 21.44 -28.39 27.18
N GLU C 531 21.39 -29.71 27.24
CA GLU C 531 22.59 -30.53 27.23
C GLU C 531 23.47 -30.16 26.05
N SER C 532 24.75 -29.90 26.33
CA SER C 532 25.70 -29.44 25.33
C SER C 532 27.08 -29.99 25.65
N ARG C 533 27.93 -30.02 24.62
CA ARG C 533 29.25 -30.61 24.75
C ARG C 533 30.10 -30.14 23.58
N GLN C 534 31.39 -29.91 23.84
CA GLN C 534 32.36 -29.69 22.78
C GLN C 534 32.98 -31.02 22.39
N ILE C 535 33.19 -31.21 21.09
CA ILE C 535 33.81 -32.43 20.58
C ILE C 535 34.65 -32.11 19.36
N GLU C 536 35.56 -33.02 19.05
CA GLU C 536 36.38 -32.95 17.84
C GLU C 536 35.60 -33.51 16.66
N VAL C 537 35.97 -33.08 15.45
CA VAL C 537 35.23 -33.46 14.26
C VAL C 537 35.29 -34.96 14.03
N ASP C 538 36.37 -35.62 14.48
CA ASP C 538 36.50 -37.07 14.34
C ASP C 538 35.46 -37.83 15.14
N GLU C 539 34.91 -37.23 16.18
CA GLU C 539 34.04 -37.97 17.08
C GLU C 539 32.58 -37.66 16.87
N LEU C 540 32.23 -36.89 15.84
CA LEU C 540 30.85 -36.50 15.64
C LEU C 540 30.00 -37.70 15.22
N GLY C 541 30.51 -38.50 14.30
CA GLY C 541 29.87 -39.72 13.88
C GLY C 541 29.42 -40.59 15.03
N PRO C 542 30.38 -41.11 15.80
CA PRO C 542 30.03 -41.92 16.99
C PRO C 542 29.13 -41.20 17.98
N THR C 543 29.39 -39.92 18.25
CA THR C 543 28.51 -39.18 19.15
C THR C 543 27.10 -39.07 18.59
N LEU C 544 26.99 -38.76 17.29
CA LEU C 544 25.67 -38.66 16.67
C LEU C 544 24.96 -40.01 16.68
N ASP C 545 25.73 -41.10 16.54
CA ASP C 545 25.16 -42.44 16.48
C ASP C 545 24.36 -42.81 17.74
N GLN C 546 24.77 -42.29 18.90
CA GLN C 546 24.16 -42.74 20.16
C GLN C 546 23.01 -41.82 20.54
N PRO C 547 21.73 -42.31 20.47
CA PRO C 547 20.58 -41.47 20.86
C PRO C 547 20.81 -40.73 22.15
N GLY C 548 20.63 -39.43 22.13
CA GLY C 548 20.79 -38.66 23.34
C GLY C 548 19.50 -38.54 24.11
N ALA C 549 19.63 -38.16 25.37
CA ALA C 549 18.44 -37.80 26.14
C ALA C 549 17.93 -36.45 25.67
N GLY C 550 17.02 -36.48 24.68
CA GLY C 550 16.37 -35.27 24.19
C GLY C 550 17.26 -34.31 23.42
N MET C 551 16.80 -33.06 23.38
CA MET C 551 17.46 -31.96 22.69
C MET C 551 18.89 -31.81 23.15
N ARG C 552 19.83 -31.85 22.21
CA ARG C 552 21.21 -31.59 22.57
C ARG C 552 21.88 -30.75 21.50
N VAL C 553 22.97 -30.12 21.90
CA VAL C 553 23.80 -29.26 21.06
C VAL C 553 25.22 -29.83 21.09
N LEU C 554 25.83 -30.00 19.92
CA LEU C 554 27.21 -30.43 19.81
C LEU C 554 28.01 -29.27 19.24
N GLU C 555 28.95 -28.75 20.02
CA GLU C 555 29.81 -27.68 19.56
C GLU C 555 31.12 -28.26 19.06
N VAL C 556 31.56 -27.78 17.90
CA VAL C 556 32.78 -28.21 17.23
C VAL C 556 33.62 -26.96 16.99
N LYS C 557 34.82 -26.93 17.56
CA LYS C 557 35.71 -25.78 17.38
C LYS C 557 36.47 -25.87 16.06
N PRO D 23 30.86 5.33 -9.41
CA PRO D 23 29.45 5.64 -9.61
C PRO D 23 28.61 5.38 -8.36
N SER D 24 28.21 4.11 -8.19
CA SER D 24 27.73 3.64 -6.90
C SER D 24 28.68 4.03 -5.78
N THR D 25 29.98 3.89 -6.03
CA THR D 25 30.97 4.27 -5.03
C THR D 25 30.89 5.75 -4.67
N THR D 26 30.82 6.64 -5.67
CA THR D 26 30.79 8.06 -5.31
C THR D 26 29.41 8.48 -4.80
N GLN D 27 28.34 7.86 -5.32
CA GLN D 27 27.02 8.06 -4.72
C GLN D 27 27.05 7.81 -3.22
N ALA D 28 27.59 6.67 -2.80
CA ALA D 28 27.66 6.34 -1.38
C ALA D 28 28.47 7.37 -0.59
N ARG D 29 29.58 7.85 -1.17
CA ARG D 29 30.43 8.77 -0.43
C ARG D 29 29.76 10.12 -0.20
N VAL D 30 28.94 10.57 -1.14
CA VAL D 30 28.34 11.90 -0.97
C VAL D 30 27.20 11.85 0.05
N VAL D 31 26.37 10.79 0.02
CA VAL D 31 25.28 10.77 1.00
C VAL D 31 25.83 10.65 2.42
N VAL D 32 26.87 9.82 2.62
CA VAL D 32 27.54 9.75 3.91
C VAL D 32 27.99 11.13 4.35
N ASP D 33 28.49 11.92 3.40
CA ASP D 33 29.00 13.25 3.73
C ASP D 33 27.88 14.22 4.07
N GLU D 34 26.75 14.12 3.36
CA GLU D 34 25.63 14.99 3.68
C GLU D 34 25.00 14.61 5.03
N LEU D 35 24.84 13.31 5.28
CA LEU D 35 24.41 12.85 6.59
C LEU D 35 25.25 13.47 7.71
N ILE D 36 26.57 13.44 7.55
CA ILE D 36 27.45 13.99 8.58
C ILE D 36 27.24 15.49 8.72
N ARG D 37 27.01 16.18 7.61
CA ARG D 37 26.73 17.61 7.69
C ARG D 37 25.43 17.88 8.46
N GLY D 38 24.45 16.98 8.33
CA GLY D 38 23.18 17.14 8.99
C GLY D 38 23.10 16.58 10.39
N GLY D 39 24.24 16.33 11.02
CA GLY D 39 24.26 16.00 12.44
C GLY D 39 24.27 14.53 12.80
N VAL D 40 24.39 13.63 11.83
CA VAL D 40 24.51 12.21 12.13
C VAL D 40 25.92 11.93 12.65
N ARG D 41 26.01 11.36 13.85
CA ARG D 41 27.28 11.03 14.47
C ARG D 41 27.52 9.54 14.65
N ASP D 42 26.45 8.73 14.65
CA ASP D 42 26.53 7.28 14.82
C ASP D 42 25.75 6.60 13.71
N VAL D 43 26.30 5.50 13.21
CA VAL D 43 25.65 4.70 12.18
C VAL D 43 25.74 3.24 12.61
N VAL D 44 24.67 2.49 12.38
CA VAL D 44 24.64 1.06 12.70
C VAL D 44 24.57 0.28 11.41
N LEU D 45 25.50 -0.63 11.22
CA LEU D 45 25.65 -1.35 9.96
C LEU D 45 25.45 -2.84 10.21
N CYS D 46 24.51 -3.43 9.46
CA CYS D 46 24.40 -4.87 9.34
C CYS D 46 25.05 -5.27 8.01
N PRO D 47 26.05 -6.15 8.01
CA PRO D 47 26.66 -6.38 6.70
C PRO D 47 26.20 -7.69 6.06
N ALA D 52 27.22 -2.38 0.02
CA ALA D 52 28.63 -2.60 -0.28
C ALA D 52 29.38 -1.25 -0.43
N PRO D 53 29.09 -0.41 -1.43
CA PRO D 53 29.76 0.91 -1.46
C PRO D 53 29.36 1.77 -0.28
N LEU D 54 28.07 1.79 0.05
CA LEU D 54 27.63 2.47 1.27
C LEU D 54 28.40 1.95 2.48
N ALA D 55 28.53 0.62 2.58
CA ALA D 55 29.34 0.04 3.66
C ALA D 55 30.75 0.62 3.65
N PHE D 56 31.41 0.71 2.48
CA PHE D 56 32.79 1.18 2.43
C PHE D 56 32.90 2.69 2.62
N ALA D 57 31.89 3.46 2.20
CA ALA D 57 31.92 4.89 2.49
C ALA D 57 31.92 5.16 3.99
N LEU D 58 31.38 4.25 4.80
CA LEU D 58 31.24 4.52 6.23
C LEU D 58 32.55 4.30 6.99
N GLN D 59 33.38 3.32 6.58
CA GLN D 59 34.64 3.06 7.30
C GLN D 59 35.61 4.22 7.12
N ASP D 60 35.70 4.74 5.91
CA ASP D 60 36.62 5.86 5.71
C ASP D 60 36.18 7.05 6.56
N ALA D 61 34.87 7.27 6.68
CA ALA D 61 34.39 8.29 7.60
C ALA D 61 34.59 7.88 9.06
N ASP D 62 34.50 6.58 9.36
CA ASP D 62 34.81 6.08 10.71
C ASP D 62 36.30 6.14 11.00
N ARG D 63 37.12 5.73 10.03
CA ARG D 63 38.57 5.86 10.19
C ARG D 63 38.98 7.31 10.34
N SER D 64 38.32 8.22 9.60
CA SER D 64 38.65 9.63 9.71
C SER D 64 38.15 10.28 10.98
N GLY D 65 37.33 9.57 11.78
CA GLY D 65 36.77 10.12 12.98
C GLY D 65 35.53 10.97 12.78
N ARG D 66 34.98 11.00 11.56
CA ARG D 66 33.83 11.87 11.30
C ARG D 66 32.55 11.29 11.89
N ILE D 67 32.34 9.98 11.72
CA ILE D 67 31.25 9.28 12.37
C ILE D 67 31.83 8.16 13.22
N ARG D 68 31.01 7.67 14.14
CA ARG D 68 31.34 6.47 14.88
C ARG D 68 30.44 5.36 14.41
N LEU D 69 31.05 4.34 13.81
CA LEU D 69 30.34 3.23 13.19
C LEU D 69 30.19 2.09 14.19
N HIS D 70 29.04 1.42 14.14
CA HIS D 70 28.72 0.28 15.00
C HIS D 70 28.30 -0.89 14.12
N VAL D 71 28.81 -2.08 14.39
CA VAL D 71 28.50 -3.26 13.58
C VAL D 71 27.69 -4.24 14.42
N ARG D 72 26.62 -4.78 13.83
CA ARG D 72 25.81 -5.81 14.43
C ARG D 72 25.38 -6.83 13.39
N ILE D 73 25.20 -8.07 13.85
CA ILE D 73 24.77 -9.17 12.99
C ILE D 73 23.26 -9.31 12.93
N ASP D 74 22.55 -9.01 14.02
CA ASP D 74 21.10 -9.16 14.09
C ASP D 74 20.45 -7.81 13.82
N GLU D 75 19.59 -7.77 12.80
CA GLU D 75 19.03 -6.50 12.36
C GLU D 75 18.01 -5.95 13.35
N ARG D 76 17.22 -6.82 13.98
CA ARG D 76 16.33 -6.34 15.02
C ARG D 76 17.12 -5.64 16.12
N THR D 77 18.22 -6.27 16.56
CA THR D 77 19.12 -5.69 17.54
C THR D 77 19.71 -4.35 17.07
N ALA D 78 20.13 -4.29 15.79
CA ALA D 78 20.73 -3.06 15.26
C ALA D 78 19.75 -1.90 15.29
N GLY D 79 18.46 -2.18 15.02
CA GLY D 79 17.47 -1.12 15.06
C GLY D 79 17.30 -0.53 16.44
N TYR D 80 17.27 -1.38 17.47
CA TYR D 80 17.09 -0.88 18.83
C TYR D 80 18.36 -0.21 19.37
N LEU D 81 19.54 -0.68 18.96
CA LEU D 81 20.76 0.03 19.29
C LEU D 81 20.73 1.46 18.72
N ALA D 82 20.28 1.58 17.47
CA ALA D 82 20.18 2.90 16.85
C ALA D 82 19.20 3.79 17.59
N ILE D 83 18.08 3.23 18.03
CA ILE D 83 17.12 3.99 18.82
C ILE D 83 17.79 4.52 20.09
N GLY D 84 18.57 3.67 20.77
CA GLY D 84 19.30 4.15 21.94
C GLY D 84 20.27 5.25 21.60
N LEU D 85 21.02 5.09 20.50
CA LEU D 85 21.95 6.13 20.08
C LEU D 85 21.23 7.44 19.79
N ALA D 86 19.98 7.37 19.32
CA ALA D 86 19.25 8.59 19.02
C ALA D 86 18.68 9.23 20.28
N ILE D 87 18.14 8.43 21.18
CA ILE D 87 17.53 9.01 22.38
C ILE D 87 18.57 9.38 23.42
N GLY D 88 19.78 8.82 23.35
CA GLY D 88 20.81 9.18 24.30
C GLY D 88 21.21 10.65 24.24
N ALA D 89 21.12 11.27 23.05
CA ALA D 89 21.49 12.67 22.94
C ALA D 89 20.71 13.45 21.89
N GLY D 90 19.63 12.90 21.32
CA GLY D 90 18.73 13.69 20.50
C GLY D 90 19.17 13.95 19.08
N ALA D 91 20.20 13.26 18.60
CA ALA D 91 20.67 13.39 17.22
C ALA D 91 20.03 12.35 16.32
N PRO D 92 20.00 12.59 15.01
CA PRO D 92 19.55 11.55 14.08
C PRO D 92 20.59 10.46 13.93
N VAL D 93 20.12 9.25 13.65
CA VAL D 93 20.97 8.06 13.59
C VAL D 93 20.53 7.19 12.42
N CYS D 94 21.49 6.71 11.64
CA CYS D 94 21.21 5.78 10.55
C CYS D 94 21.49 4.33 10.93
N VAL D 95 20.69 3.42 10.39
CA VAL D 95 21.01 2.00 10.29
C VAL D 95 21.17 1.66 8.81
N ALA D 96 22.36 1.22 8.41
CA ALA D 96 22.64 0.86 7.03
C ALA D 96 22.54 -0.65 6.88
N MET D 97 21.76 -1.10 5.90
CA MET D 97 21.46 -2.53 5.77
C MET D 97 21.64 -2.95 4.31
N THR D 98 22.06 -4.21 4.12
CA THR D 98 22.25 -4.80 2.80
C THR D 98 21.76 -6.25 2.82
N SER D 99 20.45 -6.45 2.92
CA SER D 99 19.89 -7.80 2.82
C SER D 99 18.39 -7.76 2.53
N GLY D 100 17.87 -8.93 2.13
CA GLY D 100 16.43 -9.06 1.85
C GLY D 100 15.59 -9.21 3.11
N THR D 101 16.02 -10.08 4.05
CA THR D 101 15.43 -10.08 5.39
C THR D 101 15.70 -8.79 6.16
N ALA D 102 16.45 -7.86 5.57
CA ALA D 102 16.91 -6.67 6.27
C ALA D 102 15.77 -5.81 6.77
N VAL D 103 14.91 -5.38 5.85
CA VAL D 103 13.93 -4.38 6.22
C VAL D 103 12.86 -5.01 7.12
N ALA D 104 12.45 -6.24 6.82
CA ALA D 104 11.46 -6.91 7.65
C ALA D 104 11.97 -7.06 9.09
N ASN D 105 13.27 -7.37 9.24
CA ASN D 105 13.83 -7.53 10.58
C ASN D 105 13.94 -6.22 11.34
N LEU D 106 13.98 -5.09 10.63
CA LEU D 106 13.98 -3.80 11.26
C LEU D 106 12.59 -3.34 11.67
N GLY D 107 11.57 -4.17 11.43
CA GLY D 107 10.19 -3.83 11.68
C GLY D 107 9.88 -3.30 13.06
N PRO D 108 10.19 -4.08 14.10
CA PRO D 108 9.77 -3.65 15.45
C PRO D 108 10.42 -2.36 15.91
N ALA D 109 11.67 -2.11 15.51
CA ALA D 109 12.32 -0.86 15.87
C ALA D 109 11.68 0.33 15.15
N VAL D 110 11.16 0.09 13.93
CA VAL D 110 10.54 1.20 13.22
C VAL D 110 9.20 1.56 13.83
N VAL D 111 8.47 0.57 14.34
CA VAL D 111 7.23 0.86 15.05
C VAL D 111 7.50 1.68 16.30
N GLU D 112 8.53 1.29 17.06
CA GLU D 112 8.88 2.01 18.28
C GLU D 112 9.30 3.45 17.95
N ALA D 113 10.14 3.61 16.92
CA ALA D 113 10.59 4.94 16.53
C ALA D 113 9.44 5.81 16.02
N ASN D 114 8.42 5.20 15.42
CA ASN D 114 7.25 5.95 14.99
C ASN D 114 6.48 6.52 16.17
N TYR D 115 6.12 5.65 17.12
CA TYR D 115 5.26 6.09 18.21
C TYR D 115 6.02 6.94 19.21
N ALA D 116 7.32 6.69 19.38
CA ALA D 116 8.12 7.50 20.28
C ALA D 116 8.76 8.71 19.62
N ARG D 117 8.55 8.89 18.30
CA ARG D 117 9.08 10.05 17.56
C ARG D 117 10.60 10.12 17.60
N VAL D 118 11.23 9.02 17.22
CA VAL D 118 12.69 8.87 17.24
C VAL D 118 13.22 9.03 15.82
N PRO D 119 14.20 9.94 15.57
CA PRO D 119 14.70 10.12 14.20
C PRO D 119 15.70 9.05 13.79
N LEU D 120 15.15 7.99 13.21
CA LEU D 120 15.90 6.82 12.80
C LEU D 120 15.85 6.75 11.28
N ILE D 121 17.03 6.79 10.65
CA ILE D 121 17.12 6.74 9.20
C ILE D 121 17.49 5.32 8.82
N VAL D 122 16.56 4.63 8.16
CA VAL D 122 16.80 3.27 7.70
C VAL D 122 17.45 3.37 6.33
N LEU D 123 18.72 3.02 6.24
CA LEU D 123 19.46 3.09 4.99
C LEU D 123 19.51 1.70 4.37
N SER D 124 18.98 1.60 3.16
CA SER D 124 18.65 0.33 2.51
C SER D 124 19.30 0.32 1.13
N ALA D 125 19.93 -0.80 0.79
CA ALA D 125 20.62 -0.95 -0.49
C ALA D 125 20.31 -2.33 -1.06
N ASN D 126 19.59 -2.38 -2.18
CA ASN D 126 19.32 -3.65 -2.84
C ASN D 126 18.84 -3.41 -4.27
N ARG D 127 18.51 -4.51 -4.96
CA ARG D 127 18.50 -4.57 -6.41
C ARG D 127 17.13 -4.98 -6.98
N PRO D 128 16.54 -4.19 -7.87
CA PRO D 128 15.19 -4.54 -8.38
C PRO D 128 15.20 -5.73 -9.32
N TYR D 129 16.15 -5.80 -10.25
CA TYR D 129 16.18 -6.91 -11.20
C TYR D 129 16.32 -8.25 -10.48
N GLU D 130 17.14 -8.29 -9.41
CA GLU D 130 17.35 -9.53 -8.68
C GLU D 130 16.07 -9.99 -7.99
N LEU D 131 15.30 -9.05 -7.44
CA LEU D 131 14.04 -9.44 -6.79
C LEU D 131 13.04 -9.97 -7.82
N LEU D 132 12.95 -9.31 -8.98
CA LEU D 132 12.05 -9.74 -10.03
C LEU D 132 12.39 -11.16 -10.48
N GLY D 133 13.68 -11.46 -10.57
CA GLY D 133 14.17 -12.74 -11.05
C GLY D 133 14.08 -13.89 -10.08
N THR D 134 13.53 -13.69 -8.88
CA THR D 134 13.21 -14.81 -8.02
C THR D 134 11.87 -15.40 -8.46
N PHE D 146 4.55 -1.61 7.14
CA PHE D 146 5.78 -0.84 7.21
C PHE D 146 5.57 0.58 6.69
N GLY D 147 4.83 0.69 5.59
CA GLY D 147 4.73 1.96 4.90
C GLY D 147 4.07 3.05 5.72
N THR D 148 3.09 2.69 6.55
CA THR D 148 2.40 3.72 7.33
C THR D 148 3.23 4.16 8.54
N GLN D 149 4.30 3.45 8.87
CA GLN D 149 5.07 3.78 10.06
C GLN D 149 6.10 4.89 9.82
N VAL D 150 6.59 5.07 8.55
CA VAL D 150 7.67 6.02 8.28
C VAL D 150 7.11 7.38 7.88
N ARG D 151 7.92 8.43 8.13
CA ARG D 151 7.61 9.80 7.76
C ARG D 151 7.84 10.06 6.28
N ALA D 152 8.60 9.21 5.61
CA ALA D 152 8.95 9.39 4.21
C ALA D 152 9.55 8.09 3.71
N SER D 153 9.30 7.80 2.44
CA SER D 153 9.95 6.71 1.71
C SER D 153 10.55 7.32 0.47
N ILE D 154 11.88 7.33 0.38
CA ILE D 154 12.57 8.04 -0.68
C ILE D 154 13.58 7.08 -1.28
N SER D 155 13.34 6.69 -2.53
CA SER D 155 14.29 5.91 -3.30
C SER D 155 15.20 6.87 -4.06
N LEU D 156 16.50 6.72 -3.86
CA LEU D 156 17.46 7.57 -4.56
C LEU D 156 17.70 7.02 -5.95
N GLY D 157 18.37 7.81 -6.78
CA GLY D 157 18.57 7.42 -8.15
C GLY D 157 19.61 6.32 -8.26
N LEU D 158 19.36 5.37 -9.16
CA LEU D 158 20.39 4.43 -9.55
C LEU D 158 21.58 5.21 -10.09
N ALA D 159 22.78 4.88 -9.60
CA ALA D 159 23.95 5.66 -9.96
C ALA D 159 24.13 5.63 -11.47
N GLU D 160 24.17 6.81 -12.07
CA GLU D 160 24.57 7.01 -13.44
C GLU D 160 25.95 7.65 -13.41
N ASP D 161 26.87 7.12 -14.23
CA ASP D 161 28.23 7.66 -14.25
C ASP D 161 28.20 9.17 -14.46
N ALA D 162 27.60 9.60 -15.59
CA ALA D 162 27.41 10.99 -15.94
C ALA D 162 28.69 11.78 -15.64
N PRO D 163 29.80 11.48 -16.31
CA PRO D 163 31.06 12.15 -15.98
C PRO D 163 30.94 13.66 -15.98
N GLU D 164 30.04 14.19 -16.82
CA GLU D 164 29.84 15.63 -16.90
C GLU D 164 28.61 16.11 -16.13
N ARG D 165 27.71 15.21 -15.73
CA ARG D 165 26.58 15.57 -14.88
C ARG D 165 26.85 15.30 -13.41
N THR D 166 28.09 15.01 -13.00
CA THR D 166 28.37 14.70 -11.60
C THR D 166 28.08 15.89 -10.69
N SER D 167 27.96 17.08 -11.26
CA SER D 167 27.54 18.25 -10.47
C SER D 167 26.06 18.20 -10.17
N ALA D 168 25.24 18.01 -11.20
CA ALA D 168 23.80 17.92 -10.97
C ALA D 168 23.41 16.61 -10.31
N LEU D 169 24.31 15.62 -10.32
CA LEU D 169 24.05 14.41 -9.54
C LEU D 169 24.44 14.61 -8.08
N ASN D 170 25.46 15.44 -7.83
CA ASN D 170 25.77 15.85 -6.46
C ASN D 170 24.57 16.53 -5.82
N ALA D 171 23.92 17.41 -6.57
CA ALA D 171 22.83 18.20 -6.01
C ALA D 171 21.58 17.36 -5.79
N THR D 172 21.33 16.40 -6.67
CA THR D 172 20.11 15.60 -6.49
C THR D 172 20.26 14.61 -5.34
N TRP D 173 21.47 14.11 -5.10
CA TRP D 173 21.68 13.19 -4.00
C TRP D 173 21.71 13.91 -2.65
N ARG D 174 22.39 15.06 -2.57
CA ARG D 174 22.48 15.79 -1.30
C ARG D 174 21.14 16.39 -0.91
N SER D 175 20.40 16.93 -1.88
CA SER D 175 19.05 17.41 -1.61
C SER D 175 18.18 16.32 -1.01
N ALA D 176 18.16 15.15 -1.66
CA ALA D 176 17.35 14.03 -1.17
C ALA D 176 17.80 13.58 0.22
N THR D 177 19.09 13.68 0.51
CA THR D 177 19.57 13.34 1.85
C THR D 177 19.16 14.40 2.86
N CYS D 178 19.04 15.65 2.41
CA CYS D 178 18.56 16.71 3.28
C CYS D 178 17.07 16.61 3.53
N ARG D 179 16.29 16.08 2.57
CA ARG D 179 14.88 15.79 2.84
C ARG D 179 14.75 14.68 3.87
N VAL D 180 15.56 13.63 3.71
CA VAL D 180 15.53 12.50 4.62
C VAL D 180 15.80 12.96 6.05
N LEU D 181 16.83 13.79 6.22
CA LEU D 181 17.16 14.28 7.56
C LEU D 181 16.07 15.18 8.12
N ALA D 182 15.50 16.06 7.29
CA ALA D 182 14.42 16.91 7.75
C ALA D 182 13.20 16.09 8.19
N ALA D 183 12.78 15.14 7.34
CA ALA D 183 11.65 14.28 7.70
C ALA D 183 11.93 13.48 8.96
N ALA D 184 13.21 13.11 9.19
CA ALA D 184 13.54 12.26 10.33
C ALA D 184 13.52 13.04 11.63
N THR D 185 14.12 14.24 11.64
CA THR D 185 14.23 15.09 12.81
C THR D 185 13.00 15.97 13.04
N GLY D 186 12.05 15.96 12.11
CA GLY D 186 10.90 16.85 12.21
C GLY D 186 11.23 18.32 12.03
N ALA D 187 12.20 18.62 11.15
CA ALA D 187 12.71 19.98 11.05
C ALA D 187 11.66 20.96 10.53
N ARG D 188 10.73 20.50 9.68
CA ARG D 188 9.65 21.34 9.22
C ARG D 188 8.28 20.92 9.73
N THR D 189 8.15 19.66 10.17
CA THR D 189 6.88 19.13 10.65
C THR D 189 6.74 19.15 12.17
N ALA D 190 7.85 19.29 12.89
CA ALA D 190 7.89 19.09 14.34
C ALA D 190 7.44 17.68 14.72
N ASN D 191 7.57 16.72 13.81
CA ASN D 191 7.06 15.37 14.05
C ASN D 191 8.12 14.35 13.63
N ALA D 192 9.17 14.27 14.43
CA ALA D 192 10.29 13.37 14.15
C ALA D 192 9.84 11.92 14.10
N GLY D 193 10.61 11.11 13.38
CA GLY D 193 10.30 9.70 13.24
C GLY D 193 11.23 9.00 12.27
N PRO D 194 10.93 7.74 11.97
CA PRO D 194 11.81 6.97 11.09
C PRO D 194 11.54 7.24 9.62
N VAL D 195 12.59 7.18 8.82
CA VAL D 195 12.54 7.43 7.39
C VAL D 195 13.20 6.27 6.66
N HIS D 196 12.58 5.83 5.57
CA HIS D 196 13.16 4.82 4.69
C HIS D 196 13.89 5.53 3.55
N PHE D 197 15.18 5.22 3.39
CA PHE D 197 16.03 5.84 2.39
C PHE D 197 16.69 4.71 1.62
N ASP D 198 16.14 4.39 0.46
CA ASP D 198 16.67 3.31 -0.37
C ASP D 198 17.67 3.87 -1.37
N ILE D 199 18.84 3.25 -1.41
CA ILE D 199 19.84 3.48 -2.45
C ILE D 199 19.93 2.20 -3.28
N PRO D 200 19.43 2.19 -4.50
CA PRO D 200 19.35 0.95 -5.28
C PRO D 200 20.68 0.62 -5.97
N LEU D 201 20.68 -0.52 -6.67
CA LEU D 201 21.89 -1.09 -7.23
C LEU D 201 21.66 -1.69 -8.62
N THR D 216 35.90 13.36 -3.75
CA THR D 216 34.46 13.38 -3.57
C THR D 216 33.89 14.74 -3.99
N PRO D 217 32.86 14.73 -4.84
CA PRO D 217 32.23 15.99 -5.28
C PRO D 217 31.74 16.81 -4.09
N PRO D 218 32.19 18.05 -3.96
CA PRO D 218 32.05 18.74 -2.68
C PRO D 218 30.62 19.15 -2.38
N GLY D 219 30.31 19.25 -1.10
CA GLY D 219 29.08 19.86 -0.63
C GLY D 219 29.21 21.37 -0.57
N ARG D 220 28.44 21.98 0.33
CA ARG D 220 28.48 23.42 0.49
C ARG D 220 29.75 23.87 1.19
N PRO D 221 30.17 25.12 0.97
CA PRO D 221 31.28 25.68 1.74
C PRO D 221 30.97 25.70 3.23
N ALA D 222 31.99 25.31 4.02
CA ALA D 222 32.03 25.44 5.47
C ALA D 222 31.16 24.41 6.19
N GLY D 223 31.08 23.20 5.66
CA GLY D 223 30.38 22.12 6.34
C GLY D 223 28.88 22.31 6.48
N LYS D 224 28.28 23.22 5.72
CA LYS D 224 26.85 23.46 5.84
C LYS D 224 26.05 22.45 5.02
N PRO D 225 24.81 22.18 5.42
CA PRO D 225 23.97 21.23 4.67
C PRO D 225 23.50 21.82 3.36
N TRP D 226 23.20 20.94 2.39
CA TRP D 226 22.85 21.40 1.04
C TRP D 226 21.62 22.32 1.09
N THR D 227 20.53 21.86 1.71
CA THR D 227 19.38 22.72 1.99
C THR D 227 19.31 22.98 3.49
N TYR D 228 19.43 24.25 3.88
CA TYR D 228 19.39 24.63 5.30
C TYR D 228 17.94 24.84 5.75
N THR D 229 17.49 24.04 6.72
CA THR D 229 16.20 24.24 7.36
C THR D 229 16.40 24.77 8.79
N PRO D 230 16.06 26.02 9.06
CA PRO D 230 16.30 26.60 10.38
C PRO D 230 15.35 26.03 11.42
N PRO D 231 15.34 26.55 12.66
CA PRO D 231 14.42 25.98 13.65
C PRO D 231 12.99 26.27 13.26
N VAL D 232 12.12 25.28 13.40
CA VAL D 232 10.70 25.52 13.28
C VAL D 232 10.08 25.48 14.67
N THR D 233 9.24 26.48 14.91
CA THR D 233 8.33 26.51 16.04
C THR D 233 6.92 26.32 15.49
N PHE D 234 6.22 25.37 16.08
CA PHE D 234 4.82 25.08 15.82
CA PHE D 234 4.80 25.14 15.83
C PHE D 234 4.08 25.68 17.04
N ASP D 235 3.16 26.62 16.79
CA ASP D 235 2.59 27.37 17.91
C ASP D 235 1.08 27.41 17.82
N GLN D 236 0.45 27.05 18.95
CA GLN D 236 -0.99 26.87 19.01
C GLN D 236 -1.48 27.19 20.42
N PRO D 237 -1.57 28.48 20.75
CA PRO D 237 -1.94 28.88 22.12
C PRO D 237 -3.34 28.42 22.52
N LEU D 238 -3.49 28.11 23.80
CA LEU D 238 -4.75 27.63 24.35
C LEU D 238 -5.06 28.42 25.62
N ASP D 239 -6.24 29.04 25.67
CA ASP D 239 -6.69 29.73 26.86
C ASP D 239 -7.12 28.71 27.91
N ILE D 240 -6.49 28.75 29.08
CA ILE D 240 -6.89 27.90 30.20
C ILE D 240 -6.95 28.76 31.46
N ASP D 241 -8.01 28.58 32.23
CA ASP D 241 -8.18 29.25 33.52
C ASP D 241 -7.77 28.27 34.62
N LEU D 242 -6.73 28.63 35.38
CA LEU D 242 -6.21 27.73 36.40
C LEU D 242 -6.95 27.83 37.73
N SER D 243 -7.90 28.74 37.87
CA SER D 243 -8.67 28.76 39.10
C SER D 243 -9.71 27.64 39.13
N VAL D 244 -10.12 27.13 37.97
CA VAL D 244 -10.74 25.82 37.95
C VAL D 244 -9.69 24.80 38.40
N ASP D 245 -10.12 23.81 39.20
CA ASP D 245 -9.19 22.88 39.86
C ASP D 245 -8.56 21.96 38.83
N THR D 246 -7.23 22.05 38.68
CA THR D 246 -6.52 21.46 37.55
C THR D 246 -5.45 20.48 38.03
N VAL D 247 -5.42 19.28 37.43
CA VAL D 247 -4.30 18.36 37.56
C VAL D 247 -3.60 18.27 36.20
N VAL D 248 -2.28 18.24 36.23
CA VAL D 248 -1.46 18.06 35.03
C VAL D 248 -1.02 16.60 34.99
N ILE D 249 -1.24 15.96 33.84
CA ILE D 249 -0.76 14.60 33.57
C ILE D 249 0.25 14.70 32.45
N SER D 250 1.50 14.36 32.73
CA SER D 250 2.55 14.53 31.74
C SER D 250 3.11 13.17 31.33
N GLY D 251 3.02 12.88 30.04
CA GLY D 251 3.44 11.61 29.49
C GLY D 251 4.69 11.70 28.65
N HIS D 252 4.92 10.62 27.89
CA HIS D 252 6.09 10.56 27.03
C HIS D 252 6.03 11.68 26.00
N GLY D 253 7.16 12.38 25.84
CA GLY D 253 7.23 13.47 24.88
C GLY D 253 6.65 14.77 25.37
N ALA D 254 6.31 14.87 26.65
CA ALA D 254 5.81 16.11 27.20
C ALA D 254 6.83 17.23 27.03
N GLY D 255 6.33 18.44 26.82
CA GLY D 255 7.16 19.62 26.89
C GLY D 255 7.20 20.19 28.29
N VAL D 256 7.92 21.31 28.40
CA VAL D 256 8.17 22.02 29.64
C VAL D 256 7.38 23.34 29.57
N HIS D 257 6.55 23.58 30.59
CA HIS D 257 5.67 24.75 30.61
C HIS D 257 5.82 25.48 31.93
N PRO D 258 6.64 26.53 32.00
CA PRO D 258 6.81 27.23 33.29
C PRO D 258 5.51 27.72 33.90
N ASN D 259 4.53 28.15 33.09
CA ASN D 259 3.29 28.70 33.63
C ASN D 259 2.37 27.65 34.23
N LEU D 260 2.72 26.37 34.12
CA LEU D 260 1.99 25.30 34.78
C LEU D 260 2.75 24.73 35.97
N ALA D 261 3.90 25.33 36.33
CA ALA D 261 4.80 24.71 37.29
C ALA D 261 4.18 24.56 38.66
N ALA D 262 3.22 25.41 39.03
CA ALA D 262 2.65 25.34 40.37
C ALA D 262 1.53 24.34 40.49
N LEU D 263 1.09 23.72 39.40
CA LEU D 263 -0.05 22.82 39.41
C LEU D 263 0.37 21.41 39.85
N PRO D 264 -0.51 20.68 40.53
CA PRO D 264 -0.19 19.28 40.85
C PRO D 264 -0.08 18.46 39.58
N THR D 265 0.95 17.62 39.53
CA THR D 265 1.44 17.06 38.28
C THR D 265 1.77 15.58 38.46
N VAL D 266 1.09 14.71 37.71
CA VAL D 266 1.42 13.29 37.65
C VAL D 266 2.28 13.07 36.41
N ALA D 267 3.57 12.84 36.62
CA ALA D 267 4.55 12.81 35.54
C ALA D 267 5.13 11.41 35.39
N GLU D 268 4.99 10.85 34.19
CA GLU D 268 5.68 9.62 33.87
C GLU D 268 7.18 9.81 34.01
N PRO D 269 7.92 8.76 34.34
CA PRO D 269 9.37 8.89 34.55
C PRO D 269 10.13 9.49 33.37
N THR D 270 9.69 9.26 32.14
CA THR D 270 10.37 9.86 30.99
C THR D 270 9.93 11.28 30.73
N ALA D 271 8.93 11.77 31.44
CA ALA D 271 8.48 13.14 31.22
C ALA D 271 9.49 14.11 31.82
N PRO D 272 10.00 15.06 31.03
CA PRO D 272 10.81 16.14 31.62
C PRO D 272 9.96 16.89 32.63
N ARG D 273 10.50 17.08 33.82
CA ARG D 273 9.72 17.77 34.84
C ARG D 273 9.94 19.26 34.73
N SER D 274 8.88 20.02 34.93
CA SER D 274 8.93 21.48 34.87
C SER D 274 8.44 22.14 36.16
N GLY D 275 8.00 21.35 37.15
CA GLY D 275 7.32 21.90 38.30
C GLY D 275 7.89 21.40 39.61
N ASP D 276 7.46 22.05 40.70
CA ASP D 276 7.85 21.73 42.06
C ASP D 276 6.74 21.05 42.85
N ASN D 277 5.73 20.51 42.18
CA ASN D 277 4.51 20.08 42.87
C ASN D 277 4.03 18.74 42.34
N PRO D 278 4.79 17.68 42.57
CA PRO D 278 4.41 16.36 42.05
C PRO D 278 3.18 15.81 42.77
N LEU D 279 2.48 14.91 42.07
CA LEU D 279 1.34 14.18 42.62
C LEU D 279 1.52 12.70 42.26
N HIS D 280 1.66 11.87 43.30
CA HIS D 280 1.89 10.45 43.11
C HIS D 280 0.73 9.84 42.34
N PRO D 281 0.97 8.84 41.49
CA PRO D 281 -0.13 8.27 40.69
C PRO D 281 -1.21 7.59 41.52
N LEU D 282 -0.85 6.94 42.64
CA LEU D 282 -1.86 6.30 43.48
C LEU D 282 -2.75 7.32 44.19
N ALA D 283 -2.39 8.59 44.14
CA ALA D 283 -3.21 9.61 44.78
C ALA D 283 -4.35 10.08 43.90
N LEU D 284 -4.26 9.85 42.60
CA LEU D 284 -5.20 10.41 41.62
C LEU D 284 -6.61 9.83 41.73
N PRO D 285 -6.80 8.53 42.02
CA PRO D 285 -8.17 8.04 42.24
C PRO D 285 -8.85 8.68 43.43
N LEU D 286 -8.10 9.25 44.37
CA LEU D 286 -8.64 9.85 45.58
C LEU D 286 -8.98 11.32 45.41
N LEU D 287 -8.88 11.84 44.20
CA LEU D 287 -9.16 13.24 43.88
C LEU D 287 -10.19 13.30 42.75
N ARG D 288 -10.86 14.44 42.64
CA ARG D 288 -11.76 14.69 41.51
C ARG D 288 -11.41 16.04 40.89
N PRO D 289 -10.46 16.06 39.94
CA PRO D 289 -10.15 17.31 39.26
C PRO D 289 -11.33 17.84 38.46
N GLN D 290 -11.36 19.16 38.29
CA GLN D 290 -12.36 19.80 37.45
C GLN D 290 -11.86 20.04 36.04
N GLN D 291 -10.55 19.92 35.84
CA GLN D 291 -9.86 20.10 34.56
C GLN D 291 -8.62 19.24 34.58
N VAL D 292 -8.26 18.74 33.42
CA VAL D 292 -7.02 17.99 33.25
C VAL D 292 -6.23 18.66 32.14
N ILE D 293 -4.95 18.92 32.40
CA ILE D 293 -4.02 19.28 31.34
C ILE D 293 -3.13 18.08 31.07
N MET D 294 -3.21 17.58 29.83
CA MET D 294 -2.50 16.39 29.43
C MET D 294 -1.31 16.80 28.55
N LEU D 295 -0.11 16.49 29.01
CA LEU D 295 1.12 16.84 28.32
C LEU D 295 1.66 15.58 27.65
N GLY D 296 1.99 15.70 26.37
CA GLY D 296 2.60 14.56 25.71
C GLY D 296 1.62 13.41 25.52
N ARG D 297 2.15 12.20 25.58
CA ARG D 297 1.40 10.97 25.31
C ARG D 297 1.44 10.08 26.54
N PRO D 298 0.47 10.19 27.45
CA PRO D 298 0.54 9.41 28.70
C PRO D 298 -0.03 8.00 28.51
N THR D 299 0.73 7.00 28.97
CA THR D 299 0.35 5.60 28.81
C THR D 299 0.41 4.77 30.10
N LEU D 300 0.94 5.30 31.20
CA LEU D 300 1.49 4.42 32.23
C LEU D 300 0.42 3.79 33.11
N HIS D 301 -0.49 4.59 33.67
CA HIS D 301 -1.29 4.13 34.81
C HIS D 301 -2.76 4.03 34.46
N ARG D 302 -3.39 2.96 34.95
CA ARG D 302 -4.83 2.79 34.79
C ARG D 302 -5.62 3.93 35.40
N PRO D 303 -5.32 4.44 36.59
CA PRO D 303 -6.03 5.63 37.06
C PRO D 303 -5.93 6.83 36.13
N VAL D 304 -4.85 6.93 35.36
CA VAL D 304 -4.77 8.01 34.36
C VAL D 304 -5.77 7.75 33.24
N SER D 305 -5.85 6.50 32.77
CA SER D 305 -6.80 6.17 31.71
C SER D 305 -8.23 6.41 32.15
N VAL D 306 -8.57 5.98 33.35
CA VAL D 306 -9.94 6.12 33.84
C VAL D 306 -10.31 7.60 33.94
N LEU D 307 -9.41 8.41 34.49
CA LEU D 307 -9.68 9.84 34.60
C LEU D 307 -9.80 10.48 33.22
N LEU D 308 -8.97 10.05 32.28
CA LEU D 308 -9.01 10.69 30.96
C LEU D 308 -10.22 10.24 30.15
N ALA D 309 -10.73 9.03 30.40
CA ALA D 309 -11.95 8.56 29.75
C ALA D 309 -13.22 9.02 30.46
N ASP D 310 -13.08 9.66 31.62
CA ASP D 310 -14.22 10.21 32.37
C ASP D 310 -14.88 11.32 31.56
N ALA D 311 -16.12 11.07 31.11
CA ALA D 311 -16.85 12.01 30.27
C ALA D 311 -17.10 13.36 30.94
N GLU D 312 -16.96 13.44 32.27
CA GLU D 312 -17.35 14.65 32.96
C GLU D 312 -16.21 15.68 33.04
N VAL D 313 -14.99 15.30 32.72
CA VAL D 313 -13.78 16.07 33.04
C VAL D 313 -13.21 16.66 31.74
N PRO D 314 -13.24 17.97 31.56
CA PRO D 314 -12.58 18.59 30.40
C PRO D 314 -11.08 18.36 30.38
N VAL D 315 -10.58 17.92 29.23
CA VAL D 315 -9.16 17.60 29.04
C VAL D 315 -8.57 18.57 28.01
N PHE D 316 -7.48 19.22 28.37
CA PHE D 316 -6.73 20.09 27.47
C PHE D 316 -5.42 19.40 27.10
N ALA D 317 -5.20 19.22 25.79
CA ALA D 317 -4.04 18.49 25.30
C ALA D 317 -2.99 19.47 24.79
N LEU D 318 -1.82 19.47 25.43
CA LEU D 318 -0.68 20.27 25.01
C LEU D 318 0.45 19.33 24.58
N THR D 319 0.90 19.49 23.35
CA THR D 319 1.91 18.64 22.75
C THR D 319 3.03 19.49 22.17
N THR D 320 4.21 18.88 21.98
CA THR D 320 5.30 19.55 21.27
C THR D 320 5.17 19.45 19.77
N GLY D 321 4.43 18.47 19.24
CA GLY D 321 4.28 18.29 17.83
C GLY D 321 2.83 18.27 17.41
N PRO D 322 2.55 18.06 16.12
CA PRO D 322 1.17 18.13 15.65
C PRO D 322 0.28 16.96 16.08
N ARG D 323 0.85 15.80 16.40
CA ARG D 323 0.04 14.69 16.90
C ARG D 323 -0.59 15.02 18.26
N TRP D 324 -1.74 14.40 18.54
CA TRP D 324 -2.27 14.48 19.90
C TRP D 324 -2.92 13.17 20.31
N PRO D 325 -2.75 12.78 21.59
CA PRO D 325 -3.30 11.50 22.04
C PRO D 325 -4.82 11.48 22.05
N ASP D 326 -5.37 10.33 21.65
CA ASP D 326 -6.79 10.05 21.61
C ASP D 326 -7.28 9.37 22.88
N VAL D 327 -6.43 9.29 23.90
CA VAL D 327 -6.77 8.61 25.15
C VAL D 327 -8.07 9.15 25.72
N SER D 328 -8.27 10.45 25.67
CA SER D 328 -9.50 11.04 26.15
C SER D 328 -10.46 11.24 24.99
N GLY D 329 -11.64 10.61 25.09
CA GLY D 329 -12.72 10.96 24.19
C GLY D 329 -13.34 12.31 24.48
N ASN D 330 -13.07 12.89 25.64
CA ASN D 330 -13.55 14.22 25.99
C ASN D 330 -12.47 15.29 25.85
N SER D 331 -11.46 15.05 25.02
CA SER D 331 -10.53 16.14 24.74
C SER D 331 -11.31 17.34 24.22
N GLN D 332 -11.26 18.42 24.99
CA GLN D 332 -12.00 19.65 24.70
C GLN D 332 -11.23 20.58 23.79
N ALA D 333 -9.90 20.51 23.81
CA ALA D 333 -9.06 21.37 22.99
C ALA D 333 -7.63 20.84 23.02
N THR D 334 -6.86 21.27 22.01
CA THR D 334 -5.46 20.88 21.80
C THR D 334 -4.62 22.08 21.38
N GLY D 335 -3.41 22.16 21.91
CA GLY D 335 -2.47 23.19 21.51
C GLY D 335 -1.04 22.80 21.83
N THR D 336 -0.16 23.81 21.86
CA THR D 336 1.22 23.59 22.26
C THR D 336 1.61 24.27 23.56
N ARG D 337 0.91 25.32 23.96
CA ARG D 337 1.18 25.97 25.23
C ARG D 337 -0.12 26.58 25.74
N ALA D 338 -0.16 26.82 27.04
CA ALA D 338 -1.31 27.46 27.67
C ALA D 338 -1.02 28.93 27.87
N VAL D 339 -2.03 29.76 27.63
CA VAL D 339 -2.03 31.12 28.12
C VAL D 339 -3.02 31.15 29.27
N THR D 340 -2.49 31.35 30.48
CA THR D 340 -3.22 31.10 31.71
C THR D 340 -3.86 32.38 32.23
N THR D 341 -5.12 32.27 32.66
CA THR D 341 -5.71 33.25 33.55
C THR D 341 -5.89 32.61 34.92
N GLY D 342 -5.75 33.43 35.95
CA GLY D 342 -5.98 32.97 37.30
C GLY D 342 -4.76 32.29 37.90
N ALA D 343 -5.06 31.49 38.93
CA ALA D 343 -4.09 30.68 39.65
C ALA D 343 -4.86 29.66 40.48
N PRO D 344 -4.22 28.55 40.87
CA PRO D 344 -4.98 27.49 41.55
C PRO D 344 -5.42 27.89 42.95
N ARG D 345 -6.59 27.39 43.33
CA ARG D 345 -7.16 27.70 44.62
C ARG D 345 -6.37 27.00 45.73
N PRO D 346 -6.13 27.69 46.85
CA PRO D 346 -5.30 27.09 47.92
C PRO D 346 -5.82 25.76 48.43
N ALA D 347 -7.14 25.61 48.51
CA ALA D 347 -7.72 24.38 49.05
C ALA D 347 -7.42 23.19 48.16
N TRP D 348 -7.50 23.39 46.85
CA TRP D 348 -7.14 22.35 45.90
C TRP D 348 -5.68 21.94 46.07
N LEU D 349 -4.77 22.91 46.08
CA LEU D 349 -3.35 22.63 46.25
C LEU D 349 -3.07 21.90 47.56
N ASP D 350 -3.77 22.28 48.63
CA ASP D 350 -3.62 21.61 49.92
C ASP D 350 -4.02 20.15 49.83
N ARG D 351 -5.17 19.88 49.20
CA ARG D 351 -5.69 18.53 49.15
C ARG D 351 -4.79 17.63 48.33
N CYS D 352 -4.26 18.16 47.22
CA CYS D 352 -3.35 17.36 46.40
C CYS D 352 -2.05 17.06 47.13
N ALA D 353 -1.48 18.05 47.81
CA ALA D 353 -0.23 17.83 48.55
C ALA D 353 -0.42 16.80 49.64
N ALA D 354 -1.58 16.78 50.30
CA ALA D 354 -1.85 15.80 51.36
C ALA D 354 -2.00 14.40 50.78
N MET D 355 -2.78 14.26 49.71
CA MET D 355 -2.90 12.96 49.04
C MET D 355 -1.54 12.46 48.60
N ASN D 356 -0.72 13.35 48.03
CA ASN D 356 0.63 12.98 47.63
C ASN D 356 1.43 12.45 48.81
N ARG D 357 1.36 13.13 49.96
CA ARG D 357 2.12 12.67 51.12
C ARG D 357 1.64 11.29 51.59
N HIS D 358 0.33 11.05 51.54
CA HIS D 358 -0.19 9.75 51.95
C HIS D 358 0.30 8.64 51.03
N ALA D 359 0.26 8.87 49.72
CA ALA D 359 0.72 7.86 48.78
C ALA D 359 2.20 7.55 48.99
N ILE D 360 3.02 8.59 49.08
CA ILE D 360 4.45 8.42 49.30
C ILE D 360 4.69 7.65 50.61
N ALA D 361 3.96 8.00 51.67
CA ALA D 361 4.15 7.32 52.94
C ALA D 361 3.65 5.88 52.89
N ALA D 362 2.56 5.63 52.17
CA ALA D 362 2.05 4.27 52.06
C ALA D 362 3.06 3.36 51.36
N VAL D 363 3.66 3.83 50.27
CA VAL D 363 4.66 3.03 49.58
C VAL D 363 5.87 2.80 50.47
N ARG D 364 6.39 3.86 51.07
CA ARG D 364 7.63 3.77 51.86
C ARG D 364 7.44 2.83 53.04
N GLU D 365 6.32 2.95 53.75
CA GLU D 365 6.15 2.16 54.96
C GLU D 365 5.82 0.71 54.65
N GLN D 366 5.07 0.44 53.58
CA GLN D 366 4.76 -0.96 53.27
C GLN D 366 5.93 -1.67 52.60
N LEU D 367 6.87 -0.93 51.99
CA LEU D 367 8.10 -1.56 51.52
C LEU D 367 8.96 -2.00 52.70
N ALA D 368 9.08 -1.14 53.71
CA ALA D 368 9.91 -1.48 54.86
C ALA D 368 9.36 -2.68 55.62
N ALA D 369 8.03 -2.76 55.75
CA ALA D 369 7.39 -3.82 56.51
C ALA D 369 7.33 -5.14 55.75
N HIS D 370 7.65 -5.16 54.47
CA HIS D 370 7.50 -6.37 53.68
C HIS D 370 8.71 -7.28 53.88
N PRO D 371 8.50 -8.56 54.19
CA PRO D 371 9.62 -9.42 54.59
C PRO D 371 10.48 -9.93 53.45
N LEU D 372 10.15 -9.60 52.19
CA LEU D 372 10.84 -10.15 51.04
C LEU D 372 11.14 -9.07 50.02
N THR D 373 12.27 -9.22 49.34
CA THR D 373 12.63 -8.32 48.26
C THR D 373 11.78 -8.65 47.03
N THR D 374 11.10 -7.62 46.52
CA THR D 374 10.33 -7.66 45.29
C THR D 374 10.95 -6.70 44.29
N GLY D 375 10.44 -6.75 43.05
CA GLY D 375 10.90 -5.80 42.05
C GLY D 375 10.72 -4.36 42.47
N LEU D 376 9.75 -4.10 43.35
CA LEU D 376 9.50 -2.73 43.81
C LEU D 376 10.57 -2.27 44.78
N HIS D 377 11.10 -3.19 45.60
CA HIS D 377 12.25 -2.85 46.41
C HIS D 377 13.48 -2.53 45.55
N VAL D 378 13.66 -3.29 44.47
CA VAL D 378 14.79 -3.04 43.56
C VAL D 378 14.62 -1.68 42.88
N ALA D 379 13.42 -1.39 42.39
CA ALA D 379 13.18 -0.10 41.74
C ALA D 379 13.43 1.05 42.71
N ALA D 380 13.03 0.89 43.97
CA ALA D 380 13.25 1.95 44.95
C ALA D 380 14.73 2.09 45.29
N ALA D 381 15.45 0.98 45.36
CA ALA D 381 16.88 1.05 45.65
C ALA D 381 17.64 1.72 44.50
N VAL D 382 17.24 1.45 43.25
CA VAL D 382 17.86 2.13 42.12
C VAL D 382 17.57 3.63 42.17
N SER D 383 16.33 4.00 42.51
CA SER D 383 15.97 5.41 42.56
C SER D 383 16.82 6.15 43.58
N HIS D 384 16.95 5.58 44.78
N HIS D 384 16.94 5.60 44.79
CA HIS D 384 17.68 6.21 45.87
CA HIS D 384 17.68 6.30 45.84
C HIS D 384 19.16 6.39 45.55
C HIS D 384 19.16 6.44 45.52
N ALA D 385 19.70 5.59 44.65
CA ALA D 385 21.12 5.63 44.28
C ALA D 385 21.43 6.56 43.10
N LEU D 386 20.41 7.18 42.48
CA LEU D 386 20.65 8.06 41.34
C LEU D 386 21.08 9.45 41.79
N ARG D 387 21.84 10.11 40.95
CA ARG D 387 22.33 11.44 41.26
C ARG D 387 22.37 12.29 40.00
N PRO D 388 22.39 13.62 40.14
CA PRO D 388 22.39 14.49 38.96
C PRO D 388 23.50 14.09 38.00
N GLY D 389 23.18 14.10 36.71
CA GLY D 389 24.08 13.65 35.69
C GLY D 389 23.80 12.25 35.19
N ASP D 390 23.21 11.38 36.04
CA ASP D 390 22.95 10.00 35.65
C ASP D 390 21.98 9.93 34.48
N GLN D 391 22.10 8.85 33.72
CA GLN D 391 21.07 8.45 32.75
C GLN D 391 20.45 7.15 33.23
N LEU D 392 19.12 7.10 33.26
CA LEU D 392 18.37 5.92 33.65
C LEU D 392 17.58 5.40 32.46
N VAL D 393 17.73 4.11 32.16
CA VAL D 393 17.02 3.44 31.08
C VAL D 393 16.11 2.37 31.69
N LEU D 394 14.83 2.39 31.33
CA LEU D 394 13.83 1.53 31.95
C LEU D 394 13.21 0.59 30.93
N GLY D 395 13.22 -0.71 31.23
CA GLY D 395 12.36 -1.63 30.52
C GLY D 395 10.90 -1.25 30.72
N ALA D 396 10.09 -1.54 29.71
CA ALA D 396 8.84 -0.82 29.54
C ALA D 396 7.61 -1.51 30.12
N SER D 397 7.76 -2.66 30.78
CA SER D 397 6.64 -3.16 31.58
C SER D 397 6.80 -2.73 33.04
N ASN D 398 7.24 -3.64 33.92
CA ASN D 398 7.26 -3.34 35.36
C ASN D 398 8.25 -2.25 35.76
N PRO D 399 9.50 -2.25 35.30
CA PRO D 399 10.46 -1.24 35.81
C PRO D 399 9.94 0.18 35.77
N VAL D 400 9.35 0.59 34.65
CA VAL D 400 8.89 1.97 34.52
C VAL D 400 7.72 2.23 35.45
N ARG D 401 6.83 1.24 35.63
CA ARG D 401 5.77 1.40 36.61
C ARG D 401 6.31 1.41 38.03
N ASP D 402 7.26 0.52 38.34
CA ASP D 402 7.76 0.43 39.70
C ASP D 402 8.56 1.66 40.10
N VAL D 403 9.26 2.26 39.14
CA VAL D 403 9.97 3.50 39.42
C VAL D 403 8.99 4.64 39.61
N ALA D 404 7.83 4.59 38.93
CA ALA D 404 6.80 5.60 39.15
C ALA D 404 6.21 5.50 40.56
N LEU D 405 6.01 4.28 41.05
CA LEU D 405 5.44 4.14 42.40
C LEU D 405 6.47 4.39 43.48
N ALA D 406 7.70 3.90 43.28
CA ALA D 406 8.78 4.26 44.20
C ALA D 406 8.99 5.76 44.30
N GLY D 407 8.42 6.54 43.38
CA GLY D 407 8.34 7.98 43.53
C GLY D 407 9.64 8.71 43.23
N LEU D 408 10.28 8.31 42.14
CA LEU D 408 11.58 8.88 41.75
C LEU D 408 11.49 10.38 41.47
N ASP D 409 12.55 11.11 41.85
CA ASP D 409 12.72 12.52 41.51
C ASP D 409 13.66 12.62 40.31
N THR D 410 13.14 13.10 39.18
CA THR D 410 13.90 13.06 37.93
C THR D 410 14.70 14.32 37.63
N ARG D 411 14.95 15.17 38.62
CA ARG D 411 15.67 16.41 38.37
C ARG D 411 17.16 16.13 38.16
N GLY D 412 17.70 16.64 37.05
CA GLY D 412 19.06 16.37 36.67
C GLY D 412 19.31 14.96 36.17
N ILE D 413 18.24 14.17 36.05
CA ILE D 413 18.30 12.80 35.56
C ILE D 413 17.72 12.78 34.16
N ARG D 414 18.39 12.06 33.25
CA ARG D 414 17.86 11.82 31.92
C ARG D 414 17.29 10.40 31.89
N VAL D 415 15.97 10.30 31.72
CA VAL D 415 15.25 9.03 31.85
C VAL D 415 14.79 8.59 30.46
N ARG D 416 15.23 7.41 30.05
CA ARG D 416 14.88 6.83 28.75
C ARG D 416 14.04 5.57 28.94
N SER D 417 13.04 5.40 28.09
CA SER D 417 12.29 4.15 28.01
C SER D 417 11.58 4.07 26.67
N ASN D 418 11.56 2.89 26.08
CA ASN D 418 10.90 2.66 24.80
C ASN D 418 9.39 2.62 25.03
N ARG D 419 8.82 3.81 25.26
CA ARG D 419 7.40 3.97 25.56
C ARG D 419 6.54 4.09 24.30
N GLY D 420 7.12 3.89 23.11
CA GLY D 420 6.37 3.92 21.87
C GLY D 420 5.30 2.84 21.83
N VAL D 421 5.72 1.59 21.86
CA VAL D 421 4.80 0.47 21.97
C VAL D 421 5.04 -0.36 23.22
N ALA D 422 6.04 -0.01 24.03
CA ALA D 422 6.28 -0.65 25.33
C ALA D 422 6.47 -2.16 25.17
N GLY D 423 7.31 -2.54 24.20
CA GLY D 423 7.64 -3.92 24.01
C GLY D 423 8.91 -4.33 24.76
N ILE D 424 9.11 -5.64 24.86
CA ILE D 424 10.32 -6.16 25.51
C ILE D 424 11.52 -6.16 24.57
N ASP D 425 11.29 -6.08 23.27
CA ASP D 425 12.37 -6.15 22.29
C ASP D 425 13.41 -5.06 22.53
N GLY D 426 14.68 -5.44 22.42
CA GLY D 426 15.76 -4.50 22.27
C GLY D 426 16.07 -3.61 23.45
N THR D 427 15.57 -3.91 24.65
CA THR D 427 15.87 -3.03 25.77
C THR D 427 17.36 -3.02 26.09
N VAL D 428 18.03 -4.18 26.02
CA VAL D 428 19.47 -4.20 26.28
C VAL D 428 20.21 -3.34 25.26
N SER D 429 19.91 -3.53 23.97
CA SER D 429 20.59 -2.73 22.96
C SER D 429 20.24 -1.26 23.04
N THR D 430 19.00 -0.93 23.42
CA THR D 430 18.65 0.48 23.56
C THR D 430 19.47 1.11 24.68
N ALA D 431 19.69 0.37 25.76
CA ALA D 431 20.48 0.89 26.87
C ALA D 431 21.94 1.05 26.48
N ILE D 432 22.50 0.06 25.78
CA ILE D 432 23.88 0.19 25.27
C ILE D 432 23.97 1.40 24.37
N GLY D 433 23.01 1.55 23.45
CA GLY D 433 23.05 2.68 22.53
C GLY D 433 22.88 4.01 23.23
N ALA D 434 22.00 4.05 24.23
CA ALA D 434 21.81 5.30 24.96
C ALA D 434 23.05 5.66 25.77
N ALA D 435 23.72 4.66 26.34
CA ALA D 435 24.94 4.92 27.09
C ALA D 435 26.04 5.45 26.19
N LEU D 436 26.24 4.81 25.03
CA LEU D 436 27.29 5.23 24.10
C LEU D 436 27.07 6.67 23.65
N ALA D 437 25.87 6.98 23.17
CA ALA D 437 25.61 8.33 22.67
C ALA D 437 25.66 9.35 23.81
N TYR D 438 25.21 8.97 25.01
CA TYR D 438 25.24 9.91 26.13
C TYR D 438 26.67 10.19 26.56
N GLU D 439 27.49 9.15 26.68
CA GLU D 439 28.91 9.35 26.97
C GLU D 439 29.56 10.22 25.89
N GLY D 440 29.18 10.01 24.62
CA GLY D 440 29.82 10.73 23.55
C GLY D 440 29.51 12.23 23.56
N ALA D 441 28.34 12.60 24.08
CA ALA D 441 28.00 14.02 24.17
C ALA D 441 28.69 14.68 25.34
N HIS D 442 29.18 13.91 26.31
CA HIS D 442 29.95 14.45 27.41
C HIS D 442 31.41 14.70 27.02
N GLU D 443 31.93 13.91 26.08
CA GLU D 443 33.30 14.15 25.63
C GLU D 443 33.40 15.40 24.78
N ARG D 444 32.37 15.68 23.97
CA ARG D 444 32.34 16.91 23.18
C ARG D 444 32.14 18.14 24.04
N THR D 445 31.56 18.01 25.25
CA THR D 445 31.46 19.18 26.12
C THR D 445 32.79 19.55 26.75
N GLY D 446 33.78 18.66 26.72
CA GLY D 446 35.11 19.00 27.21
C GLY D 446 35.32 18.84 28.69
N SER D 447 34.42 18.16 29.40
CA SER D 447 34.62 17.96 30.83
C SER D 447 35.46 16.71 31.09
N SER D 450 35.16 12.62 33.75
CA SER D 450 34.45 11.46 34.25
C SER D 450 33.21 11.15 33.41
N PRO D 451 33.19 9.98 32.77
CA PRO D 451 31.99 9.57 32.04
C PRO D 451 30.81 9.41 32.98
N PRO D 452 29.68 10.03 32.65
CA PRO D 452 28.51 9.93 33.54
C PRO D 452 27.91 8.53 33.49
N ARG D 453 27.23 8.17 34.57
CA ARG D 453 26.70 6.83 34.70
C ARG D 453 25.42 6.66 33.89
N THR D 454 25.31 5.50 33.23
CA THR D 454 24.05 5.01 32.68
C THR D 454 23.65 3.78 33.48
N ILE D 455 22.48 3.82 34.10
CA ILE D 455 21.94 2.68 34.83
C ILE D 455 20.67 2.23 34.14
N ALA D 456 20.57 0.93 33.86
CA ALA D 456 19.39 0.34 33.25
C ALA D 456 18.74 -0.64 34.22
N LEU D 457 17.42 -0.56 34.33
CA LEU D 457 16.62 -1.47 35.13
C LEU D 457 15.66 -2.21 34.22
N ILE D 458 15.79 -3.53 34.15
CA ILE D 458 15.00 -4.36 33.26
C ILE D 458 14.68 -5.66 33.98
N GLY D 459 13.47 -6.19 33.72
CA GLY D 459 13.10 -7.48 34.26
C GLY D 459 13.87 -8.62 33.60
N ASP D 460 13.84 -9.76 34.28
CA ASP D 460 14.67 -10.89 33.83
C ASP D 460 14.20 -11.43 32.49
N LEU D 461 12.89 -11.45 32.24
CA LEU D 461 12.44 -11.96 30.95
C LEU D 461 12.88 -11.05 29.82
N THR D 462 12.88 -9.73 30.06
CA THR D 462 13.35 -8.80 29.05
C THR D 462 14.84 -8.98 28.80
N PHE D 463 15.62 -9.23 29.86
CA PHE D 463 17.04 -9.46 29.70
C PHE D 463 17.31 -10.72 28.88
N VAL D 464 16.64 -11.82 29.24
CA VAL D 464 16.77 -13.06 28.47
C VAL D 464 16.49 -12.78 26.99
N HIS D 465 15.31 -12.21 26.72
CA HIS D 465 14.86 -11.99 25.35
C HIS D 465 15.87 -11.22 24.50
N ASP D 466 16.45 -10.15 25.05
CA ASP D 466 17.39 -9.33 24.30
C ASP D 466 18.84 -9.58 24.69
N SER D 467 19.14 -10.71 25.34
CA SER D 467 20.50 -10.90 25.83
C SER D 467 21.52 -10.91 24.70
N SER D 468 21.11 -11.28 23.48
CA SER D 468 22.03 -11.26 22.35
C SER D 468 22.46 -9.85 21.96
N GLY D 469 21.84 -8.82 22.53
CA GLY D 469 22.34 -7.48 22.34
C GLY D 469 23.68 -7.25 23.01
N LEU D 470 24.13 -8.18 23.85
CA LEU D 470 25.44 -8.10 24.47
C LEU D 470 26.56 -8.57 23.53
N LEU D 471 26.19 -9.24 22.43
CA LEU D 471 27.14 -9.72 21.44
C LEU D 471 27.76 -8.56 20.67
N ILE D 472 28.89 -8.05 21.13
CA ILE D 472 29.53 -6.87 20.57
C ILE D 472 30.97 -7.23 20.23
N GLY D 473 31.34 -7.08 18.96
CA GLY D 473 32.69 -7.35 18.51
C GLY D 473 33.73 -6.58 19.30
N PRO D 474 34.97 -7.06 19.27
CA PRO D 474 36.01 -6.43 20.09
C PRO D 474 36.53 -5.13 19.52
N THR D 475 36.34 -4.88 18.22
CA THR D 475 36.63 -3.55 17.67
C THR D 475 35.48 -2.58 17.89
N GLU D 476 34.26 -3.07 18.10
CA GLU D 476 33.09 -2.20 18.12
C GLU D 476 33.07 -1.34 19.38
N PRO D 477 32.44 -0.17 19.32
CA PRO D 477 32.37 0.70 20.51
C PRO D 477 31.62 0.03 21.66
N ILE D 478 32.14 0.21 22.86
CA ILE D 478 31.57 -0.42 24.04
C ILE D 478 31.41 0.65 25.11
N PRO D 479 30.29 0.66 25.85
CA PRO D 479 30.05 1.74 26.81
C PRO D 479 31.11 1.80 27.91
N ARG D 480 31.41 3.03 28.34
CA ARG D 480 32.38 3.21 29.42
C ARG D 480 31.77 2.87 30.78
N SER D 481 30.51 3.20 31.00
CA SER D 481 29.94 3.11 32.34
CA SER D 481 29.95 3.03 32.34
C SER D 481 28.44 2.83 32.27
N LEU D 482 28.08 1.66 31.72
CA LEU D 482 26.71 1.21 31.65
C LEU D 482 26.55 0.07 32.65
N THR D 483 25.62 0.20 33.58
CA THR D 483 25.33 -0.88 34.53
C THR D 483 23.89 -1.29 34.34
N ILE D 484 23.67 -2.56 33.99
CA ILE D 484 22.33 -3.11 33.81
C ILE D 484 21.94 -3.81 35.10
N VAL D 485 20.86 -3.34 35.73
CA VAL D 485 20.31 -3.99 36.90
C VAL D 485 19.16 -4.88 36.45
N VAL D 486 19.34 -6.19 36.62
CA VAL D 486 18.34 -7.17 36.24
C VAL D 486 17.55 -7.55 37.49
N SER D 487 16.27 -7.21 37.49
CA SER D 487 15.34 -7.52 38.58
C SER D 487 14.66 -8.84 38.24
N ASN D 488 15.09 -9.90 38.90
CA ASN D 488 14.75 -11.27 38.50
C ASN D 488 13.78 -11.88 39.50
N ASP D 489 12.49 -11.68 39.26
CA ASP D 489 11.47 -12.36 40.05
C ASP D 489 11.04 -13.67 39.41
N ASN D 490 11.74 -14.13 38.37
CA ASN D 490 11.56 -15.39 37.63
C ASN D 490 10.61 -15.23 36.44
N GLY D 491 9.93 -14.10 36.31
CA GLY D 491 9.05 -13.88 35.18
C GLY D 491 7.63 -13.54 35.59
N HIS D 517 10.01 -19.74 33.01
CA HIS D 517 11.36 -20.10 32.58
C HIS D 517 12.24 -20.43 33.79
N ASP D 518 13.37 -21.09 33.52
CA ASP D 518 14.33 -21.47 34.55
C ASP D 518 15.72 -20.89 34.31
N VAL D 519 15.78 -19.76 33.60
CA VAL D 519 17.02 -19.32 32.95
C VAL D 519 18.03 -18.78 33.96
N ASP D 520 19.26 -19.29 33.88
CA ASP D 520 20.42 -18.79 34.61
C ASP D 520 20.92 -17.51 33.95
N VAL D 521 20.74 -16.37 34.62
CA VAL D 521 21.13 -15.08 34.05
C VAL D 521 22.66 -14.93 34.10
N GLY D 522 23.28 -15.45 35.15
CA GLY D 522 24.73 -15.37 35.25
C GLY D 522 25.42 -16.12 34.12
N ALA D 523 24.93 -17.31 33.80
CA ALA D 523 25.47 -18.06 32.66
C ALA D 523 25.32 -17.27 31.36
N LEU D 524 24.18 -16.61 31.17
CA LEU D 524 23.99 -15.79 29.98
C LEU D 524 25.08 -14.73 29.86
N CYS D 525 25.42 -14.07 30.97
CA CYS D 525 26.47 -13.05 30.92
C CYS D 525 27.83 -13.66 30.65
N ARG D 526 28.10 -14.86 31.19
CA ARG D 526 29.31 -15.59 30.81
C ARG D 526 29.41 -15.72 29.30
N ALA D 527 28.33 -16.20 28.67
CA ALA D 527 28.34 -16.51 27.24
C ALA D 527 28.81 -15.32 26.40
N TYR D 528 28.45 -14.11 26.81
CA TYR D 528 28.83 -12.90 26.09
C TYR D 528 30.01 -12.19 26.74
N HIS D 529 30.64 -12.81 27.74
CA HIS D 529 31.83 -12.31 28.41
C HIS D 529 31.60 -10.93 29.00
N VAL D 530 30.51 -10.81 29.73
CA VAL D 530 30.09 -9.60 30.42
C VAL D 530 30.20 -9.85 31.91
N GLU D 531 30.90 -8.96 32.61
CA GLU D 531 31.02 -9.04 34.06
C GLU D 531 29.62 -9.12 34.69
N SER D 532 29.49 -9.99 35.70
CA SER D 532 28.16 -10.26 36.26
C SER D 532 28.30 -10.67 37.71
N ARG D 533 27.38 -10.21 38.53
CA ARG D 533 27.31 -10.57 39.93
C ARG D 533 25.87 -10.63 40.36
N GLN D 534 25.58 -11.54 41.29
CA GLN D 534 24.32 -11.56 42.01
C GLN D 534 24.51 -10.81 43.32
N ILE D 535 23.62 -9.86 43.61
CA ILE D 535 23.75 -9.05 44.81
C ILE D 535 22.39 -8.88 45.46
N GLU D 536 22.41 -8.54 46.74
CA GLU D 536 21.21 -8.27 47.51
C GLU D 536 20.86 -6.80 47.41
N VAL D 537 19.60 -6.48 47.67
CA VAL D 537 19.08 -5.15 47.33
C VAL D 537 19.81 -4.07 48.12
N ASP D 538 20.22 -4.37 49.35
CA ASP D 538 20.85 -3.30 50.12
C ASP D 538 22.31 -3.08 49.75
N GLU D 539 22.89 -3.95 48.91
CA GLU D 539 24.22 -3.70 48.37
C GLU D 539 24.21 -2.86 47.11
N LEU D 540 23.05 -2.63 46.50
CA LEU D 540 23.01 -2.07 45.15
C LEU D 540 23.57 -0.65 45.12
N GLY D 541 23.13 0.21 46.05
CA GLY D 541 23.69 1.53 46.19
C GLY D 541 25.20 1.54 46.28
N PRO D 542 25.75 0.76 47.22
CA PRO D 542 27.22 0.61 47.26
C PRO D 542 27.83 0.10 45.97
N THR D 543 27.35 -1.05 45.48
CA THR D 543 27.91 -1.66 44.28
C THR D 543 27.87 -0.71 43.07
N LEU D 544 26.93 0.24 43.05
CA LEU D 544 26.76 1.04 41.85
C LEU D 544 27.88 2.06 41.63
N ASP D 545 28.63 2.42 42.67
CA ASP D 545 29.73 3.35 42.47
C ASP D 545 31.07 2.67 42.30
N GLN D 546 31.10 1.39 42.49
CA GLN D 546 32.20 0.50 42.15
C GLN D 546 32.16 0.15 40.65
N PRO D 547 32.78 0.94 39.74
CA PRO D 547 32.46 0.73 38.31
C PRO D 547 33.01 -0.56 37.69
N GLY D 548 34.26 -0.95 37.94
CA GLY D 548 34.74 -2.16 37.27
C GLY D 548 34.67 -2.02 35.76
N ALA D 549 34.06 -2.99 35.09
CA ALA D 549 34.05 -3.01 33.63
C ALA D 549 33.09 -1.96 33.07
N GLY D 550 33.32 -1.60 31.79
CA GLY D 550 32.48 -0.60 31.16
C GLY D 550 31.03 -1.02 31.05
N MET D 551 30.80 -2.33 30.90
CA MET D 551 29.48 -2.93 30.87
C MET D 551 29.42 -3.98 31.97
N ARG D 552 28.46 -3.88 32.86
CA ARG D 552 28.29 -4.96 33.82
C ARG D 552 26.82 -5.16 34.11
N VAL D 553 26.54 -6.36 34.61
CA VAL D 553 25.19 -6.81 34.91
C VAL D 553 25.14 -7.12 36.41
N LEU D 554 24.20 -6.51 37.11
CA LEU D 554 23.97 -6.78 38.52
C LEU D 554 22.60 -7.44 38.65
N GLU D 555 22.58 -8.69 39.09
CA GLU D 555 21.36 -9.46 39.22
C GLU D 555 20.88 -9.40 40.66
N VAL D 556 19.65 -8.93 40.86
CA VAL D 556 19.02 -8.95 42.16
C VAL D 556 17.86 -9.93 42.11
N LYS D 557 17.98 -11.03 42.84
CA LYS D 557 16.84 -11.92 42.98
C LYS D 557 15.73 -11.25 43.77
N ALA D 558 14.50 -11.49 43.34
CA ALA D 558 13.31 -10.87 43.93
C ALA D 558 12.20 -11.90 43.92
N ASP D 559 11.22 -11.67 44.79
CA ASP D 559 10.08 -12.55 44.95
C ASP D 559 8.91 -12.01 44.13
N ARG D 560 8.25 -12.89 43.38
CA ARG D 560 6.99 -12.53 42.73
C ARG D 560 5.77 -13.03 43.50
N SER D 561 5.96 -14.04 44.37
CA SER D 561 4.83 -14.67 45.03
C SER D 561 4.08 -13.72 45.97
N SER D 562 4.78 -12.77 46.58
CA SER D 562 4.20 -11.87 47.57
C SER D 562 3.87 -10.50 47.00
N LEU D 563 3.86 -10.36 45.68
CA LEU D 563 3.70 -9.04 45.06
C LEU D 563 2.27 -8.54 45.14
N ARG D 564 1.29 -9.42 44.91
CA ARG D 564 -0.11 -9.04 45.07
C ARG D 564 -0.40 -8.57 46.49
N GLN D 565 0.25 -9.17 47.47
CA GLN D 565 0.10 -8.76 48.87
CA GLN D 565 -0.03 -8.75 48.83
C GLN D 565 0.62 -7.38 49.11
N LEU D 566 1.83 -7.14 48.61
CA LEU D 566 2.48 -5.86 48.82
C LEU D 566 1.67 -4.75 48.18
N HIS D 567 1.15 -4.99 46.98
CA HIS D 567 0.35 -3.95 46.32
C HIS D 567 -0.97 -3.71 47.05
N ALA D 568 -1.59 -4.78 47.56
CA ALA D 568 -2.82 -4.62 48.33
C ALA D 568 -2.56 -3.88 49.63
N ALA D 569 -1.44 -4.17 50.30
CA ALA D 569 -1.08 -3.45 51.52
C ALA D 569 -0.89 -1.97 51.23
N ILE D 570 -0.29 -1.64 50.08
CA ILE D 570 -0.09 -0.24 49.72
C ILE D 570 -1.44 0.45 49.50
N LYS D 571 -2.31 -0.16 48.68
CA LYS D 571 -3.59 0.47 48.40
C LYS D 571 -4.46 0.56 49.65
N ALA D 572 -4.42 -0.48 50.51
CA ALA D 572 -5.19 -0.45 51.74
C ALA D 572 -4.70 0.62 52.71
N ALA D 573 -3.44 1.04 52.62
CA ALA D 573 -2.89 2.05 53.51
C ALA D 573 -3.03 3.47 52.96
N LEU D 574 -3.71 3.64 51.84
CA LEU D 574 -3.85 4.96 51.22
C LEU D 574 -4.88 5.82 51.93
#